data_3W1K
#
_entry.id   3W1K
#
_cell.length_a   148.553
_cell.length_b   355.972
_cell.length_c   165.495
_cell.angle_alpha   90.00
_cell.angle_beta   115.41
_cell.angle_gamma   90.00
#
_symmetry.space_group_name_H-M   'C 1 2 1'
#
loop_
_entity.id
_entity.type
_entity.pdbx_description
1 polymer 'L-seryl-tRNA(Sec) selenium transferase'
2 polymer 'selenocysteine tRNA'
#
loop_
_entity_poly.entity_id
_entity_poly.type
_entity_poly.pdbx_seq_one_letter_code
_entity_poly.pdbx_strand_id
1 'polypeptide(L)'
;MKSLLRQIPQISKVVEIFAKAYPEIYVVKAAREVAEKYRKEIIEGARADLNGFLEDVERKIKSLMKPNIKRVINATGVVI
NTNLGRAPLSKDVINFISEIANGYSNLEYNLEEGKRGSRIAHIEKYLNELTGAESSFVVNNNAGAVFLVLNTLAEGKEVI
ISRGELVEIGGSFRIPDIMKKSGAILREVGTTNKTKVSDYEGAINQNTALLMKVHKSNFYMEGFVEEVKLEDLVKLGHKY
GIPTYYDAGSGLLINLKEFGISVDEPNFRDCISLGIDLVSGSGD(LLP)LLGGPQAGIIVGKKNLIEKIKKNPIARALRI
DKLTLSGLEMTLKLYFEKRYEDIPVIRMLTQDEKALRQKAKRLEKLLKDIPGLKISVIKDKAKPGGGSLPELELPTYCVA
IRHDRLSSQELSRRLRLAEPPIVCRIREDQLLFDMRTVFHEDLKTIKKTLQELLSI
;
A,B,C,D,E
2 'polyribonucleotide'
;GGGAGUAGAUAGGCGCUGGUGUGCCUCCUAGACUUCAAAUCUACGGUCUCGCUAUUUAAGCGAGAGGUGGGUUCGAUUCC
CACAUACUCCCGCCA
;
F,G,H,I,J
#
loop_
_chem_comp.id
_chem_comp.type
_chem_comp.name
_chem_comp.formula
A RNA linking ADENOSINE-5'-MONOPHOSPHATE 'C10 H14 N5 O7 P'
C RNA linking CYTIDINE-5'-MONOPHOSPHATE 'C9 H14 N3 O8 P'
G RNA linking GUANOSINE-5'-MONOPHOSPHATE 'C10 H14 N5 O8 P'
U RNA linking URIDINE-5'-MONOPHOSPHATE 'C9 H13 N2 O9 P'
#
# COMPACT_ATOMS: atom_id res chain seq x y z
N MET A 1 -45.49 -7.77 51.45
CA MET A 1 -45.35 -6.75 50.38
C MET A 1 -45.22 -7.44 49.03
N LYS A 2 -44.74 -8.69 49.05
CA LYS A 2 -44.62 -9.44 47.80
C LYS A 2 -45.96 -10.09 47.51
N SER A 3 -46.99 -9.64 48.20
CA SER A 3 -48.33 -10.17 47.99
C SER A 3 -49.27 -9.02 47.67
N LEU A 4 -48.77 -7.80 47.82
CA LEU A 4 -49.55 -6.59 47.51
C LEU A 4 -49.29 -6.25 46.05
N LEU A 5 -48.47 -7.07 45.41
CA LEU A 5 -48.11 -6.90 44.02
C LEU A 5 -48.48 -8.13 43.18
N ARG A 6 -48.46 -9.32 43.81
CA ARG A 6 -48.83 -10.55 43.11
C ARG A 6 -50.26 -10.37 42.65
N GLN A 7 -51.00 -9.59 43.44
CA GLN A 7 -52.40 -9.29 43.19
C GLN A 7 -52.65 -8.83 41.76
N ILE A 8 -52.02 -7.72 41.39
CA ILE A 8 -52.18 -7.13 40.06
C ILE A 8 -52.36 -8.19 38.97
N PRO A 9 -53.48 -8.12 38.24
CA PRO A 9 -53.80 -9.07 37.17
C PRO A 9 -52.76 -9.28 36.05
N GLN A 10 -53.10 -10.13 35.09
CA GLN A 10 -52.22 -10.47 33.98
C GLN A 10 -52.68 -9.77 32.69
N ILE A 11 -51.73 -9.40 31.83
CA ILE A 11 -52.07 -8.71 30.60
C ILE A 11 -53.01 -9.57 29.75
N SER A 12 -52.96 -10.87 29.96
CA SER A 12 -53.82 -11.80 29.25
C SER A 12 -55.23 -11.54 29.77
N LYS A 13 -55.31 -11.37 31.09
CA LYS A 13 -56.56 -11.14 31.80
C LYS A 13 -57.26 -9.83 31.42
N VAL A 14 -56.49 -8.73 31.35
CA VAL A 14 -57.02 -7.43 31.01
C VAL A 14 -57.45 -7.35 29.56
N VAL A 15 -56.67 -7.99 28.69
CA VAL A 15 -57.01 -7.97 27.28
C VAL A 15 -58.38 -8.60 27.15
N GLU A 16 -58.66 -9.58 28.00
CA GLU A 16 -59.94 -10.25 28.00
C GLU A 16 -61.01 -9.23 28.40
N ILE A 17 -60.78 -8.59 29.53
CA ILE A 17 -61.71 -7.58 30.07
C ILE A 17 -62.13 -6.52 29.05
N PHE A 18 -61.38 -6.45 27.95
CA PHE A 18 -61.68 -5.50 26.88
C PHE A 18 -61.73 -6.29 25.57
N ALA A 19 -62.67 -7.24 25.47
CA ALA A 19 -62.81 -8.05 24.27
C ALA A 19 -62.91 -7.16 23.04
N LYS A 20 -64.09 -6.56 22.85
CA LYS A 20 -64.31 -5.66 21.73
C LYS A 20 -64.29 -4.23 22.24
N ALA A 21 -64.02 -4.09 23.54
CA ALA A 21 -63.97 -2.78 24.18
C ALA A 21 -63.01 -1.83 23.45
N TYR A 22 -61.81 -2.31 23.16
CA TYR A 22 -60.79 -1.53 22.47
C TYR A 22 -59.85 -2.48 21.74
N PRO A 23 -59.15 -1.98 20.71
CA PRO A 23 -58.22 -2.85 19.96
C PRO A 23 -57.26 -3.56 20.90
N GLU A 24 -56.98 -4.84 20.64
CA GLU A 24 -56.08 -5.59 21.49
C GLU A 24 -54.70 -4.95 21.60
N ILE A 25 -54.23 -4.35 20.51
CA ILE A 25 -52.91 -3.71 20.53
C ILE A 25 -52.87 -2.58 21.56
N TYR A 26 -53.83 -1.66 21.47
CA TYR A 26 -53.89 -0.53 22.39
C TYR A 26 -54.16 -0.92 23.84
N VAL A 27 -54.81 -2.06 24.03
CA VAL A 27 -55.12 -2.57 25.37
C VAL A 27 -53.83 -3.03 26.06
N VAL A 28 -53.06 -3.87 25.38
CA VAL A 28 -51.82 -4.39 25.92
C VAL A 28 -50.83 -3.27 26.24
N LYS A 29 -50.78 -2.25 25.39
CA LYS A 29 -49.85 -1.14 25.58
C LYS A 29 -50.19 -0.36 26.85
N ALA A 30 -51.49 -0.14 27.05
CA ALA A 30 -51.95 0.58 28.23
C ALA A 30 -51.81 -0.29 29.47
N ALA A 31 -51.93 -1.60 29.32
CA ALA A 31 -51.79 -2.52 30.45
C ALA A 31 -50.34 -2.55 30.92
N ARG A 32 -49.42 -2.54 29.96
CA ARG A 32 -48.00 -2.56 30.24
C ARG A 32 -47.62 -1.28 30.96
N GLU A 33 -47.95 -0.15 30.36
CA GLU A 33 -47.66 1.13 30.96
C GLU A 33 -48.23 1.16 32.38
N VAL A 34 -49.48 0.71 32.53
CA VAL A 34 -50.15 0.67 33.83
C VAL A 34 -49.54 -0.36 34.78
N ALA A 35 -49.17 -1.52 34.22
CA ALA A 35 -48.58 -2.59 35.02
C ALA A 35 -47.25 -2.15 35.64
N GLU A 36 -46.54 -1.28 34.94
CA GLU A 36 -45.26 -0.78 35.43
C GLU A 36 -45.43 0.26 36.51
N LYS A 37 -46.43 1.13 36.34
CA LYS A 37 -46.69 2.19 37.32
C LYS A 37 -47.16 1.62 38.65
N TYR A 38 -47.69 0.39 38.64
CA TYR A 38 -48.15 -0.23 39.89
C TYR A 38 -47.08 -1.06 40.58
N ARG A 39 -46.12 -1.55 39.81
CA ARG A 39 -45.04 -2.34 40.38
C ARG A 39 -44.06 -1.44 41.11
N LYS A 40 -43.86 -0.24 40.57
CA LYS A 40 -42.95 0.73 41.17
C LYS A 40 -43.60 1.45 42.36
N GLU A 41 -44.89 1.76 42.25
CA GLU A 41 -45.59 2.44 43.33
C GLU A 41 -45.80 1.52 44.52
N ILE A 42 -45.76 0.21 44.27
CA ILE A 42 -45.93 -0.76 45.35
C ILE A 42 -44.54 -1.10 45.92
N ILE A 43 -43.50 -1.07 45.07
CA ILE A 43 -42.13 -1.36 45.51
C ILE A 43 -41.61 -0.22 46.41
N GLU A 44 -42.02 1.01 46.13
CA GLU A 44 -41.61 2.16 46.95
C GLU A 44 -42.61 2.31 48.08
N GLY A 45 -43.62 1.45 48.09
CA GLY A 45 -44.63 1.47 49.12
C GLY A 45 -45.50 2.72 49.17
N ALA A 46 -46.04 3.12 48.02
CA ALA A 46 -46.88 4.31 47.96
C ALA A 46 -48.33 3.98 47.59
N ARG A 47 -48.63 2.70 47.39
CA ARG A 47 -49.99 2.27 47.05
C ARG A 47 -50.44 1.05 47.84
N ALA A 48 -51.64 1.13 48.40
CA ALA A 48 -52.21 0.04 49.19
C ALA A 48 -53.45 -0.50 48.50
N ASP A 49 -53.94 0.26 47.52
CA ASP A 49 -55.13 -0.11 46.79
C ASP A 49 -54.79 -0.37 45.32
N LEU A 50 -55.55 -1.25 44.68
CA LEU A 50 -55.32 -1.57 43.29
C LEU A 50 -56.61 -1.38 42.47
N ASN A 51 -57.68 -0.91 43.11
CA ASN A 51 -58.96 -0.69 42.42
C ASN A 51 -58.89 0.35 41.34
N GLY A 52 -57.98 1.31 41.49
CA GLY A 52 -57.84 2.35 40.50
C GLY A 52 -57.32 1.79 39.18
N PHE A 53 -56.73 0.60 39.24
CA PHE A 53 -56.17 -0.08 38.08
C PHE A 53 -57.09 -0.21 36.85
N LEU A 54 -58.22 -0.88 37.02
CA LEU A 54 -59.18 -1.08 35.93
C LEU A 54 -59.60 0.23 35.26
N GLU A 55 -59.97 1.22 36.07
CA GLU A 55 -60.40 2.53 35.57
C GLU A 55 -59.28 3.22 34.80
N ASP A 56 -58.07 3.15 35.34
CA ASP A 56 -56.92 3.78 34.70
C ASP A 56 -56.52 3.15 33.37
N VAL A 57 -56.39 1.83 33.35
CA VAL A 57 -56.01 1.13 32.13
C VAL A 57 -56.87 1.58 30.95
N GLU A 58 -58.15 1.78 31.19
CA GLU A 58 -59.06 2.23 30.16
C GLU A 58 -58.81 3.69 29.78
N ARG A 59 -58.28 4.47 30.71
CA ARG A 59 -57.98 5.88 30.44
C ARG A 59 -56.76 6.01 29.53
N LYS A 60 -55.76 5.13 29.71
CA LYS A 60 -54.58 5.14 28.87
C LYS A 60 -55.03 4.82 27.47
N ILE A 61 -55.83 3.77 27.34
CA ILE A 61 -56.34 3.37 26.05
C ILE A 61 -57.03 4.55 25.37
N LYS A 62 -57.93 5.23 26.09
CA LYS A 62 -58.64 6.37 25.53
C LYS A 62 -57.69 7.49 25.14
N SER A 63 -56.58 7.54 25.83
CA SER A 63 -55.57 8.55 25.59
C SER A 63 -54.62 8.13 24.47
N LEU A 64 -54.03 6.95 24.63
CA LEU A 64 -53.09 6.41 23.66
C LEU A 64 -53.63 6.29 22.24
N MET A 65 -54.95 6.33 22.10
CA MET A 65 -55.59 6.21 20.79
C MET A 65 -55.68 7.57 20.15
N LYS A 66 -55.19 8.52 20.91
CA LYS A 66 -55.22 9.89 20.48
C LYS A 66 -53.76 10.34 20.34
N PRO A 67 -53.36 10.84 19.23
CA PRO A 67 -52.00 11.30 18.99
C PRO A 67 -51.60 12.42 19.96
N ASN A 68 -50.31 12.51 20.26
CA ASN A 68 -49.80 13.50 21.22
C ASN A 68 -50.00 14.92 20.69
N ILE A 69 -49.66 15.13 19.43
CA ILE A 69 -49.82 16.44 18.80
C ILE A 69 -51.26 16.69 18.40
N LYS A 70 -51.80 17.83 18.80
CA LYS A 70 -53.21 18.09 18.46
C LYS A 70 -53.47 19.59 18.17
N ARG A 71 -54.34 19.89 17.17
CA ARG A 71 -54.68 21.28 16.80
C ARG A 71 -55.21 21.95 18.07
N VAL A 72 -54.87 23.23 18.24
CA VAL A 72 -55.30 23.97 19.42
C VAL A 72 -55.81 25.36 19.06
N ILE A 73 -56.95 25.75 19.66
CA ILE A 73 -57.57 27.04 19.40
C ILE A 73 -56.87 28.14 20.19
N ASN A 74 -56.14 29.01 19.48
CA ASN A 74 -55.40 30.08 20.14
C ASN A 74 -56.27 31.31 20.39
N ALA A 75 -56.41 31.66 21.66
CA ALA A 75 -57.22 32.82 22.04
C ALA A 75 -56.38 33.91 22.66
N THR A 76 -55.08 33.67 22.72
CA THR A 76 -54.14 34.62 23.32
C THR A 76 -54.00 35.93 22.55
N GLY A 77 -54.32 35.92 21.26
CA GLY A 77 -54.24 37.11 20.44
C GLY A 77 -52.83 37.40 19.93
N VAL A 78 -51.96 36.41 20.06
CA VAL A 78 -50.59 36.52 19.59
C VAL A 78 -50.47 35.80 18.25
N VAL A 79 -50.29 36.55 17.17
CA VAL A 79 -50.20 35.94 15.84
C VAL A 79 -48.97 35.03 15.68
N ILE A 80 -47.77 35.53 16.02
CA ILE A 80 -46.56 34.73 15.91
C ILE A 80 -46.25 34.09 17.27
N ASN A 81 -47.01 33.07 17.61
CA ASN A 81 -46.85 32.38 18.88
C ASN A 81 -45.84 31.26 18.73
N THR A 82 -44.60 31.51 19.17
CA THR A 82 -43.53 30.53 19.07
C THR A 82 -43.94 29.17 19.65
N ASN A 83 -44.69 29.21 20.74
CA ASN A 83 -45.16 27.99 21.41
C ASN A 83 -46.22 27.20 20.64
N LEU A 84 -47.20 27.91 20.10
CA LEU A 84 -48.30 27.25 19.41
C LEU A 84 -48.07 26.91 17.93
N GLY A 85 -46.82 27.07 17.45
CA GLY A 85 -46.54 26.71 16.06
C GLY A 85 -46.51 27.84 15.04
N ARG A 86 -46.19 29.04 15.50
CA ARG A 86 -46.07 30.22 14.62
C ARG A 86 -47.12 30.31 13.51
N ALA A 87 -46.74 30.92 12.39
CA ALA A 87 -47.64 31.14 11.25
C ALA A 87 -48.45 29.96 10.71
N PRO A 88 -49.79 29.96 10.91
CA PRO A 88 -50.63 28.86 10.40
C PRO A 88 -50.83 29.04 8.90
N LEU A 89 -51.21 27.97 8.22
CA LEU A 89 -51.34 28.06 6.78
C LEU A 89 -52.73 28.12 6.15
N SER A 90 -52.81 28.98 5.13
CA SER A 90 -54.01 29.21 4.35
C SER A 90 -54.37 27.89 3.70
N LYS A 91 -55.66 27.63 3.52
CA LYS A 91 -56.02 26.37 2.92
C LYS A 91 -55.52 26.21 1.50
N ASP A 92 -55.39 27.33 0.78
CA ASP A 92 -54.89 27.29 -0.58
C ASP A 92 -53.53 26.60 -0.58
N VAL A 93 -52.68 26.98 0.37
CA VAL A 93 -51.35 26.38 0.48
C VAL A 93 -51.44 24.93 0.95
N ILE A 94 -52.20 24.67 2.02
CA ILE A 94 -52.40 23.31 2.55
C ILE A 94 -52.84 22.30 1.51
N ASN A 95 -53.54 22.76 0.49
CA ASN A 95 -53.99 21.88 -0.56
C ASN A 95 -52.89 21.63 -1.58
N PHE A 96 -52.11 22.65 -1.89
CA PHE A 96 -51.02 22.47 -2.84
C PHE A 96 -49.99 21.53 -2.27
N ILE A 97 -49.81 21.60 -0.96
CA ILE A 97 -48.86 20.72 -0.31
C ILE A 97 -49.44 19.31 -0.32
N SER A 98 -50.73 19.25 0.01
CA SER A 98 -51.45 17.99 0.06
C SER A 98 -51.27 17.21 -1.24
N GLU A 99 -51.42 17.92 -2.36
CA GLU A 99 -51.29 17.35 -3.70
C GLU A 99 -49.90 16.81 -4.06
N ILE A 100 -48.88 17.59 -3.76
CA ILE A 100 -47.53 17.18 -4.09
C ILE A 100 -47.04 16.02 -3.24
N ALA A 101 -47.62 15.87 -2.05
CA ALA A 101 -47.23 14.79 -1.14
C ALA A 101 -48.00 13.51 -1.38
N ASN A 102 -49.17 13.61 -2.00
CA ASN A 102 -50.01 12.44 -2.28
C ASN A 102 -49.26 11.43 -3.14
N GLY A 103 -48.39 11.93 -4.02
CA GLY A 103 -47.64 11.03 -4.87
C GLY A 103 -46.29 11.58 -5.24
N TYR A 104 -45.74 11.08 -6.34
CA TYR A 104 -44.44 11.52 -6.82
C TYR A 104 -44.58 12.88 -7.45
N SER A 105 -43.47 13.58 -7.54
CA SER A 105 -43.45 14.93 -8.08
C SER A 105 -42.07 15.22 -8.66
N ASN A 106 -41.93 16.36 -9.33
CA ASN A 106 -40.67 16.70 -9.97
C ASN A 106 -39.72 17.43 -9.02
N LEU A 107 -39.81 17.07 -7.75
CA LEU A 107 -38.97 17.63 -6.71
C LEU A 107 -37.54 17.90 -7.19
N GLU A 108 -36.80 16.83 -7.45
CA GLU A 108 -35.43 16.97 -7.92
C GLU A 108 -35.35 16.66 -9.39
N TYR A 109 -36.49 16.72 -10.08
CA TYR A 109 -36.49 16.39 -11.51
C TYR A 109 -36.92 17.56 -12.39
N ASN A 110 -36.08 17.88 -13.36
CA ASN A 110 -36.39 18.93 -14.34
C ASN A 110 -37.04 18.18 -15.48
N LEU A 111 -38.30 18.52 -15.74
CA LEU A 111 -39.07 17.87 -16.78
C LEU A 111 -38.55 18.20 -18.17
N GLU A 112 -37.90 19.35 -18.31
CA GLU A 112 -37.36 19.76 -19.59
C GLU A 112 -36.29 18.85 -20.15
N GLU A 113 -35.21 18.72 -19.41
CA GLU A 113 -34.06 17.94 -19.85
C GLU A 113 -34.13 16.46 -19.46
N GLY A 114 -35.12 16.09 -18.66
CA GLY A 114 -35.29 14.70 -18.27
C GLY A 114 -34.17 14.11 -17.43
N LYS A 115 -33.43 14.96 -16.72
CA LYS A 115 -32.36 14.49 -15.85
C LYS A 115 -32.57 15.18 -14.50
N ARG A 116 -31.95 14.66 -13.45
CA ARG A 116 -32.09 15.27 -12.13
C ARG A 116 -31.83 16.78 -12.13
N GLY A 117 -32.45 17.48 -11.18
CA GLY A 117 -32.28 18.92 -11.08
C GLY A 117 -32.39 19.36 -9.64
N SER A 118 -31.91 20.56 -9.36
CA SER A 118 -31.92 21.06 -7.99
C SER A 118 -33.34 21.44 -7.56
N ARG A 119 -33.77 20.93 -6.41
CA ARG A 119 -35.10 21.18 -5.88
C ARG A 119 -35.25 22.62 -5.40
N ILE A 120 -34.12 23.25 -5.10
CA ILE A 120 -34.10 24.64 -4.63
C ILE A 120 -34.36 25.59 -5.81
N ALA A 121 -34.31 25.05 -7.04
CA ALA A 121 -34.48 25.84 -8.26
C ALA A 121 -35.91 26.32 -8.55
N HIS A 122 -36.90 25.60 -8.05
CA HIS A 122 -38.31 25.96 -8.26
C HIS A 122 -38.69 27.30 -7.67
N ILE A 123 -38.28 27.49 -6.43
CA ILE A 123 -38.60 28.69 -5.69
C ILE A 123 -37.75 29.91 -6.03
N GLU A 124 -36.44 29.78 -5.90
CA GLU A 124 -35.49 30.89 -6.11
C GLU A 124 -35.98 31.94 -7.11
N LYS A 125 -36.62 31.50 -8.18
CA LYS A 125 -37.11 32.45 -9.19
C LYS A 125 -37.98 33.49 -8.48
N TYR A 126 -38.84 33.02 -7.58
CA TYR A 126 -39.72 33.90 -6.83
C TYR A 126 -38.98 34.90 -5.95
N LEU A 127 -38.02 34.39 -5.20
CA LEU A 127 -37.25 35.21 -4.29
C LEU A 127 -36.49 36.35 -4.91
N ASN A 128 -35.71 36.05 -5.94
CA ASN A 128 -34.93 37.09 -6.58
C ASN A 128 -35.80 38.19 -7.14
N GLU A 129 -37.04 37.86 -7.47
CA GLU A 129 -37.97 38.83 -8.03
C GLU A 129 -38.55 39.74 -6.95
N LEU A 130 -38.95 39.12 -5.85
CA LEU A 130 -39.56 39.85 -4.74
C LEU A 130 -38.57 40.67 -3.93
N THR A 131 -37.39 40.12 -3.73
CA THR A 131 -36.35 40.76 -2.94
C THR A 131 -35.55 41.74 -3.78
N GLY A 132 -35.19 41.27 -4.97
CA GLY A 132 -34.39 42.06 -5.89
C GLY A 132 -32.94 41.63 -5.80
N ALA A 133 -32.68 40.58 -4.99
CA ALA A 133 -31.34 40.05 -4.80
C ALA A 133 -30.83 39.36 -6.06
N GLU A 134 -29.52 39.16 -6.15
CA GLU A 134 -28.91 38.56 -7.34
C GLU A 134 -29.16 37.04 -7.45
N SER A 135 -29.18 36.36 -6.30
CA SER A 135 -29.43 34.92 -6.24
C SER A 135 -30.00 34.66 -4.86
N SER A 136 -30.57 33.49 -4.64
CA SER A 136 -31.10 33.16 -3.32
C SER A 136 -30.91 31.68 -2.99
N PHE A 137 -31.35 31.27 -1.80
CA PHE A 137 -31.22 29.88 -1.34
C PHE A 137 -32.06 29.72 -0.09
N VAL A 138 -32.42 28.48 0.23
CA VAL A 138 -33.20 28.24 1.44
C VAL A 138 -32.86 26.92 2.08
N VAL A 139 -32.88 26.95 3.39
CA VAL A 139 -32.53 25.81 4.21
C VAL A 139 -33.57 25.59 5.32
N ASN A 140 -33.39 24.52 6.10
CA ASN A 140 -34.31 24.15 7.19
C ASN A 140 -34.97 25.33 7.91
N ASN A 141 -34.18 26.13 8.60
CA ASN A 141 -34.71 27.28 9.32
C ASN A 141 -33.68 28.41 9.34
N ASN A 142 -34.04 29.55 9.90
CA ASN A 142 -33.11 30.68 9.95
C ASN A 142 -31.94 30.38 10.89
N ALA A 143 -32.19 29.60 11.93
CA ALA A 143 -31.12 29.22 12.86
C ALA A 143 -29.98 28.69 12.01
N GLY A 144 -30.29 27.70 11.19
CA GLY A 144 -29.28 27.13 10.32
C GLY A 144 -28.83 28.08 9.23
N ALA A 145 -29.72 28.99 8.82
CA ALA A 145 -29.38 29.95 7.78
C ALA A 145 -28.18 30.76 8.26
N VAL A 146 -28.21 31.16 9.52
CA VAL A 146 -27.10 31.89 10.10
C VAL A 146 -25.87 31.02 10.12
N PHE A 147 -26.00 29.91 10.82
CA PHE A 147 -24.96 28.91 10.92
C PHE A 147 -24.23 28.63 9.61
N LEU A 148 -25.01 28.51 8.54
CA LEU A 148 -24.45 28.21 7.24
C LEU A 148 -23.65 29.38 6.64
N VAL A 149 -24.16 30.60 6.78
CA VAL A 149 -23.49 31.78 6.24
C VAL A 149 -22.15 32.00 6.94
N LEU A 150 -22.13 31.71 8.24
CA LEU A 150 -20.94 31.89 9.05
C LEU A 150 -19.88 30.86 8.73
N ASN A 151 -20.24 29.58 8.74
CA ASN A 151 -19.26 28.56 8.44
C ASN A 151 -18.82 28.65 6.97
N THR A 152 -19.66 29.23 6.13
CA THR A 152 -19.35 29.35 4.71
C THR A 152 -18.38 30.49 4.41
N LEU A 153 -18.61 31.62 5.05
CA LEU A 153 -17.78 32.79 4.78
C LEU A 153 -16.81 33.22 5.87
N ALA A 154 -16.96 32.75 7.10
CA ALA A 154 -16.05 33.20 8.16
C ALA A 154 -15.45 32.13 9.07
N GLU A 155 -15.41 30.88 8.60
CA GLU A 155 -14.77 29.84 9.39
C GLU A 155 -13.32 30.28 9.57
N GLY A 156 -12.86 30.31 10.82
CA GLY A 156 -11.47 30.68 11.08
C GLY A 156 -11.13 32.16 10.97
N LYS A 157 -12.07 32.97 10.50
CA LYS A 157 -11.85 34.41 10.39
C LYS A 157 -12.82 35.21 11.23
N GLU A 158 -12.49 36.46 11.52
CA GLU A 158 -13.35 37.29 12.39
C GLU A 158 -14.63 37.87 11.77
N VAL A 159 -15.65 37.99 12.61
CA VAL A 159 -16.95 38.56 12.22
C VAL A 159 -17.30 39.59 13.28
N ILE A 160 -17.50 40.83 12.84
CA ILE A 160 -17.84 41.92 13.75
C ILE A 160 -19.35 42.02 13.93
N ILE A 161 -19.79 42.17 15.19
CA ILE A 161 -21.21 42.28 15.51
C ILE A 161 -21.39 43.11 16.78
N SER A 162 -22.47 43.88 16.83
CA SER A 162 -22.75 44.73 17.99
C SER A 162 -22.99 43.93 19.27
N ARG A 163 -22.49 44.42 20.39
CA ARG A 163 -22.66 43.74 21.67
C ARG A 163 -24.12 43.74 22.13
N GLY A 164 -24.96 44.53 21.46
CA GLY A 164 -26.36 44.57 21.83
C GLY A 164 -27.20 43.67 20.96
N GLU A 165 -26.56 43.02 20.00
CA GLU A 165 -27.27 42.14 19.07
C GLU A 165 -26.91 40.67 19.22
N LEU A 166 -26.29 40.31 20.34
CA LEU A 166 -25.93 38.91 20.59
C LEU A 166 -27.10 38.32 21.36
N VAL A 167 -28.16 38.04 20.61
CA VAL A 167 -29.40 37.55 21.17
C VAL A 167 -29.55 36.07 21.53
N GLU A 168 -30.61 35.79 22.28
CA GLU A 168 -31.00 34.44 22.64
C GLU A 168 -32.47 34.30 22.32
N ILE A 169 -32.75 33.88 21.10
CA ILE A 169 -34.12 33.69 20.66
C ILE A 169 -34.45 32.21 20.77
N GLY A 170 -35.58 31.90 21.38
CA GLY A 170 -35.93 30.51 21.55
C GLY A 170 -35.24 30.00 22.80
N GLY A 171 -35.32 28.70 23.03
CA GLY A 171 -34.69 28.15 24.21
C GLY A 171 -33.25 27.73 24.01
N SER A 172 -32.92 27.29 22.79
CA SER A 172 -31.55 26.82 22.51
C SER A 172 -30.72 27.68 21.57
N PHE A 173 -31.31 28.71 20.98
CA PHE A 173 -30.56 29.55 20.05
C PHE A 173 -29.92 30.77 20.69
N ARG A 174 -28.63 30.96 20.44
CA ARG A 174 -27.85 32.08 20.97
C ARG A 174 -26.75 32.42 19.98
N ILE A 175 -26.83 33.59 19.35
CA ILE A 175 -25.81 33.98 18.40
C ILE A 175 -24.39 33.62 18.84
N PRO A 176 -24.04 33.85 20.12
CA PRO A 176 -22.69 33.49 20.56
C PRO A 176 -22.36 32.00 20.62
N ASP A 177 -23.33 31.18 20.99
CA ASP A 177 -23.13 29.74 21.10
C ASP A 177 -23.05 29.04 19.75
N ILE A 178 -23.87 29.46 18.80
CA ILE A 178 -23.86 28.85 17.48
C ILE A 178 -22.68 29.34 16.65
N MET A 179 -22.43 30.64 16.62
CA MET A 179 -21.33 31.17 15.83
C MET A 179 -20.04 30.47 16.24
N LYS A 180 -19.96 30.11 17.52
CA LYS A 180 -18.78 29.43 17.99
C LYS A 180 -18.71 28.11 17.23
N LYS A 181 -19.78 27.32 17.34
CA LYS A 181 -19.89 26.05 16.62
C LYS A 181 -19.77 26.27 15.12
N SER A 182 -19.98 27.51 14.68
CA SER A 182 -19.88 27.87 13.27
C SER A 182 -18.45 27.87 12.74
N GLY A 183 -17.50 27.97 13.67
CA GLY A 183 -16.12 28.00 13.26
C GLY A 183 -15.64 29.41 13.06
N ALA A 184 -16.56 30.36 13.17
CA ALA A 184 -16.23 31.76 13.02
C ALA A 184 -15.78 32.34 14.35
N ILE A 185 -14.89 33.33 14.29
CA ILE A 185 -14.35 34.01 15.46
C ILE A 185 -15.19 35.25 15.73
N LEU A 186 -15.72 35.36 16.94
CA LEU A 186 -16.61 36.46 17.28
C LEU A 186 -15.97 37.72 17.86
N ARG A 187 -16.17 38.85 17.18
CA ARG A 187 -15.63 40.15 17.59
C ARG A 187 -16.79 41.08 17.92
N GLU A 188 -17.13 41.17 19.20
CA GLU A 188 -18.25 42.00 19.64
C GLU A 188 -17.84 43.45 19.91
N VAL A 189 -18.51 44.38 19.25
CA VAL A 189 -18.22 45.80 19.40
C VAL A 189 -19.34 46.60 20.07
N GLY A 190 -18.99 47.77 20.59
CA GLY A 190 -19.95 48.64 21.26
C GLY A 190 -20.28 48.18 22.66
N THR A 191 -21.47 48.56 23.13
CA THR A 191 -21.96 48.20 24.45
C THR A 191 -23.41 47.76 24.32
N THR A 192 -23.96 47.18 25.38
CA THR A 192 -25.34 46.70 25.35
C THR A 192 -26.31 47.70 24.74
N ASN A 193 -26.57 48.79 25.46
CA ASN A 193 -27.53 49.80 25.00
C ASN A 193 -27.08 50.68 23.83
N LYS A 194 -25.80 51.01 23.77
CA LYS A 194 -25.31 51.86 22.68
C LYS A 194 -24.17 51.29 21.84
N THR A 195 -24.19 51.62 20.56
CA THR A 195 -23.16 51.18 19.62
C THR A 195 -23.14 52.12 18.43
N LYS A 196 -22.03 52.83 18.29
CA LYS A 196 -21.89 53.81 17.23
C LYS A 196 -21.20 53.10 16.07
N VAL A 197 -20.98 53.82 14.97
CA VAL A 197 -20.34 53.24 13.79
C VAL A 197 -18.85 53.03 14.09
N SER A 198 -18.27 53.96 14.84
CA SER A 198 -16.86 53.92 15.19
C SER A 198 -16.48 52.57 15.77
N ASP A 199 -17.40 51.99 16.53
CA ASP A 199 -17.17 50.71 17.16
C ASP A 199 -16.94 49.63 16.12
N TYR A 200 -17.74 49.64 15.05
CA TYR A 200 -17.59 48.66 13.98
C TYR A 200 -16.27 48.83 13.26
N GLU A 201 -16.07 50.03 12.71
CA GLU A 201 -14.86 50.35 11.97
C GLU A 201 -13.59 50.17 12.80
N GLY A 202 -13.70 50.30 14.10
CA GLY A 202 -12.53 50.18 14.96
C GLY A 202 -11.97 48.78 15.11
N ALA A 203 -12.83 47.76 15.01
CA ALA A 203 -12.39 46.37 15.19
C ALA A 203 -12.02 45.62 13.92
N ILE A 204 -12.05 46.30 12.78
CA ILE A 204 -11.71 45.66 11.52
C ILE A 204 -10.20 45.38 11.46
N ASN A 205 -9.80 44.38 10.67
CA ASN A 205 -8.40 44.00 10.52
C ASN A 205 -8.22 42.93 9.45
N GLN A 206 -7.02 42.36 9.39
CA GLN A 206 -6.66 41.32 8.42
C GLN A 206 -7.59 40.10 8.41
N ASN A 207 -8.09 39.73 9.59
CA ASN A 207 -8.95 38.55 9.71
C ASN A 207 -10.44 38.82 9.56
N THR A 208 -10.85 40.08 9.69
CA THR A 208 -12.25 40.44 9.57
C THR A 208 -12.81 40.06 8.20
N ALA A 209 -13.58 38.98 8.18
CA ALA A 209 -14.17 38.51 6.92
C ALA A 209 -15.66 38.85 6.84
N LEU A 210 -16.24 39.28 7.96
CA LEU A 210 -17.67 39.58 7.93
C LEU A 210 -18.17 40.62 8.93
N LEU A 211 -19.10 41.43 8.43
CA LEU A 211 -19.76 42.46 9.21
C LEU A 211 -21.19 41.94 9.34
N MET A 212 -21.56 41.50 10.54
CA MET A 212 -22.90 40.97 10.75
C MET A 212 -23.76 41.72 11.78
N LYS A 213 -25.03 41.94 11.44
CA LYS A 213 -25.97 42.61 12.33
C LYS A 213 -27.22 41.78 12.48
N VAL A 214 -27.66 41.63 13.72
CA VAL A 214 -28.86 40.88 13.99
C VAL A 214 -29.95 41.81 14.46
N HIS A 215 -31.17 41.55 14.01
CA HIS A 215 -32.33 42.36 14.38
C HIS A 215 -32.95 41.85 15.68
N LYS A 216 -33.04 42.74 16.66
CA LYS A 216 -33.63 42.38 17.95
C LYS A 216 -35.12 42.12 17.74
N SER A 217 -35.42 40.86 17.44
CA SER A 217 -36.79 40.45 17.13
C SER A 217 -37.69 40.15 18.34
N ASN A 218 -37.21 39.36 19.29
CA ASN A 218 -38.00 39.01 20.47
C ASN A 218 -37.69 39.81 21.74
N PHE A 219 -37.25 41.05 21.56
CA PHE A 219 -36.96 41.93 22.70
C PHE A 219 -36.64 43.32 22.19
N TYR A 220 -36.56 44.28 23.09
CA TYR A 220 -36.22 45.65 22.70
C TYR A 220 -35.67 46.42 23.89
N MET A 221 -34.92 47.47 23.59
CA MET A 221 -34.34 48.28 24.64
C MET A 221 -34.72 49.74 24.50
N GLU A 222 -35.15 50.32 25.61
CA GLU A 222 -35.53 51.72 25.62
C GLU A 222 -34.74 52.41 26.72
N GLY A 223 -34.66 53.72 26.62
CA GLY A 223 -33.87 54.49 27.55
C GLY A 223 -32.68 54.91 26.72
N PHE A 224 -31.54 55.19 27.34
CA PHE A 224 -30.39 55.57 26.54
C PHE A 224 -29.93 54.38 25.72
N VAL A 225 -30.30 54.38 24.44
CA VAL A 225 -29.92 53.31 23.51
C VAL A 225 -29.61 53.84 22.12
N GLU A 226 -28.45 53.43 21.60
CA GLU A 226 -28.01 53.86 20.28
C GLU A 226 -27.69 52.66 19.39
N GLU A 227 -27.97 52.79 18.10
CA GLU A 227 -27.73 51.70 17.16
C GLU A 227 -27.10 52.22 15.88
N VAL A 228 -26.40 51.35 15.15
CA VAL A 228 -25.74 51.78 13.92
C VAL A 228 -26.66 51.58 12.72
N LYS A 229 -26.97 52.69 12.04
CA LYS A 229 -27.83 52.65 10.88
C LYS A 229 -27.28 51.67 9.85
N LEU A 230 -28.19 51.09 9.07
CA LEU A 230 -27.82 50.12 8.06
C LEU A 230 -27.05 50.74 6.90
N GLU A 231 -27.42 51.95 6.50
CA GLU A 231 -26.73 52.59 5.39
C GLU A 231 -25.26 52.76 5.74
N ASP A 232 -24.98 52.99 7.01
CA ASP A 232 -23.62 53.18 7.49
C ASP A 232 -22.77 51.93 7.38
N LEU A 233 -23.37 50.80 7.70
CA LEU A 233 -22.66 49.53 7.67
C LEU A 233 -22.30 49.15 6.25
N VAL A 234 -23.21 49.45 5.31
CA VAL A 234 -22.95 49.15 3.91
C VAL A 234 -21.78 50.01 3.43
N LYS A 235 -21.83 51.30 3.79
CA LYS A 235 -20.77 52.23 3.43
C LYS A 235 -19.43 51.72 3.96
N LEU A 236 -19.44 51.28 5.21
CA LEU A 236 -18.27 50.75 5.90
C LEU A 236 -17.71 49.51 5.19
N GLY A 237 -18.60 48.63 4.75
CA GLY A 237 -18.19 47.44 4.04
C GLY A 237 -17.53 47.77 2.72
N HIS A 238 -18.20 48.58 1.91
CA HIS A 238 -17.68 48.97 0.59
C HIS A 238 -16.39 49.77 0.64
N LYS A 239 -16.03 50.27 1.82
CA LYS A 239 -14.79 51.04 1.96
C LYS A 239 -13.60 50.13 2.13
N TYR A 240 -13.80 49.06 2.90
CA TYR A 240 -12.73 48.11 3.19
C TYR A 240 -12.85 46.84 2.36
N GLY A 241 -13.96 46.73 1.63
CA GLY A 241 -14.18 45.55 0.80
C GLY A 241 -14.61 44.38 1.64
N ILE A 242 -15.53 44.64 2.56
CA ILE A 242 -16.03 43.59 3.44
C ILE A 242 -17.53 43.44 3.25
N PRO A 243 -17.99 42.18 3.17
CA PRO A 243 -19.40 41.84 2.98
C PRO A 243 -20.24 42.15 4.19
N THR A 244 -21.51 42.44 3.92
CA THR A 244 -22.46 42.77 4.95
C THR A 244 -23.57 41.69 4.98
N TYR A 245 -23.86 41.15 6.18
CA TYR A 245 -24.88 40.10 6.37
C TYR A 245 -25.94 40.43 7.43
N TYR A 246 -27.18 40.67 6.99
CA TYR A 246 -28.25 41.01 7.92
C TYR A 246 -29.19 39.84 8.24
N ASP A 247 -29.29 39.51 9.52
CA ASP A 247 -30.20 38.47 9.93
C ASP A 247 -31.46 39.18 10.40
N ALA A 248 -32.39 39.39 9.48
CA ALA A 248 -33.64 40.07 9.82
C ALA A 248 -34.41 39.23 10.84
N GLY A 249 -34.45 37.93 10.62
CA GLY A 249 -35.14 37.04 11.54
C GLY A 249 -36.65 37.02 11.32
N SER A 250 -37.26 38.20 11.33
CA SER A 250 -38.71 38.33 11.13
C SER A 250 -39.10 37.79 9.77
N GLY A 251 -38.21 37.96 8.81
CA GLY A 251 -38.51 37.49 7.46
C GLY A 251 -39.70 38.22 6.90
N LEU A 252 -39.68 39.54 7.03
CA LEU A 252 -40.76 40.31 6.47
C LEU A 252 -40.44 40.52 5.01
N LEU A 253 -41.32 40.03 4.16
CA LEU A 253 -41.07 40.12 2.73
C LEU A 253 -41.36 41.48 2.12
N ILE A 254 -42.22 42.28 2.75
CA ILE A 254 -42.53 43.56 2.16
C ILE A 254 -42.63 44.70 3.17
N ASN A 255 -42.76 45.92 2.65
CA ASN A 255 -42.90 47.10 3.49
C ASN A 255 -44.22 46.93 4.24
N LEU A 256 -44.17 47.16 5.55
CA LEU A 256 -45.31 46.96 6.43
C LEU A 256 -46.26 48.16 6.51
N LYS A 257 -45.71 49.35 6.28
CA LYS A 257 -46.48 50.57 6.33
C LYS A 257 -47.56 50.64 5.28
N GLU A 258 -47.38 49.88 4.19
CA GLU A 258 -48.36 49.91 3.13
C GLU A 258 -49.70 49.32 3.52
N PHE A 259 -49.75 48.68 4.67
CA PHE A 259 -50.98 48.06 5.14
C PHE A 259 -51.62 48.75 6.33
N GLY A 260 -51.16 49.97 6.63
CA GLY A 260 -51.75 50.72 7.73
C GLY A 260 -51.00 50.60 9.04
N ILE A 261 -50.21 49.55 9.19
CA ILE A 261 -49.47 49.38 10.41
C ILE A 261 -48.12 50.06 10.28
N SER A 262 -47.92 51.08 11.11
CA SER A 262 -46.69 51.87 11.11
C SER A 262 -45.62 51.31 12.05
N VAL A 263 -44.66 50.60 11.48
CA VAL A 263 -43.56 50.02 12.25
C VAL A 263 -42.28 50.11 11.43
N ASP A 264 -41.13 50.06 12.09
CA ASP A 264 -39.86 50.16 11.39
C ASP A 264 -39.29 48.78 11.05
N GLU A 265 -40.06 47.72 11.26
CA GLU A 265 -39.60 46.36 10.96
C GLU A 265 -38.94 46.31 9.58
N PRO A 266 -37.73 45.74 9.49
CA PRO A 266 -37.03 45.65 8.21
C PRO A 266 -37.56 44.56 7.29
N ASN A 267 -37.37 44.72 5.97
CA ASN A 267 -37.84 43.74 5.00
C ASN A 267 -36.80 43.51 3.92
N PHE A 268 -36.85 42.34 3.30
CA PHE A 268 -35.88 41.96 2.27
C PHE A 268 -35.70 42.95 1.13
N ARG A 269 -36.76 43.21 0.39
CA ARG A 269 -36.68 44.13 -0.74
C ARG A 269 -35.94 45.42 -0.39
N ASP A 270 -36.38 46.07 0.68
CA ASP A 270 -35.76 47.32 1.11
C ASP A 270 -34.35 47.18 1.64
N CYS A 271 -34.12 46.16 2.45
CA CYS A 271 -32.80 45.90 2.99
C CYS A 271 -31.82 45.57 1.88
N ILE A 272 -32.29 44.86 0.86
CA ILE A 272 -31.40 44.50 -0.24
C ILE A 272 -31.11 45.72 -1.10
N SER A 273 -32.14 46.48 -1.42
CA SER A 273 -31.98 47.68 -2.24
C SER A 273 -31.20 48.76 -1.49
N LEU A 274 -30.80 48.43 -0.27
CA LEU A 274 -30.02 49.32 0.58
C LEU A 274 -28.52 49.16 0.38
N GLY A 275 -28.10 47.99 -0.09
CA GLY A 275 -26.68 47.77 -0.31
C GLY A 275 -26.14 46.62 0.50
N ILE A 276 -27.04 45.94 1.20
CA ILE A 276 -26.69 44.76 2.00
C ILE A 276 -26.33 43.61 1.07
N ASP A 277 -25.24 42.91 1.37
CA ASP A 277 -24.78 41.82 0.53
C ASP A 277 -25.57 40.51 0.76
N LEU A 278 -25.97 40.26 2.01
CA LEU A 278 -26.74 39.07 2.34
C LEU A 278 -27.81 39.36 3.39
N VAL A 279 -28.94 38.66 3.30
CA VAL A 279 -30.03 38.84 4.25
C VAL A 279 -30.75 37.50 4.48
N SER A 280 -31.08 37.21 5.73
CA SER A 280 -31.78 35.96 6.06
C SER A 280 -32.99 36.19 6.93
N GLY A 281 -33.80 35.14 7.09
CA GLY A 281 -34.98 35.22 7.91
C GLY A 281 -35.83 33.97 7.86
N SER A 282 -36.63 33.76 8.90
CA SER A 282 -37.51 32.60 9.01
C SER A 282 -38.75 32.76 8.14
N GLY A 283 -39.23 31.67 7.58
CA GLY A 283 -40.40 31.72 6.72
C GLY A 283 -41.69 31.69 7.52
N ASP A 284 -41.62 31.09 8.72
CA ASP A 284 -42.79 30.95 9.57
C ASP A 284 -43.01 32.08 10.57
N1 LLP A 285 -32.24 34.92 14.43
C2 LLP A 285 -33.20 35.88 14.48
C2' LLP A 285 -32.80 37.36 14.54
C3 LLP A 285 -34.54 35.53 14.42
O3 LLP A 285 -35.49 36.49 14.48
C4 LLP A 285 -34.90 34.19 14.36
C4' LLP A 285 -36.26 33.80 14.29
C5 LLP A 285 -33.90 33.22 14.31
C6 LLP A 285 -32.56 33.63 14.37
C5' LLP A 285 -34.17 31.72 14.23
OP4 LLP A 285 -35.07 31.39 13.18
P LLP A 285 -35.58 29.87 13.00
OP1 LLP A 285 -34.49 28.88 13.05
OP2 LLP A 285 -36.32 29.81 11.69
OP3 LLP A 285 -36.62 29.63 14.04
N LLP A 285 -42.48 33.26 10.26
CA LLP A 285 -42.67 34.42 11.10
CB LLP A 285 -41.33 35.02 11.52
CG LLP A 285 -40.72 34.46 12.81
CD LLP A 285 -39.29 34.96 13.04
CE LLP A 285 -38.62 34.29 14.24
NZ LLP A 285 -37.22 34.69 14.31
C LLP A 285 -43.48 35.42 10.29
O LLP A 285 -44.63 35.17 9.93
N LEU A 286 -42.85 36.55 9.98
CA LEU A 286 -43.49 37.61 9.23
C LEU A 286 -43.76 37.29 7.77
N LEU A 287 -43.33 36.13 7.33
CA LEU A 287 -43.58 35.77 5.96
C LEU A 287 -44.93 35.08 5.88
N GLY A 288 -45.25 34.35 6.94
CA GLY A 288 -46.51 33.65 7.00
C GLY A 288 -46.50 32.27 6.36
N GLY A 289 -45.33 31.79 5.95
CA GLY A 289 -45.25 30.49 5.31
C GLY A 289 -44.73 29.39 6.24
N PRO A 290 -44.34 28.22 5.70
CA PRO A 290 -43.83 27.13 6.54
C PRO A 290 -42.41 27.44 6.99
N GLN A 291 -41.93 26.70 8.00
CA GLN A 291 -40.60 26.92 8.56
C GLN A 291 -39.55 26.84 7.48
N ALA A 292 -38.72 27.86 7.39
CA ALA A 292 -37.68 27.90 6.38
C ALA A 292 -36.66 29.02 6.57
N GLY A 293 -35.40 28.67 6.35
CA GLY A 293 -34.35 29.66 6.46
C GLY A 293 -34.18 30.28 5.09
N ILE A 294 -34.37 31.58 4.99
CA ILE A 294 -34.26 32.21 3.71
C ILE A 294 -33.10 33.15 3.59
N ILE A 295 -32.34 32.96 2.52
CA ILE A 295 -31.18 33.75 2.26
C ILE A 295 -31.22 34.36 0.86
N VAL A 296 -30.93 35.66 0.78
CA VAL A 296 -30.89 36.37 -0.50
C VAL A 296 -29.78 37.41 -0.46
N GLY A 297 -29.11 37.59 -1.60
CA GLY A 297 -28.02 38.54 -1.65
C GLY A 297 -27.21 38.38 -2.93
N LYS A 298 -25.95 38.79 -2.86
CA LYS A 298 -25.08 38.72 -4.02
C LYS A 298 -24.92 37.28 -4.51
N LYS A 299 -24.85 37.12 -5.81
CA LYS A 299 -24.72 35.84 -6.50
C LYS A 299 -23.44 35.08 -6.09
N ASN A 300 -22.31 35.77 -6.15
CA ASN A 300 -21.02 35.16 -5.78
C ASN A 300 -21.00 34.59 -4.37
N LEU A 301 -21.88 35.11 -3.51
CA LEU A 301 -21.98 34.66 -2.12
C LEU A 301 -22.91 33.46 -2.02
N ILE A 302 -24.04 33.57 -2.70
CA ILE A 302 -25.03 32.50 -2.71
C ILE A 302 -24.38 31.23 -3.24
N GLU A 303 -23.59 31.36 -4.29
CA GLU A 303 -22.91 30.22 -4.88
C GLU A 303 -21.92 29.62 -3.88
N LYS A 304 -21.33 30.47 -3.05
CA LYS A 304 -20.37 30.02 -2.05
C LYS A 304 -21.06 29.24 -0.96
N ILE A 305 -22.26 29.67 -0.60
CA ILE A 305 -23.05 29.05 0.45
C ILE A 305 -23.61 27.71 -0.02
N LYS A 306 -24.12 27.68 -1.25
CA LYS A 306 -24.68 26.45 -1.80
C LYS A 306 -23.68 25.32 -1.86
N LYS A 307 -22.49 25.62 -2.36
CA LYS A 307 -21.43 24.61 -2.51
C LYS A 307 -21.01 24.00 -1.15
N ASN A 308 -21.27 24.70 -0.05
CA ASN A 308 -20.92 24.21 1.29
C ASN A 308 -21.53 22.82 1.53
N PRO A 309 -20.69 21.83 1.86
CA PRO A 309 -21.12 20.44 2.12
C PRO A 309 -22.17 20.32 3.23
N ILE A 310 -22.33 21.39 4.01
CA ILE A 310 -23.30 21.41 5.09
C ILE A 310 -24.71 21.74 4.61
N ALA A 311 -24.80 22.43 3.47
CA ALA A 311 -26.09 22.82 2.90
C ALA A 311 -27.01 21.64 2.64
N ARG A 312 -26.41 20.46 2.47
CA ARG A 312 -27.14 19.25 2.19
C ARG A 312 -27.83 18.70 3.45
N ALA A 313 -27.31 19.07 4.61
CA ALA A 313 -27.88 18.64 5.88
C ALA A 313 -28.94 19.63 6.35
N LEU A 314 -29.09 20.71 5.61
CA LEU A 314 -30.07 21.74 5.95
C LEU A 314 -31.12 21.87 4.86
N ARG A 315 -30.80 21.34 3.68
CA ARG A 315 -31.72 21.42 2.55
C ARG A 315 -33.11 21.03 3.03
N ILE A 316 -34.10 21.79 2.61
CA ILE A 316 -35.46 21.63 3.04
C ILE A 316 -36.19 20.41 2.50
N ASP A 317 -37.20 19.98 3.26
CA ASP A 317 -37.98 18.81 2.90
C ASP A 317 -39.04 19.13 1.84
N LYS A 318 -39.65 18.09 1.33
CA LYS A 318 -40.66 18.16 0.26
C LYS A 318 -41.89 18.97 0.67
N LEU A 319 -42.29 18.86 1.93
CA LEU A 319 -43.47 19.58 2.42
C LEU A 319 -43.31 21.10 2.46
N THR A 320 -42.31 21.57 3.19
CA THR A 320 -42.10 23.01 3.32
C THR A 320 -41.71 23.68 2.00
N LEU A 321 -41.04 22.94 1.11
CA LEU A 321 -40.63 23.51 -0.18
C LEU A 321 -41.85 23.88 -1.00
N SER A 322 -42.72 22.91 -1.23
CA SER A 322 -43.95 23.13 -1.98
C SER A 322 -44.74 24.22 -1.30
N GLY A 323 -45.10 23.96 -0.05
CA GLY A 323 -45.87 24.91 0.72
C GLY A 323 -45.28 26.30 0.70
N LEU A 324 -43.98 26.38 0.44
CA LEU A 324 -43.31 27.66 0.38
C LEU A 324 -43.56 28.34 -0.95
N GLU A 325 -43.60 27.54 -2.01
CA GLU A 325 -43.82 28.09 -3.33
C GLU A 325 -45.23 28.66 -3.49
N MET A 326 -46.20 28.03 -2.86
CA MET A 326 -47.59 28.49 -2.96
C MET A 326 -47.81 29.74 -2.12
N THR A 327 -46.98 29.89 -1.10
CA THR A 327 -47.08 31.05 -0.22
C THR A 327 -46.40 32.21 -0.95
N LEU A 328 -45.41 31.86 -1.78
CA LEU A 328 -44.70 32.85 -2.58
C LEU A 328 -45.53 33.26 -3.77
N LYS A 329 -46.31 32.33 -4.30
CA LYS A 329 -47.17 32.60 -5.44
C LYS A 329 -48.22 33.61 -5.00
N LEU A 330 -48.74 33.41 -3.79
CA LEU A 330 -49.73 34.33 -3.23
C LEU A 330 -49.19 35.76 -3.19
N TYR A 331 -47.92 35.92 -2.81
CA TYR A 331 -47.32 37.25 -2.72
C TYR A 331 -47.18 37.99 -4.05
N PHE A 332 -46.96 37.25 -5.12
CA PHE A 332 -46.79 37.82 -6.46
C PHE A 332 -48.15 38.32 -6.95
N GLU A 333 -49.18 37.57 -6.58
CA GLU A 333 -50.56 37.86 -6.97
C GLU A 333 -51.21 38.88 -6.04
N LYS A 334 -50.41 39.39 -5.10
CA LYS A 334 -50.86 40.38 -4.13
C LYS A 334 -52.05 39.85 -3.29
N ARG A 335 -52.06 38.53 -3.08
CA ARG A 335 -53.12 37.86 -2.31
C ARG A 335 -52.89 37.89 -0.80
N TYR A 336 -52.39 39.02 -0.32
CA TYR A 336 -52.08 39.21 1.10
C TYR A 336 -53.07 38.63 2.13
N GLU A 337 -54.36 38.91 1.99
CA GLU A 337 -55.34 38.40 2.96
C GLU A 337 -55.38 36.88 3.05
N ASP A 338 -54.82 36.19 2.07
CA ASP A 338 -54.84 34.74 2.05
C ASP A 338 -53.83 34.09 2.99
N ILE A 339 -52.85 34.86 3.47
CA ILE A 339 -51.89 34.30 4.41
C ILE A 339 -52.26 34.78 5.82
N PRO A 340 -52.76 33.86 6.65
CA PRO A 340 -53.22 34.00 8.03
C PRO A 340 -52.57 35.08 8.88
N VAL A 341 -51.27 34.96 9.05
CA VAL A 341 -50.50 35.90 9.87
C VAL A 341 -50.75 37.33 9.44
N ILE A 342 -50.75 37.58 8.13
CA ILE A 342 -50.96 38.93 7.61
C ILE A 342 -52.38 39.43 7.85
N ARG A 343 -53.36 38.58 7.60
CA ARG A 343 -54.74 38.96 7.79
C ARG A 343 -55.09 39.25 9.24
N MET A 344 -54.56 38.43 10.15
CA MET A 344 -54.84 38.60 11.58
C MET A 344 -54.36 39.91 12.17
N LEU A 345 -53.21 40.38 11.73
CA LEU A 345 -52.70 41.64 12.24
C LEU A 345 -53.29 42.88 11.56
N THR A 346 -53.64 42.79 10.27
CA THR A 346 -54.22 43.93 9.54
C THR A 346 -55.73 43.94 9.52
N GLN A 347 -56.34 43.19 10.42
CA GLN A 347 -57.79 43.16 10.49
C GLN A 347 -58.33 44.46 11.02
N ASP A 348 -59.48 44.85 10.52
CA ASP A 348 -60.09 46.09 10.96
C ASP A 348 -60.44 46.08 12.43
N GLU A 349 -60.22 47.20 13.09
CA GLU A 349 -60.55 47.30 14.50
C GLU A 349 -62.03 46.96 14.54
N LYS A 350 -62.75 47.48 13.55
CA LYS A 350 -64.17 47.21 13.41
C LYS A 350 -64.31 45.69 13.33
N ALA A 351 -63.52 45.09 12.45
CA ALA A 351 -63.53 43.65 12.22
C ALA A 351 -63.49 42.85 13.51
N LEU A 352 -62.58 43.22 14.41
CA LEU A 352 -62.42 42.52 15.68
C LEU A 352 -63.62 42.53 16.61
N ARG A 353 -64.20 43.70 16.82
CA ARG A 353 -65.37 43.79 17.69
C ARG A 353 -66.51 42.97 17.11
N GLN A 354 -66.62 43.00 15.79
CA GLN A 354 -67.64 42.26 15.06
C GLN A 354 -67.63 40.79 15.41
N LYS A 355 -66.45 40.28 15.74
CA LYS A 355 -66.31 38.89 16.10
C LYS A 355 -66.35 38.76 17.62
N ALA A 356 -66.01 39.86 18.29
CA ALA A 356 -66.00 39.89 19.74
C ALA A 356 -67.41 39.70 20.28
N LYS A 357 -68.37 40.39 19.66
CA LYS A 357 -69.74 40.32 20.12
C LYS A 357 -70.54 39.16 19.52
N ARG A 358 -70.08 38.58 18.42
CA ARG A 358 -70.79 37.45 17.82
C ARG A 358 -70.53 36.19 18.64
N LEU A 359 -69.55 36.28 19.52
CA LEU A 359 -69.19 35.18 20.39
C LEU A 359 -69.92 35.33 21.72
N GLU A 360 -70.03 36.57 22.17
CA GLU A 360 -70.73 36.88 23.41
C GLU A 360 -72.20 36.57 23.25
N LYS A 361 -72.67 36.60 22.01
CA LYS A 361 -74.07 36.28 21.72
C LYS A 361 -74.25 34.78 21.81
N LEU A 362 -73.14 34.05 21.74
CA LEU A 362 -73.19 32.58 21.80
C LEU A 362 -73.02 32.02 23.19
N LEU A 363 -72.72 32.88 24.15
CA LEU A 363 -72.48 32.40 25.50
C LEU A 363 -73.40 32.98 26.57
N LYS A 364 -74.32 33.85 26.15
CA LYS A 364 -75.26 34.45 27.09
C LYS A 364 -76.12 33.40 27.79
N ASP A 365 -76.46 32.32 27.08
CA ASP A 365 -77.31 31.26 27.63
C ASP A 365 -76.61 30.33 28.63
N ILE A 366 -75.38 29.94 28.33
CA ILE A 366 -74.63 29.02 29.21
C ILE A 366 -74.68 29.48 30.67
N PRO A 367 -75.03 28.56 31.59
CA PRO A 367 -75.17 28.76 33.04
C PRO A 367 -73.97 29.31 33.82
N GLY A 368 -74.23 30.37 34.59
CA GLY A 368 -73.21 30.98 35.44
C GLY A 368 -72.16 31.86 34.76
N LEU A 369 -72.36 32.14 33.48
CA LEU A 369 -71.41 32.93 32.69
C LEU A 369 -71.51 34.45 32.74
N LYS A 370 -70.46 35.10 33.25
CA LYS A 370 -70.37 36.56 33.33
C LYS A 370 -69.60 37.02 32.10
N ILE A 371 -70.34 37.36 31.05
CA ILE A 371 -69.77 37.76 29.77
C ILE A 371 -69.67 39.26 29.51
N SER A 372 -68.47 39.73 29.18
CA SER A 372 -68.24 41.14 28.88
C SER A 372 -67.16 41.31 27.80
N VAL A 373 -67.30 42.33 26.96
CA VAL A 373 -66.34 42.61 25.89
C VAL A 373 -65.53 43.88 26.17
N ILE A 374 -64.21 43.75 26.31
CA ILE A 374 -63.37 44.90 26.57
C ILE A 374 -62.39 45.22 25.46
N LYS A 375 -62.08 46.50 25.30
CA LYS A 375 -61.12 46.92 24.29
C LYS A 375 -59.79 47.13 24.99
N ASP A 376 -58.85 46.24 24.70
CA ASP A 376 -57.54 46.31 25.30
C ASP A 376 -56.44 46.44 24.27
N LYS A 377 -55.28 46.90 24.73
CA LYS A 377 -54.11 47.06 23.87
C LYS A 377 -53.10 45.97 24.18
N ALA A 378 -52.92 45.04 23.25
CA ALA A 378 -51.95 43.98 23.44
C ALA A 378 -50.84 44.06 22.41
N LYS A 379 -49.95 43.08 22.43
CA LYS A 379 -48.83 43.06 21.48
C LYS A 379 -48.91 41.82 20.62
N PRO A 380 -49.51 41.96 19.43
CA PRO A 380 -49.73 40.92 18.43
C PRO A 380 -48.54 40.03 18.10
N GLY A 381 -47.42 40.66 17.73
CA GLY A 381 -46.23 39.91 17.35
C GLY A 381 -45.49 39.21 18.47
N GLY A 382 -45.33 37.90 18.34
CA GLY A 382 -44.64 37.12 19.36
C GLY A 382 -43.19 36.82 19.03
N GLY A 383 -42.94 36.36 17.81
CA GLY A 383 -41.59 36.02 17.43
C GLY A 383 -40.96 36.95 16.40
N SER A 384 -41.63 38.05 16.08
CA SER A 384 -41.11 38.96 15.07
C SER A 384 -41.27 40.46 15.34
N LEU A 385 -42.34 40.85 16.03
CA LEU A 385 -42.55 42.26 16.36
C LEU A 385 -42.80 42.42 17.85
N PRO A 386 -41.72 42.65 18.60
CA PRO A 386 -41.69 42.83 20.05
C PRO A 386 -42.39 44.08 20.57
N GLU A 387 -42.11 45.21 19.94
CA GLU A 387 -42.68 46.48 20.39
C GLU A 387 -44.14 46.70 19.98
N LEU A 388 -44.52 46.22 18.79
CA LEU A 388 -45.88 46.47 18.32
C LEU A 388 -46.95 46.23 19.36
N GLU A 389 -47.79 47.24 19.49
CA GLU A 389 -48.93 47.19 20.40
C GLU A 389 -50.12 47.67 19.60
N LEU A 390 -51.08 46.79 19.40
CA LEU A 390 -52.25 47.13 18.63
C LEU A 390 -53.52 46.81 19.42
N PRO A 391 -54.54 47.67 19.32
CA PRO A 391 -55.82 47.47 20.01
C PRO A 391 -56.62 46.29 19.44
N THR A 392 -57.30 45.55 20.32
CA THR A 392 -58.07 44.38 19.93
C THR A 392 -59.12 44.06 21.00
N TYR A 393 -60.28 43.56 20.57
CA TYR A 393 -61.38 43.27 21.50
C TYR A 393 -61.38 41.90 22.13
N CYS A 394 -61.28 41.87 23.45
CA CYS A 394 -61.31 40.61 24.16
C CYS A 394 -62.64 40.43 24.86
N VAL A 395 -63.13 39.20 24.85
CA VAL A 395 -64.38 38.87 25.52
C VAL A 395 -64.02 38.24 26.84
N ALA A 396 -63.93 39.08 27.87
CA ALA A 396 -63.59 38.62 29.22
C ALA A 396 -64.74 37.90 29.89
N ILE A 397 -64.44 36.72 30.41
CA ILE A 397 -65.47 35.90 31.02
C ILE A 397 -65.19 35.51 32.47
N ARG A 398 -66.26 35.17 33.18
CA ARG A 398 -66.17 34.77 34.57
C ARG A 398 -67.39 34.01 35.14
N HIS A 399 -67.15 32.81 35.66
CA HIS A 399 -68.19 31.95 36.23
C HIS A 399 -68.15 32.00 37.76
N ASP A 400 -69.31 31.94 38.38
CA ASP A 400 -69.39 31.96 39.83
C ASP A 400 -68.82 30.71 40.53
N ARG A 401 -69.11 29.53 39.96
CA ARG A 401 -68.68 28.22 40.48
C ARG A 401 -67.19 27.96 40.49
N LEU A 402 -66.59 27.96 39.30
CA LEU A 402 -65.18 27.69 39.18
C LEU A 402 -64.32 28.95 39.06
N SER A 403 -63.03 28.80 39.34
CA SER A 403 -62.10 29.92 39.28
C SER A 403 -61.35 29.99 37.95
N SER A 404 -60.93 31.20 37.57
CA SER A 404 -60.21 31.42 36.31
C SER A 404 -59.06 30.46 36.07
N GLN A 405 -58.33 30.14 37.13
CA GLN A 405 -57.18 29.24 37.04
C GLN A 405 -57.63 27.86 36.59
N GLU A 406 -58.54 27.28 37.35
CA GLU A 406 -59.08 25.97 37.04
C GLU A 406 -59.65 25.98 35.64
N LEU A 407 -60.20 27.12 35.25
CA LEU A 407 -60.80 27.31 33.93
C LEU A 407 -59.84 27.08 32.78
N SER A 408 -58.74 27.81 32.80
CA SER A 408 -57.76 27.67 31.74
C SER A 408 -57.32 26.22 31.61
N ARG A 409 -57.13 25.56 32.76
CA ARG A 409 -56.67 24.16 32.79
C ARG A 409 -57.60 23.17 32.08
N ARG A 410 -58.90 23.25 32.33
CA ARG A 410 -59.84 22.33 31.67
C ARG A 410 -59.92 22.64 30.18
N LEU A 411 -59.82 23.92 29.84
CA LEU A 411 -59.88 24.35 28.45
C LEU A 411 -58.74 23.81 27.61
N ARG A 412 -57.60 23.57 28.25
CA ARG A 412 -56.44 23.05 27.53
C ARG A 412 -56.57 21.55 27.41
N LEU A 413 -57.52 20.98 28.15
CA LEU A 413 -57.75 19.54 28.15
C LEU A 413 -58.92 19.17 27.28
N ALA A 414 -59.56 20.19 26.73
CA ALA A 414 -60.72 19.98 25.90
C ALA A 414 -60.32 19.44 24.54
N GLU A 415 -61.31 19.01 23.77
CA GLU A 415 -61.05 18.49 22.44
C GLU A 415 -62.05 19.10 21.47
N PRO A 416 -61.61 20.10 20.68
CA PRO A 416 -60.24 20.65 20.70
C PRO A 416 -59.91 21.49 21.93
N PRO A 417 -58.61 21.60 22.25
CA PRO A 417 -58.11 22.36 23.40
C PRO A 417 -58.05 23.85 23.06
N ILE A 418 -58.33 24.71 24.05
CA ILE A 418 -58.32 26.15 23.85
C ILE A 418 -57.37 26.83 24.82
N VAL A 419 -56.48 27.66 24.27
CA VAL A 419 -55.51 28.37 25.08
C VAL A 419 -55.84 29.85 25.13
N CYS A 420 -55.90 30.41 26.35
CA CYS A 420 -56.24 31.82 26.50
C CYS A 420 -55.45 32.54 27.60
N ARG A 421 -55.48 33.88 27.57
CA ARG A 421 -54.76 34.69 28.54
C ARG A 421 -55.44 34.70 29.91
N ILE A 422 -54.66 35.09 30.93
CA ILE A 422 -55.18 35.21 32.30
C ILE A 422 -54.73 36.57 32.82
N ARG A 423 -55.67 37.35 33.35
CA ARG A 423 -55.33 38.66 33.91
C ARG A 423 -56.31 39.04 35.02
N GLU A 424 -55.83 38.96 36.25
CA GLU A 424 -56.67 39.34 37.37
C GLU A 424 -57.88 38.41 37.47
N ASP A 425 -57.63 37.13 37.72
CA ASP A 425 -58.69 36.13 37.82
C ASP A 425 -59.82 36.28 36.81
N GLN A 426 -59.50 36.69 35.59
CA GLN A 426 -60.53 36.80 34.58
C GLN A 426 -59.98 36.25 33.28
N LEU A 427 -60.68 35.24 32.74
CA LEU A 427 -60.26 34.65 31.49
C LEU A 427 -60.55 35.60 30.35
N LEU A 428 -59.63 35.67 29.39
CA LEU A 428 -59.79 36.56 28.25
C LEU A 428 -59.57 35.86 26.93
N PHE A 429 -60.27 36.32 25.90
CA PHE A 429 -60.15 35.75 24.57
C PHE A 429 -59.91 36.79 23.51
N ASP A 430 -58.67 36.93 23.09
CA ASP A 430 -58.37 37.90 22.05
C ASP A 430 -58.85 37.36 20.72
N MET A 431 -59.67 38.14 20.03
CA MET A 431 -60.23 37.74 18.75
C MET A 431 -59.27 37.92 17.58
N ARG A 432 -58.11 38.52 17.82
CA ARG A 432 -57.13 38.73 16.75
C ARG A 432 -56.67 37.42 16.12
N THR A 433 -56.66 36.37 16.93
CA THR A 433 -56.17 35.08 16.47
C THR A 433 -57.23 33.99 16.30
N VAL A 434 -58.48 34.29 16.61
CA VAL A 434 -59.55 33.28 16.52
C VAL A 434 -60.24 33.17 15.16
N PHE A 435 -60.24 31.96 14.60
CA PHE A 435 -60.90 31.70 13.32
C PHE A 435 -62.41 31.61 13.57
N HIS A 436 -63.20 31.98 12.56
CA HIS A 436 -64.64 31.95 12.72
C HIS A 436 -65.20 30.57 13.07
N GLU A 437 -64.76 29.53 12.38
CA GLU A 437 -65.32 28.21 12.65
C GLU A 437 -64.99 27.70 14.05
N ASP A 438 -64.27 28.51 14.82
CA ASP A 438 -63.93 28.12 16.18
C ASP A 438 -64.98 28.62 17.15
N LEU A 439 -65.63 29.71 16.78
CA LEU A 439 -66.65 30.30 17.64
C LEU A 439 -67.71 29.27 18.01
N LYS A 440 -68.11 28.45 17.05
CA LYS A 440 -69.09 27.41 17.31
C LYS A 440 -68.48 26.32 18.18
N THR A 441 -67.17 26.10 18.02
CA THR A 441 -66.45 25.08 18.78
C THR A 441 -66.17 25.57 20.20
N ILE A 442 -66.15 26.88 20.36
CA ILE A 442 -65.93 27.47 21.67
C ILE A 442 -67.13 27.30 22.58
N LYS A 443 -68.30 27.59 22.03
CA LYS A 443 -69.56 27.49 22.76
C LYS A 443 -69.89 26.06 23.15
N LYS A 444 -69.61 25.11 22.26
CA LYS A 444 -69.89 23.70 22.49
C LYS A 444 -68.94 23.10 23.53
N THR A 445 -67.79 23.74 23.73
CA THR A 445 -66.78 23.28 24.70
C THR A 445 -67.16 23.76 26.09
N LEU A 446 -67.58 25.00 26.16
CA LEU A 446 -67.94 25.64 27.41
C LEU A 446 -69.19 25.08 28.03
N GLN A 447 -70.20 24.84 27.20
CA GLN A 447 -71.42 24.28 27.74
C GLN A 447 -71.22 22.82 28.15
N GLU A 448 -70.16 22.18 27.64
CA GLU A 448 -69.87 20.79 27.98
C GLU A 448 -68.97 20.63 29.21
N LEU A 449 -68.51 21.75 29.76
CA LEU A 449 -67.63 21.72 30.93
C LEU A 449 -68.29 22.24 32.18
N LEU A 450 -69.25 23.15 31.98
CA LEU A 450 -69.98 23.79 33.06
C LEU A 450 -71.27 23.11 33.41
N SER A 451 -71.80 22.33 32.49
CA SER A 451 -73.06 21.71 32.77
C SER A 451 -72.96 20.20 32.97
N ILE A 452 -71.77 19.63 32.77
CA ILE A 452 -71.57 18.19 32.95
C ILE A 452 -70.99 17.86 34.33
N MET B 1 -30.03 48.36 -38.03
CA MET B 1 -30.63 47.19 -37.33
C MET B 1 -31.33 47.65 -36.05
N LYS B 2 -31.10 48.91 -35.64
CA LYS B 2 -31.76 49.47 -34.47
C LYS B 2 -33.19 49.82 -34.87
N SER B 3 -33.66 49.10 -35.89
CA SER B 3 -35.02 49.25 -36.41
C SER B 3 -35.69 47.88 -36.38
N LEU B 4 -34.90 46.84 -36.16
CA LEU B 4 -35.39 45.46 -36.08
C LEU B 4 -35.75 45.16 -34.62
N LEU B 5 -35.54 46.16 -33.76
CA LEU B 5 -35.83 46.03 -32.33
C LEU B 5 -36.81 47.11 -31.87
N ARG B 6 -36.83 48.27 -32.54
CA ARG B 6 -37.77 49.34 -32.21
C ARG B 6 -39.15 48.78 -32.41
N GLN B 7 -39.22 47.86 -33.36
CA GLN B 7 -40.45 47.19 -33.75
C GLN B 7 -41.18 46.64 -32.52
N ILE B 8 -40.51 45.74 -31.81
CA ILE B 8 -41.07 45.11 -30.61
C ILE B 8 -42.03 46.03 -29.88
N PRO B 9 -43.29 45.60 -29.72
CA PRO B 9 -44.30 46.41 -29.03
C PRO B 9 -43.95 46.80 -27.60
N GLN B 10 -44.89 47.49 -26.95
CA GLN B 10 -44.72 47.94 -25.58
C GLN B 10 -45.53 47.09 -24.61
N ILE B 11 -45.01 46.95 -23.40
CA ILE B 11 -45.70 46.15 -22.38
C ILE B 11 -47.10 46.69 -22.15
N SER B 12 -47.26 47.99 -22.38
CA SER B 12 -48.56 48.61 -22.22
C SER B 12 -49.44 48.05 -23.34
N LYS B 13 -48.84 47.93 -24.52
CA LYS B 13 -49.51 47.43 -25.71
C LYS B 13 -49.97 45.98 -25.62
N VAL B 14 -49.10 45.12 -25.15
CA VAL B 14 -49.44 43.71 -25.05
C VAL B 14 -50.42 43.45 -23.91
N VAL B 15 -50.34 44.21 -22.83
CA VAL B 15 -51.28 43.98 -21.74
C VAL B 15 -52.67 44.29 -22.26
N GLU B 16 -52.74 45.21 -23.21
CA GLU B 16 -54.01 45.57 -23.82
C GLU B 16 -54.48 44.36 -24.62
N ILE B 17 -53.60 43.84 -25.47
CA ILE B 17 -53.91 42.69 -26.32
C ILE B 17 -54.48 41.50 -25.54
N PHE B 18 -54.34 41.56 -24.22
CA PHE B 18 -54.86 40.52 -23.33
C PHE B 18 -55.72 41.20 -22.26
N ALA B 19 -56.78 41.88 -22.69
CA ALA B 19 -57.66 42.57 -21.74
C ALA B 19 -58.08 41.62 -20.63
N LYS B 20 -59.03 40.74 -20.95
CA LYS B 20 -59.51 39.76 -20.00
C LYS B 20 -58.91 38.40 -20.34
N ALA B 21 -58.06 38.40 -21.36
CA ALA B 21 -57.39 37.19 -21.82
C ALA B 21 -56.71 36.45 -20.68
N TYR B 22 -55.91 37.19 -19.91
CA TYR B 22 -55.18 36.63 -18.78
C TYR B 22 -54.95 37.75 -17.77
N PRO B 23 -54.70 37.40 -16.50
CA PRO B 23 -54.47 38.41 -15.46
C PRO B 23 -53.37 39.39 -15.88
N GLU B 24 -53.58 40.67 -15.61
CA GLU B 24 -52.62 41.70 -15.97
C GLU B 24 -51.22 41.39 -15.43
N ILE B 25 -51.16 40.88 -14.21
CA ILE B 25 -49.88 40.58 -13.60
C ILE B 25 -49.12 39.53 -14.40
N TYR B 26 -49.76 38.40 -14.68
CA TYR B 26 -49.13 37.34 -15.42
C TYR B 26 -48.78 37.74 -16.86
N VAL B 27 -49.51 38.71 -17.40
CA VAL B 27 -49.26 39.18 -18.76
C VAL B 27 -47.97 39.98 -18.82
N VAL B 28 -47.82 40.94 -17.90
CA VAL B 28 -46.63 41.78 -17.85
C VAL B 28 -45.36 40.95 -17.60
N LYS B 29 -45.47 39.90 -16.77
CA LYS B 29 -44.32 39.06 -16.44
C LYS B 29 -43.84 38.30 -17.68
N ALA B 30 -44.79 37.78 -18.45
CA ALA B 30 -44.47 37.05 -19.66
C ALA B 30 -43.98 37.98 -20.76
N ALA B 31 -44.45 39.21 -20.74
CA ALA B 31 -44.04 40.20 -21.74
C ALA B 31 -42.59 40.60 -21.47
N ARG B 32 -42.27 40.77 -20.20
CA ARG B 32 -40.91 41.14 -19.80
C ARG B 32 -39.95 40.03 -20.19
N GLU B 33 -40.27 38.82 -19.74
CA GLU B 33 -39.43 37.68 -20.05
C GLU B 33 -39.24 37.59 -21.56
N VAL B 34 -40.34 37.72 -22.30
CA VAL B 34 -40.28 37.64 -23.75
C VAL B 34 -39.61 38.86 -24.38
N ALA B 35 -39.81 40.03 -23.79
CA ALA B 35 -39.20 41.26 -24.30
C ALA B 35 -37.68 41.21 -24.23
N GLU B 36 -37.17 40.50 -23.21
CA GLU B 36 -35.73 40.39 -23.03
C GLU B 36 -35.15 39.37 -23.99
N LYS B 37 -35.88 38.28 -24.21
CA LYS B 37 -35.41 37.25 -25.12
C LYS B 37 -35.33 37.74 -26.56
N TYR B 38 -36.07 38.79 -26.89
CA TYR B 38 -36.03 39.32 -28.26
C TYR B 38 -35.01 40.44 -28.42
N ARG B 39 -34.66 41.11 -27.33
CA ARG B 39 -33.68 42.18 -27.38
C ARG B 39 -32.29 41.58 -27.52
N LYS B 40 -32.06 40.44 -26.88
CA LYS B 40 -30.77 39.75 -26.93
C LYS B 40 -30.59 38.96 -28.23
N GLU B 41 -31.67 38.34 -28.71
CA GLU B 41 -31.60 37.55 -29.94
C GLU B 41 -31.45 38.46 -31.14
N ILE B 42 -31.87 39.71 -30.96
CA ILE B 42 -31.76 40.70 -32.01
C ILE B 42 -30.40 41.40 -31.86
N ILE B 43 -29.92 41.55 -30.63
CA ILE B 43 -28.62 42.18 -30.38
C ILE B 43 -27.49 41.28 -30.87
N GLU B 44 -27.68 39.98 -30.79
CA GLU B 44 -26.67 39.04 -31.26
C GLU B 44 -26.95 38.76 -32.73
N GLY B 45 -28.00 39.38 -33.23
CA GLY B 45 -28.37 39.23 -34.63
C GLY B 45 -28.78 37.84 -35.06
N ALA B 46 -29.67 37.20 -34.31
CA ALA B 46 -30.13 35.87 -34.64
C ALA B 46 -31.61 35.81 -35.00
N ARG B 47 -32.26 36.98 -35.02
CA ARG B 47 -33.68 37.06 -35.35
C ARG B 47 -33.98 38.20 -36.32
N ALA B 48 -34.74 37.90 -37.38
CA ALA B 48 -35.12 38.88 -38.39
C ALA B 48 -36.64 39.05 -38.38
N ASP B 49 -37.34 38.12 -37.73
CA ASP B 49 -38.80 38.13 -37.63
C ASP B 49 -39.25 38.32 -36.18
N LEU B 50 -40.40 38.96 -35.98
CA LEU B 50 -40.92 39.19 -34.64
C LEU B 50 -42.34 38.65 -34.49
N ASN B 51 -42.85 38.02 -35.55
CA ASN B 51 -44.20 37.48 -35.50
C ASN B 51 -44.35 36.38 -34.46
N GLY B 52 -43.27 35.69 -34.14
CA GLY B 52 -43.32 34.62 -33.15
C GLY B 52 -43.64 35.18 -31.78
N PHE B 53 -43.37 36.47 -31.62
CA PHE B 53 -43.59 37.21 -30.38
C PHE B 53 -44.96 37.00 -29.72
N LEU B 54 -45.98 37.44 -30.44
CA LEU B 54 -47.36 37.36 -29.98
C LEU B 54 -47.71 35.95 -29.50
N GLU B 55 -47.42 34.96 -30.32
CA GLU B 55 -47.73 33.57 -29.97
C GLU B 55 -46.98 33.12 -28.74
N ASP B 56 -45.70 33.52 -28.65
CA ASP B 56 -44.87 33.14 -27.52
C ASP B 56 -45.32 33.76 -26.20
N VAL B 57 -45.53 35.07 -26.19
CA VAL B 57 -45.95 35.77 -24.99
C VAL B 57 -47.13 35.08 -24.33
N GLU B 58 -48.05 34.58 -25.14
CA GLU B 58 -49.21 33.89 -24.61
C GLU B 58 -48.82 32.52 -24.07
N ARG B 59 -47.75 31.94 -24.59
CA ARG B 59 -47.28 30.64 -24.14
C ARG B 59 -46.67 30.75 -22.74
N LYS B 60 -45.94 31.85 -22.51
CA LYS B 60 -45.33 32.09 -21.22
C LYS B 60 -46.44 32.21 -20.21
N ILE B 61 -47.44 33.01 -20.55
CA ILE B 61 -48.59 33.22 -19.68
C ILE B 61 -49.24 31.88 -19.31
N LYS B 62 -49.50 31.04 -20.30
CA LYS B 62 -50.10 29.74 -20.06
C LYS B 62 -49.21 28.86 -19.20
N SER B 63 -47.91 29.10 -19.30
CA SER B 63 -46.90 28.35 -18.58
C SER B 63 -46.72 28.90 -17.16
N LEU B 64 -46.43 30.19 -17.08
CA LEU B 64 -46.19 30.85 -15.82
C LEU B 64 -47.38 30.82 -14.83
N MET B 65 -48.55 30.37 -15.30
CA MET B 65 -49.73 30.31 -14.44
C MET B 65 -49.94 28.95 -13.78
N LYS B 66 -49.02 28.02 -13.99
CA LYS B 66 -49.10 26.70 -13.42
C LYS B 66 -47.95 26.55 -12.44
N PRO B 67 -48.21 25.88 -11.31
CA PRO B 67 -47.20 25.65 -10.26
C PRO B 67 -45.98 24.89 -10.78
N ASN B 68 -44.81 25.23 -10.27
CA ASN B 68 -43.57 24.56 -10.68
C ASN B 68 -43.58 23.12 -10.22
N ILE B 69 -43.81 22.94 -8.92
CA ILE B 69 -43.83 21.62 -8.36
C ILE B 69 -45.20 21.03 -8.65
N LYS B 70 -45.20 19.84 -9.25
CA LYS B 70 -46.42 19.16 -9.57
C LYS B 70 -46.31 17.68 -9.39
N ARG B 71 -47.41 17.11 -8.98
CA ARG B 71 -47.51 15.68 -8.81
C ARG B 71 -47.13 15.09 -10.15
N VAL B 72 -46.42 13.96 -10.13
CA VAL B 72 -46.02 13.31 -11.37
C VAL B 72 -46.28 11.81 -11.39
N ILE B 73 -46.85 11.33 -12.49
CA ILE B 73 -47.14 9.91 -12.59
C ILE B 73 -45.87 9.11 -12.90
N ASN B 74 -45.38 8.43 -11.87
CA ASN B 74 -44.16 7.63 -11.93
C ASN B 74 -44.44 6.27 -12.56
N ALA B 75 -43.86 6.01 -13.72
CA ALA B 75 -44.06 4.73 -14.41
C ALA B 75 -42.75 3.94 -14.43
N THR B 76 -41.69 4.51 -13.87
CA THR B 76 -40.37 3.87 -13.89
C THR B 76 -40.26 2.59 -13.06
N GLY B 77 -41.14 2.43 -12.07
CA GLY B 77 -41.11 1.24 -11.25
C GLY B 77 -40.09 1.29 -10.12
N VAL B 78 -39.55 2.48 -9.87
CA VAL B 78 -38.60 2.69 -8.78
C VAL B 78 -39.33 3.35 -7.62
N VAL B 79 -39.53 2.60 -6.53
CA VAL B 79 -40.25 3.14 -5.38
C VAL B 79 -39.53 4.34 -4.73
N ILE B 80 -38.24 4.21 -4.41
CA ILE B 80 -37.51 5.35 -3.81
C ILE B 80 -36.75 6.10 -4.89
N ASN B 81 -37.49 6.90 -5.64
CA ASN B 81 -36.86 7.67 -6.70
C ASN B 81 -36.43 9.02 -6.20
N THR B 82 -35.14 9.11 -5.94
CA THR B 82 -34.51 10.32 -5.46
C THR B 82 -34.97 11.55 -6.24
N ASN B 83 -35.08 11.41 -7.56
CA ASN B 83 -35.47 12.51 -8.42
C ASN B 83 -36.94 12.93 -8.34
N LEU B 84 -37.83 11.95 -8.25
CA LEU B 84 -39.26 12.22 -8.20
C LEU B 84 -39.87 12.54 -6.83
N GLY B 85 -39.01 12.67 -5.82
CA GLY B 85 -39.51 13.02 -4.49
C GLY B 85 -39.65 11.88 -3.49
N ARG B 86 -38.86 10.81 -3.66
CA ARG B 86 -38.87 9.66 -2.75
C ARG B 86 -40.27 9.20 -2.29
N ALA B 87 -40.33 8.67 -1.07
CA ALA B 87 -41.56 8.13 -0.50
C ALA B 87 -42.79 9.03 -0.48
N PRO B 88 -43.84 8.68 -1.27
CA PRO B 88 -45.07 9.49 -1.30
C PRO B 88 -45.92 9.17 -0.07
N LEU B 89 -46.85 10.06 0.26
CA LEU B 89 -47.66 9.91 1.45
C LEU B 89 -49.09 9.41 1.35
N SER B 90 -49.47 8.58 2.30
CA SER B 90 -50.82 8.05 2.34
C SER B 90 -51.72 9.22 2.70
N LYS B 91 -52.95 9.19 2.23
CA LYS B 91 -53.87 10.28 2.51
C LYS B 91 -54.10 10.46 4.01
N ASP B 92 -54.14 9.36 4.76
CA ASP B 92 -54.34 9.41 6.22
C ASP B 92 -53.42 10.46 6.78
N VAL B 93 -52.16 10.28 6.42
CA VAL B 93 -51.11 11.15 6.87
C VAL B 93 -51.31 12.57 6.41
N ILE B 94 -51.44 12.74 5.09
CA ILE B 94 -51.58 14.05 4.51
C ILE B 94 -52.73 14.86 5.11
N ASN B 95 -53.72 14.17 5.66
CA ASN B 95 -54.82 14.88 6.28
C ASN B 95 -54.49 15.31 7.69
N PHE B 96 -53.74 14.48 8.41
CA PHE B 96 -53.36 14.84 9.77
C PHE B 96 -52.43 16.02 9.72
N ILE B 97 -51.63 16.09 8.65
CA ILE B 97 -50.71 17.18 8.46
C ILE B 97 -51.54 18.43 8.12
N SER B 98 -52.50 18.27 7.20
CA SER B 98 -53.37 19.36 6.78
C SER B 98 -54.02 20.05 7.97
N GLU B 99 -54.50 19.25 8.91
CA GLU B 99 -55.17 19.78 10.08
C GLU B 99 -54.27 20.55 11.05
N ILE B 100 -53.10 20.02 11.34
CA ILE B 100 -52.17 20.66 12.26
C ILE B 100 -51.66 21.99 11.69
N ALA B 101 -51.56 22.07 10.37
CA ALA B 101 -51.07 23.27 9.71
C ALA B 101 -52.13 24.33 9.50
N ASN B 102 -53.38 23.89 9.48
CA ASN B 102 -54.49 24.77 9.25
C ASN B 102 -54.56 25.89 10.28
N GLY B 103 -54.11 25.59 11.49
CA GLY B 103 -54.11 26.58 12.54
C GLY B 103 -53.03 26.33 13.55
N TYR B 104 -53.18 26.90 14.72
CA TYR B 104 -52.20 26.72 15.78
C TYR B 104 -52.33 25.32 16.35
N SER B 105 -51.28 24.88 17.03
CA SER B 105 -51.22 23.54 17.61
C SER B 105 -50.27 23.54 18.82
N ASN B 106 -50.22 22.43 19.54
CA ASN B 106 -49.37 22.37 20.73
C ASN B 106 -47.94 21.92 20.39
N LEU B 107 -47.44 22.40 19.26
CA LEU B 107 -46.08 22.14 18.77
C LEU B 107 -45.04 22.15 19.89
N GLU B 108 -44.75 23.34 20.39
CA GLU B 108 -43.78 23.47 21.46
C GLU B 108 -44.50 23.73 22.78
N TYR B 109 -45.78 23.37 22.84
CA TYR B 109 -46.55 23.62 24.05
C TYR B 109 -47.06 22.34 24.71
N ASN B 110 -46.74 22.17 25.99
CA ASN B 110 -47.22 21.04 26.76
C ASN B 110 -48.50 21.57 27.40
N LEU B 111 -49.63 20.92 27.09
CA LEU B 111 -50.90 21.35 27.63
C LEU B 111 -51.04 21.06 29.13
N GLU B 112 -50.28 20.07 29.62
CA GLU B 112 -50.29 19.68 31.02
C GLU B 112 -49.91 20.80 31.96
N GLU B 113 -48.66 21.23 31.84
CA GLU B 113 -48.10 22.25 32.70
C GLU B 113 -48.30 23.67 32.22
N GLY B 114 -48.84 23.86 31.03
CA GLY B 114 -49.08 25.20 30.53
C GLY B 114 -47.86 26.06 30.24
N LYS B 115 -46.71 25.44 30.03
CA LYS B 115 -45.51 26.20 29.70
C LYS B 115 -44.85 25.51 28.52
N ARG B 116 -43.95 26.21 27.83
CA ARG B 116 -43.28 25.64 26.67
C ARG B 116 -42.76 24.23 26.87
N GLY B 117 -42.68 23.47 25.78
CA GLY B 117 -42.18 22.10 25.82
C GLY B 117 -41.42 21.74 24.54
N SER B 118 -40.51 20.75 24.62
CA SER B 118 -39.72 20.33 23.45
C SER B 118 -40.62 19.68 22.41
N ARG B 119 -40.51 20.16 21.17
CA ARG B 119 -41.33 19.65 20.08
C ARG B 119 -40.91 18.23 19.71
N ILE B 120 -39.67 17.86 20.02
CA ILE B 120 -39.15 16.52 19.70
C ILE B 120 -39.72 15.48 20.67
N ALA B 121 -40.43 15.96 21.71
CA ALA B 121 -40.99 15.10 22.75
C ALA B 121 -42.24 14.30 22.37
N HIS B 122 -43.03 14.83 21.43
CA HIS B 122 -44.26 14.15 21.01
C HIS B 122 -44.00 12.79 20.35
N ILE B 123 -43.00 12.75 19.47
CA ILE B 123 -42.66 11.55 18.73
C ILE B 123 -41.84 10.52 19.49
N GLU B 124 -40.66 10.93 19.97
CA GLU B 124 -39.74 10.00 20.63
C GLU B 124 -40.39 8.87 21.38
N LYS B 125 -41.56 9.09 21.96
CA LYS B 125 -42.24 8.03 22.68
C LYS B 125 -42.46 6.87 21.71
N TYR B 126 -42.86 7.19 20.49
CA TYR B 126 -43.09 6.17 19.47
C TYR B 126 -41.81 5.42 19.09
N LEU B 127 -40.74 6.17 18.87
CA LEU B 127 -39.45 5.60 18.47
C LEU B 127 -38.89 4.59 19.44
N ASN B 128 -38.75 5.00 20.68
CA ASN B 128 -38.17 4.12 21.68
C ASN B 128 -38.96 2.83 21.84
N GLU B 129 -40.25 2.86 21.52
CA GLU B 129 -41.07 1.65 21.62
C GLU B 129 -40.86 0.72 20.44
N LEU B 130 -40.81 1.31 19.25
CA LEU B 130 -40.66 0.53 18.05
C LEU B 130 -39.24 -0.02 17.86
N THR B 131 -38.22 0.76 18.24
CA THR B 131 -36.84 0.27 18.05
C THR B 131 -36.31 -0.50 19.23
N GLY B 132 -36.51 0.04 20.43
CA GLY B 132 -36.02 -0.62 21.62
C GLY B 132 -34.82 0.13 22.19
N ALA B 133 -34.46 1.24 21.56
CA ALA B 133 -33.34 2.05 22.02
C ALA B 133 -33.72 2.77 23.34
N GLU B 134 -32.71 3.27 24.04
CA GLU B 134 -32.90 3.96 25.32
C GLU B 134 -33.60 5.31 25.20
N SER B 135 -33.19 6.07 24.18
CA SER B 135 -33.75 7.39 23.92
C SER B 135 -33.61 7.63 22.42
N SER B 136 -34.28 8.66 21.89
CA SER B 136 -34.20 8.96 20.47
C SER B 136 -34.23 10.46 20.20
N PHE B 137 -34.15 10.83 18.92
CA PHE B 137 -34.13 12.23 18.52
C PHE B 137 -34.30 12.27 17.02
N VAL B 138 -34.69 13.43 16.51
CA VAL B 138 -34.93 13.59 15.09
C VAL B 138 -34.56 14.98 14.60
N VAL B 139 -33.93 15.03 13.44
CA VAL B 139 -33.49 16.28 12.83
C VAL B 139 -33.92 16.34 11.36
N ASN B 140 -33.62 17.48 10.72
CA ASN B 140 -33.94 17.74 9.31
C ASN B 140 -33.90 16.50 8.39
N ASN B 141 -32.71 15.94 8.20
CA ASN B 141 -32.54 14.74 7.37
C ASN B 141 -31.41 13.88 7.92
N ASN B 142 -31.17 12.73 7.30
CA ASN B 142 -30.09 11.85 7.77
C ASN B 142 -28.73 12.49 7.52
N ALA B 143 -28.63 13.25 6.44
CA ALA B 143 -27.39 13.95 6.14
C ALA B 143 -26.95 14.65 7.41
N GLY B 144 -27.84 15.51 7.91
CA GLY B 144 -27.55 16.25 9.12
C GLY B 144 -27.46 15.35 10.34
N ALA B 145 -28.17 14.23 10.32
CA ALA B 145 -28.13 13.31 11.45
C ALA B 145 -26.70 12.84 11.64
N VAL B 146 -26.02 12.55 10.53
CA VAL B 146 -24.62 12.14 10.56
C VAL B 146 -23.79 13.26 11.14
N PHE B 147 -23.81 14.38 10.43
CA PHE B 147 -23.08 15.57 10.82
C PHE B 147 -23.22 15.93 12.28
N LEU B 148 -24.42 15.75 12.83
CA LEU B 148 -24.65 16.09 14.22
C LEU B 148 -24.01 15.12 15.20
N VAL B 149 -24.06 13.83 14.89
CA VAL B 149 -23.49 12.82 15.76
C VAL B 149 -21.96 12.92 15.74
N LEU B 150 -21.41 13.33 14.61
CA LEU B 150 -19.96 13.50 14.46
C LEU B 150 -19.46 14.72 15.24
N ASN B 151 -20.08 15.87 14.98
CA ASN B 151 -19.68 17.10 15.65
C ASN B 151 -20.00 17.03 17.16
N THR B 152 -20.96 16.17 17.54
CA THR B 152 -21.35 16.00 18.95
C THR B 152 -20.40 15.14 19.75
N LEU B 153 -19.98 14.01 19.16
CA LEU B 153 -19.13 13.06 19.87
C LEU B 153 -17.67 12.95 19.38
N ALA B 154 -17.33 13.48 18.20
CA ALA B 154 -15.94 13.36 17.74
C ALA B 154 -15.23 14.59 17.14
N GLU B 155 -15.65 15.80 17.47
CA GLU B 155 -14.95 16.97 16.98
C GLU B 155 -13.53 16.93 17.54
N GLY B 156 -12.54 17.08 16.67
CA GLY B 156 -11.16 17.08 17.14
C GLY B 156 -10.58 15.70 17.47
N LYS B 157 -11.41 14.67 17.45
CA LYS B 157 -10.91 13.33 17.75
C LYS B 157 -11.19 12.38 16.60
N GLU B 158 -10.49 11.25 16.59
CA GLU B 158 -10.61 10.31 15.47
C GLU B 158 -11.86 9.40 15.43
N VAL B 159 -12.29 9.07 14.22
CA VAL B 159 -13.41 8.17 13.97
C VAL B 159 -12.99 7.16 12.92
N ILE B 160 -13.11 5.88 13.26
CA ILE B 160 -12.73 4.81 12.38
C ILE B 160 -13.89 4.39 11.48
N ILE B 161 -13.60 4.22 10.20
CA ILE B 161 -14.62 3.79 9.25
C ILE B 161 -13.97 3.03 8.10
N SER B 162 -14.68 2.04 7.57
CA SER B 162 -14.15 1.23 6.48
C SER B 162 -13.98 2.03 5.19
N ARG B 163 -12.90 1.75 4.46
CA ARG B 163 -12.62 2.45 3.22
C ARG B 163 -13.64 2.14 2.13
N GLY B 164 -14.47 1.13 2.37
CA GLY B 164 -15.48 0.77 1.38
C GLY B 164 -16.82 1.42 1.69
N GLU B 165 -16.87 2.16 2.79
CA GLU B 165 -18.10 2.80 3.19
C GLU B 165 -18.06 4.33 3.17
N LEU B 166 -17.07 4.89 2.48
CA LEU B 166 -16.98 6.35 2.34
C LEU B 166 -17.76 6.68 1.09
N VAL B 167 -19.06 6.73 1.25
CA VAL B 167 -19.96 6.93 0.12
C VAL B 167 -20.24 8.36 -0.33
N GLU B 168 -20.84 8.43 -1.53
CA GLU B 168 -21.29 9.67 -2.14
C GLU B 168 -22.72 9.43 -2.55
N ILE B 169 -23.64 9.69 -1.64
CA ILE B 169 -25.05 9.50 -1.94
C ILE B 169 -25.64 10.88 -2.22
N GLY B 170 -26.37 10.99 -3.32
CA GLY B 170 -26.93 12.28 -3.68
C GLY B 170 -25.86 13.03 -4.46
N GLY B 171 -26.16 14.27 -4.81
CA GLY B 171 -25.22 15.04 -5.58
C GLY B 171 -24.20 15.78 -4.74
N SER B 172 -24.59 16.16 -3.52
CA SER B 172 -23.67 16.91 -2.66
C SER B 172 -23.22 16.21 -1.38
N PHE B 173 -23.76 15.03 -1.10
CA PHE B 173 -23.40 14.31 0.11
C PHE B 173 -22.23 13.33 -0.08
N ARG B 174 -21.24 13.42 0.81
CA ARG B 174 -20.04 12.56 0.78
C ARG B 174 -19.50 12.41 2.19
N ILE B 175 -19.55 11.21 2.76
CA ILE B 175 -19.06 11.04 4.13
C ILE B 175 -17.73 11.74 4.38
N PRO B 176 -16.76 11.61 3.47
CA PRO B 176 -15.47 12.26 3.68
C PRO B 176 -15.52 13.79 3.70
N ASP B 177 -16.37 14.39 2.87
CA ASP B 177 -16.43 15.85 2.83
C ASP B 177 -17.23 16.44 3.96
N ILE B 178 -18.26 15.73 4.41
CA ILE B 178 -19.08 16.21 5.53
C ILE B 178 -18.36 16.03 6.86
N MET B 179 -17.85 14.83 7.10
CA MET B 179 -17.17 14.54 8.33
C MET B 179 -16.06 15.55 8.54
N LYS B 180 -15.45 15.99 7.45
CA LYS B 180 -14.40 16.99 7.56
C LYS B 180 -15.03 18.21 8.20
N LYS B 181 -16.05 18.76 7.55
CA LYS B 181 -16.76 19.92 8.05
C LYS B 181 -17.37 19.63 9.43
N SER B 182 -17.48 18.35 9.76
CA SER B 182 -18.01 17.93 11.05
C SER B 182 -17.07 18.23 12.20
N GLY B 183 -15.79 18.40 11.89
CA GLY B 183 -14.81 18.67 12.92
C GLY B 183 -14.16 17.40 13.43
N ALA B 184 -14.65 16.26 12.95
CA ALA B 184 -14.11 14.97 13.36
C ALA B 184 -12.94 14.62 12.45
N ILE B 185 -11.95 13.90 13.01
CA ILE B 185 -10.76 13.46 12.26
C ILE B 185 -11.04 12.08 11.68
N LEU B 186 -10.87 11.92 10.37
CA LEU B 186 -11.19 10.66 9.72
C LEU B 186 -10.05 9.63 9.57
N ARG B 187 -10.27 8.43 10.14
CA ARG B 187 -9.28 7.37 10.07
C ARG B 187 -9.88 6.20 9.32
N GLU B 188 -9.48 6.09 8.06
CA GLU B 188 -9.97 5.09 7.13
C GLU B 188 -9.18 3.78 7.20
N VAL B 189 -9.86 2.68 7.52
CA VAL B 189 -9.21 1.38 7.62
C VAL B 189 -9.63 0.38 6.54
N GLY B 190 -8.80 -0.64 6.34
CA GLY B 190 -9.06 -1.67 5.35
C GLY B 190 -8.78 -1.21 3.93
N THR B 191 -9.46 -1.83 2.98
CA THR B 191 -9.32 -1.48 1.57
C THR B 191 -10.71 -1.46 0.94
N THR B 192 -10.80 -0.92 -0.26
CA THR B 192 -12.09 -0.83 -0.97
C THR B 192 -12.96 -2.07 -0.84
N ASN B 193 -12.57 -3.15 -1.51
CA ASN B 193 -13.35 -4.38 -1.52
C ASN B 193 -13.32 -5.20 -0.22
N LYS B 194 -12.19 -5.19 0.48
CA LYS B 194 -12.10 -5.97 1.70
C LYS B 194 -11.68 -5.20 2.95
N THR B 195 -12.24 -5.60 4.08
CA THR B 195 -11.95 -4.99 5.37
C THR B 195 -12.26 -5.99 6.49
N LYS B 196 -11.22 -6.44 7.18
CA LYS B 196 -11.39 -7.40 8.26
C LYS B 196 -11.57 -6.63 9.55
N VAL B 197 -11.73 -7.34 10.67
CA VAL B 197 -11.89 -6.66 11.94
C VAL B 197 -10.55 -6.14 12.43
N SER B 198 -9.47 -6.84 12.08
CA SER B 198 -8.13 -6.44 12.47
C SER B 198 -7.85 -5.01 12.04
N ASP B 199 -8.42 -4.63 10.91
CA ASP B 199 -8.26 -3.29 10.36
C ASP B 199 -8.81 -2.25 11.34
N TYR B 200 -9.99 -2.51 11.88
CA TYR B 200 -10.62 -1.59 12.84
C TYR B 200 -9.84 -1.49 14.13
N GLU B 201 -9.60 -2.63 14.76
CA GLU B 201 -8.89 -2.69 16.03
C GLU B 201 -7.46 -2.16 15.93
N GLY B 202 -6.89 -2.22 14.74
CA GLY B 202 -5.53 -1.75 14.55
C GLY B 202 -5.32 -0.24 14.64
N ALA B 203 -6.32 0.54 14.22
CA ALA B 203 -6.19 2.00 14.20
C ALA B 203 -6.69 2.70 15.45
N ILE B 204 -7.10 1.94 16.46
CA ILE B 204 -7.58 2.53 17.70
C ILE B 204 -6.41 3.19 18.44
N ASN B 205 -6.71 4.20 19.24
CA ASN B 205 -5.71 4.88 20.05
C ASN B 205 -6.35 5.91 20.97
N GLN B 206 -5.52 6.73 21.61
CA GLN B 206 -5.98 7.75 22.55
C GLN B 206 -7.04 8.72 22.00
N ASN B 207 -6.95 9.03 20.71
CA ASN B 207 -7.88 9.97 20.04
C ASN B 207 -9.18 9.35 19.54
N THR B 208 -9.16 8.04 19.31
CA THR B 208 -10.33 7.35 18.77
C THR B 208 -11.54 7.51 19.67
N ALA B 209 -12.48 8.34 19.25
CA ALA B 209 -13.68 8.57 20.04
C ALA B 209 -14.88 7.88 19.39
N LEU B 210 -14.69 7.37 18.19
CA LEU B 210 -15.81 6.75 17.50
C LEU B 210 -15.51 5.68 16.47
N LEU B 211 -16.39 4.68 16.43
CA LEU B 211 -16.32 3.59 15.47
C LEU B 211 -17.60 3.74 14.64
N MET B 212 -17.44 4.17 13.39
CA MET B 212 -18.60 4.40 12.50
C MET B 212 -18.65 3.52 11.26
N LYS B 213 -19.84 2.99 10.96
CA LYS B 213 -20.05 2.17 9.77
C LYS B 213 -21.21 2.71 8.98
N VAL B 214 -21.02 2.82 7.68
CA VAL B 214 -22.07 3.29 6.81
C VAL B 214 -22.53 2.16 5.92
N HIS B 215 -23.83 2.10 5.70
CA HIS B 215 -24.44 1.07 4.87
C HIS B 215 -24.45 1.51 3.41
N LYS B 216 -23.85 0.72 2.54
CA LYS B 216 -23.84 1.05 1.12
C LYS B 216 -25.25 0.92 0.57
N SER B 217 -26.00 2.02 0.64
CA SER B 217 -27.38 2.06 0.21
C SER B 217 -27.58 2.21 -1.29
N ASN B 218 -26.84 3.12 -1.92
CA ASN B 218 -27.01 3.33 -3.35
C ASN B 218 -25.94 2.71 -4.25
N PHE B 219 -25.37 1.58 -3.83
CA PHE B 219 -24.41 0.84 -4.64
C PHE B 219 -24.04 -0.46 -3.93
N TYR B 220 -23.31 -1.33 -4.62
CA TYR B 220 -22.95 -2.60 -4.03
C TYR B 220 -21.75 -3.18 -4.73
N MET B 221 -21.02 -4.03 -4.04
CA MET B 221 -19.84 -4.64 -4.61
C MET B 221 -19.91 -6.15 -4.60
N GLU B 222 -19.60 -6.74 -5.75
CA GLU B 222 -19.58 -8.18 -5.89
C GLU B 222 -18.23 -8.61 -6.41
N GLY B 223 -17.93 -9.89 -6.22
CA GLY B 223 -16.64 -10.40 -6.60
C GLY B 223 -15.96 -10.59 -5.26
N PHE B 224 -14.63 -10.61 -5.24
CA PHE B 224 -13.93 -10.77 -3.98
C PHE B 224 -14.19 -9.55 -3.08
N VAL B 225 -15.04 -9.74 -2.09
CA VAL B 225 -15.43 -8.66 -1.17
C VAL B 225 -15.61 -9.18 0.26
N GLU B 226 -15.01 -8.48 1.22
CA GLU B 226 -15.11 -8.88 2.62
C GLU B 226 -15.59 -7.67 3.44
N GLU B 227 -16.42 -7.93 4.44
CA GLU B 227 -16.97 -6.88 5.28
C GLU B 227 -16.89 -7.26 6.75
N VAL B 228 -16.90 -6.27 7.63
CA VAL B 228 -16.81 -6.54 9.06
C VAL B 228 -18.20 -6.67 9.67
N LYS B 229 -18.47 -7.84 10.23
CA LYS B 229 -19.76 -8.13 10.85
C LYS B 229 -20.10 -7.09 11.92
N LEU B 230 -21.39 -6.81 12.07
CA LEU B 230 -21.88 -5.85 13.04
C LEU B 230 -21.66 -6.31 14.47
N GLU B 231 -21.88 -7.60 14.72
CA GLU B 231 -21.69 -8.14 16.06
C GLU B 231 -20.25 -7.93 16.49
N ASP B 232 -19.34 -8.03 15.53
CA ASP B 232 -17.92 -7.88 15.84
C ASP B 232 -17.52 -6.48 16.20
N LEU B 233 -18.13 -5.49 15.55
CA LEU B 233 -17.82 -4.10 15.87
C LEU B 233 -18.29 -3.75 17.25
N VAL B 234 -19.46 -4.28 17.62
CA VAL B 234 -20.00 -4.04 18.95
C VAL B 234 -19.03 -4.62 19.99
N LYS B 235 -18.58 -5.85 19.74
CA LYS B 235 -17.63 -6.54 20.62
C LYS B 235 -16.36 -5.71 20.78
N LEU B 236 -15.85 -5.22 19.66
CA LEU B 236 -14.64 -4.41 19.63
C LEU B 236 -14.79 -3.13 20.45
N GLY B 237 -15.96 -2.50 20.33
CA GLY B 237 -16.23 -1.29 21.07
C GLY B 237 -16.26 -1.51 22.58
N HIS B 238 -17.02 -2.51 23.03
CA HIS B 238 -17.11 -2.79 24.45
C HIS B 238 -15.85 -3.34 25.06
N LYS B 239 -14.86 -3.60 24.21
CA LYS B 239 -13.57 -4.11 24.69
C LYS B 239 -12.67 -2.94 25.06
N TYR B 240 -12.71 -1.90 24.24
CA TYR B 240 -11.89 -0.71 24.45
C TYR B 240 -12.69 0.44 25.06
N GLY B 241 -14.01 0.27 25.14
CA GLY B 241 -14.84 1.31 25.70
C GLY B 241 -15.08 2.41 24.68
N ILE B 242 -15.36 2.00 23.43
CA ILE B 242 -15.63 2.95 22.37
C ILE B 242 -17.05 2.76 21.85
N PRO B 243 -17.73 3.87 21.59
CA PRO B 243 -19.11 3.87 21.08
C PRO B 243 -19.19 3.44 19.62
N THR B 244 -20.32 2.81 19.25
CA THR B 244 -20.56 2.36 17.89
C THR B 244 -21.72 3.17 17.27
N TYR B 245 -21.51 3.67 16.05
CA TYR B 245 -22.53 4.47 15.33
C TYR B 245 -22.84 3.96 13.93
N TYR B 246 -24.03 3.41 13.74
CA TYR B 246 -24.41 2.88 12.44
C TYR B 246 -25.32 3.81 11.66
N ASP B 247 -24.86 4.21 10.48
CA ASP B 247 -25.68 5.04 9.61
C ASP B 247 -26.37 4.10 8.63
N ALA B 248 -27.56 3.64 9.00
CA ALA B 248 -28.31 2.74 8.14
C ALA B 248 -28.65 3.42 6.82
N GLY B 249 -29.11 4.66 6.92
CA GLY B 249 -29.45 5.41 5.72
C GLY B 249 -30.82 5.07 5.19
N SER B 250 -31.06 3.79 4.97
CA SER B 250 -32.34 3.32 4.46
C SER B 250 -33.45 3.65 5.44
N GLY B 251 -33.10 3.63 6.73
CA GLY B 251 -34.10 3.92 7.73
C GLY B 251 -35.22 2.90 7.65
N LEU B 252 -34.85 1.63 7.47
CA LEU B 252 -35.84 0.57 7.42
C LEU B 252 -36.26 0.34 8.84
N LEU B 253 -37.54 0.54 9.10
CA LEU B 253 -38.05 0.44 10.44
C LEU B 253 -38.27 -0.98 10.96
N ILE B 254 -38.49 -1.93 10.05
CA ILE B 254 -38.76 -3.29 10.49
C ILE B 254 -38.06 -4.36 9.68
N ASN B 255 -38.17 -5.60 10.16
CA ASN B 255 -37.60 -6.75 9.46
C ASN B 255 -38.36 -6.84 8.14
N LEU B 256 -37.64 -6.99 7.04
CA LEU B 256 -38.27 -7.02 5.72
C LEU B 256 -38.69 -8.42 5.26
N LYS B 257 -38.07 -9.45 5.81
CA LYS B 257 -38.43 -10.80 5.40
C LYS B 257 -39.82 -11.18 5.84
N GLU B 258 -40.35 -10.44 6.79
CA GLU B 258 -41.68 -10.75 7.28
C GLU B 258 -42.76 -10.48 6.24
N PHE B 259 -42.39 -9.80 5.17
CA PHE B 259 -43.35 -9.48 4.13
C PHE B 259 -43.12 -10.27 2.83
N GLY B 260 -42.29 -11.29 2.89
CA GLY B 260 -42.05 -12.11 1.71
C GLY B 260 -40.82 -11.74 0.90
N ILE B 261 -40.34 -10.51 1.08
CA ILE B 261 -39.12 -10.09 0.39
C ILE B 261 -37.92 -10.48 1.21
N SER B 262 -37.09 -11.34 0.63
CA SER B 262 -35.90 -11.86 1.30
C SER B 262 -34.64 -11.05 0.99
N VAL B 263 -34.27 -10.16 1.90
CA VAL B 263 -33.07 -9.34 1.75
C VAL B 263 -32.42 -9.14 3.11
N ASP B 264 -31.15 -8.75 3.11
CA ASP B 264 -30.42 -8.53 4.35
C ASP B 264 -30.45 -7.10 4.85
N GLU B 265 -31.19 -6.24 4.16
CA GLU B 265 -31.28 -4.85 4.55
C GLU B 265 -31.43 -4.74 6.07
N PRO B 266 -30.58 -3.94 6.72
CA PRO B 266 -30.64 -3.77 8.17
C PRO B 266 -31.79 -2.84 8.60
N ASN B 267 -32.23 -3.00 9.86
CA ASN B 267 -33.32 -2.19 10.40
C ASN B 267 -33.05 -1.79 11.85
N PHE B 268 -33.63 -0.68 12.28
CA PHE B 268 -33.44 -0.15 13.63
C PHE B 268 -33.56 -1.16 14.76
N ARG B 269 -34.74 -1.73 14.94
CA ARG B 269 -34.97 -2.68 16.03
C ARG B 269 -33.88 -3.74 16.12
N ASP B 270 -33.62 -4.41 15.00
CA ASP B 270 -32.62 -5.46 14.93
C ASP B 270 -31.21 -4.95 15.19
N CYS B 271 -30.83 -3.83 14.56
CA CYS B 271 -29.49 -3.30 14.77
C CYS B 271 -29.30 -2.77 16.18
N ILE B 272 -30.38 -2.28 16.80
CA ILE B 272 -30.30 -1.77 18.16
C ILE B 272 -30.14 -2.95 19.11
N SER B 273 -30.98 -3.97 18.96
CA SER B 273 -30.93 -5.15 19.82
C SER B 273 -29.65 -5.96 19.58
N LEU B 274 -28.80 -5.48 18.68
CA LEU B 274 -27.53 -6.13 18.35
C LEU B 274 -26.39 -5.64 19.23
N GLY B 275 -26.53 -4.42 19.76
CA GLY B 275 -25.51 -3.87 20.63
C GLY B 275 -24.92 -2.56 20.13
N ILE B 276 -25.46 -2.03 19.04
CA ILE B 276 -24.99 -0.76 18.51
C ILE B 276 -25.47 0.36 19.43
N ASP B 277 -24.59 1.32 19.67
CA ASP B 277 -24.92 2.43 20.56
C ASP B 277 -25.77 3.52 19.90
N LEU B 278 -25.59 3.73 18.60
CA LEU B 278 -26.36 4.75 17.88
C LEU B 278 -26.69 4.30 16.47
N VAL B 279 -27.84 4.74 16.00
CA VAL B 279 -28.28 4.39 14.66
C VAL B 279 -29.09 5.52 14.04
N SER B 280 -28.85 5.81 12.76
CA SER B 280 -29.57 6.87 12.08
C SER B 280 -30.09 6.45 10.70
N GLY B 281 -30.95 7.28 10.13
CA GLY B 281 -31.49 6.97 8.81
C GLY B 281 -32.53 7.98 8.39
N SER B 282 -32.74 8.08 7.08
CA SER B 282 -33.72 9.00 6.51
C SER B 282 -35.14 8.47 6.67
N GLY B 283 -36.09 9.38 6.89
CA GLY B 283 -37.48 8.98 7.03
C GLY B 283 -38.18 8.79 5.69
N ASP B 284 -37.71 9.51 4.68
CA ASP B 284 -38.29 9.47 3.34
C ASP B 284 -37.74 8.39 2.43
N1 LLP B 285 -26.12 8.28 4.25
C2 LLP B 285 -26.82 7.20 3.80
C2' LLP B 285 -26.16 5.82 3.75
C3 LLP B 285 -28.13 7.34 3.37
O3 LLP B 285 -28.81 6.28 2.91
C4 LLP B 285 -28.74 8.58 3.43
C4' LLP B 285 -30.08 8.75 3.03
C5 LLP B 285 -28.01 9.68 3.90
C6 LLP B 285 -26.68 9.48 4.31
C5' LLP B 285 -28.56 11.12 3.99
OP4 LLP B 285 -29.97 11.15 4.09
P LLP B 285 -30.78 12.51 3.73
OP1 LLP B 285 -30.18 13.73 4.29
OP2 LLP B 285 -32.18 12.30 4.21
OP3 LLP B 285 -30.89 12.55 2.24
N LLP B 285 -37.18 7.35 3.04
CA LLP B 285 -36.64 6.22 2.31
CB LLP B 285 -35.16 6.01 2.65
CG LLP B 285 -34.23 6.66 1.73
CD LLP B 285 -32.81 6.52 2.21
CE LLP B 285 -32.12 7.85 2.14
NZ LLP B 285 -30.75 7.70 2.58
C LLP B 285 -37.47 5.01 2.65
O LLP B 285 -38.66 4.98 2.38
N LEU B 286 -36.82 4.04 3.28
CA LEU B 286 -37.50 2.82 3.66
C LEU B 286 -38.49 2.96 4.79
N LEU B 287 -38.60 4.15 5.35
CA LEU B 287 -39.57 4.30 6.42
C LEU B 287 -40.91 4.68 5.79
N GLY B 288 -40.82 5.40 4.68
CA GLY B 288 -42.03 5.79 3.97
C GLY B 288 -42.65 7.08 4.43
N GLY B 289 -42.00 7.78 5.35
CA GLY B 289 -42.55 9.02 5.87
C GLY B 289 -41.93 10.27 5.26
N PRO B 290 -42.14 11.46 5.86
CA PRO B 290 -41.56 12.70 5.33
C PRO B 290 -40.06 12.78 5.61
N GLN B 291 -39.36 13.68 4.94
CA GLN B 291 -37.91 13.85 5.09
C GLN B 291 -37.56 14.08 6.55
N ALA B 292 -36.67 13.24 7.09
CA ALA B 292 -36.27 13.37 8.49
C ALA B 292 -35.07 12.52 8.89
N GLY B 293 -34.16 13.12 9.67
CA GLY B 293 -33.01 12.40 10.15
C GLY B 293 -33.39 11.75 11.46
N ILE B 294 -33.29 10.43 11.52
CA ILE B 294 -33.67 9.75 12.74
C ILE B 294 -32.52 9.10 13.44
N ILE B 295 -32.44 9.36 14.73
CA ILE B 295 -31.37 8.83 15.53
C ILE B 295 -31.93 8.16 16.77
N VAL B 296 -31.42 6.98 17.04
CA VAL B 296 -31.85 6.20 18.19
C VAL B 296 -30.65 5.46 18.76
N GLY B 297 -30.61 5.34 20.08
CA GLY B 297 -29.53 4.65 20.75
C GLY B 297 -29.49 4.93 22.24
N LYS B 298 -28.30 4.85 22.81
CA LYS B 298 -28.09 5.07 24.26
C LYS B 298 -28.59 6.45 24.70
N LYS B 299 -29.19 6.50 25.88
CA LYS B 299 -29.73 7.73 26.46
C LYS B 299 -28.64 8.78 26.65
N ASN B 300 -27.55 8.35 27.26
CA ASN B 300 -26.38 9.15 27.56
C ASN B 300 -25.83 9.87 26.31
N LEU B 301 -26.01 9.24 25.16
CA LEU B 301 -25.54 9.78 23.89
C LEU B 301 -26.55 10.73 23.27
N ILE B 302 -27.81 10.34 23.34
CA ILE B 302 -28.90 11.15 22.82
C ILE B 302 -28.89 12.49 23.53
N GLU B 303 -28.72 12.46 24.85
CA GLU B 303 -28.69 13.68 25.65
C GLU B 303 -27.55 14.56 25.20
N LYS B 304 -26.44 13.95 24.82
CA LYS B 304 -25.26 14.68 24.39
C LYS B 304 -25.50 15.36 23.05
N ILE B 305 -26.22 14.67 22.20
CA ILE B 305 -26.51 15.19 20.88
C ILE B 305 -27.55 16.31 20.95
N LYS B 306 -28.59 16.11 21.76
CA LYS B 306 -29.63 17.12 21.92
C LYS B 306 -29.09 18.45 22.39
N LYS B 307 -28.23 18.41 23.40
CA LYS B 307 -27.67 19.62 23.97
C LYS B 307 -26.78 20.40 23.00
N ASN B 308 -26.29 19.75 21.93
CA ASN B 308 -25.43 20.46 20.96
C ASN B 308 -26.17 21.65 20.35
N PRO B 309 -25.57 22.84 20.43
CA PRO B 309 -26.13 24.09 19.91
C PRO B 309 -26.50 24.06 18.42
N ILE B 310 -26.04 23.02 17.71
CA ILE B 310 -26.34 22.91 16.29
C ILE B 310 -27.67 22.18 16.03
N ALA B 311 -28.14 21.44 17.03
CA ALA B 311 -29.40 20.70 16.92
C ALA B 311 -30.58 21.63 16.64
N ARG B 312 -30.45 22.88 17.04
CA ARG B 312 -31.49 23.88 16.84
C ARG B 312 -31.60 24.31 15.39
N ALA B 313 -30.49 24.17 14.66
CA ALA B 313 -30.46 24.55 13.27
C ALA B 313 -30.89 23.40 12.38
N LEU B 314 -31.11 22.25 13.00
CA LEU B 314 -31.53 21.05 12.28
C LEU B 314 -32.91 20.63 12.71
N ARG B 315 -33.33 21.12 13.87
CA ARG B 315 -34.64 20.75 14.40
C ARG B 315 -35.67 20.84 13.29
N ILE B 316 -36.52 19.82 13.23
CA ILE B 316 -37.55 19.68 12.20
C ILE B 316 -38.67 20.68 12.23
N ASP B 317 -39.27 20.90 11.07
CA ASP B 317 -40.39 21.83 10.93
C ASP B 317 -41.69 21.19 11.36
N LYS B 318 -42.71 22.03 11.51
CA LYS B 318 -44.04 21.61 11.95
C LYS B 318 -44.69 20.57 11.02
N LEU B 319 -44.42 20.68 9.72
CA LEU B 319 -45.00 19.78 8.72
C LEU B 319 -44.52 18.35 8.82
N THR B 320 -43.21 18.14 8.69
CA THR B 320 -42.65 16.80 8.77
C THR B 320 -42.80 16.15 10.13
N LEU B 321 -42.84 16.98 11.16
CA LEU B 321 -42.99 16.48 12.51
C LEU B 321 -44.33 15.75 12.67
N SER B 322 -45.41 16.47 12.47
CA SER B 322 -46.73 15.88 12.57
C SER B 322 -46.80 14.71 11.61
N GLY B 323 -46.53 14.99 10.34
CA GLY B 323 -46.59 13.95 9.33
C GLY B 323 -45.78 12.74 9.69
N LEU B 324 -44.79 12.95 10.55
CA LEU B 324 -43.97 11.84 10.98
C LEU B 324 -44.67 11.02 12.04
N GLU B 325 -45.40 11.70 12.91
CA GLU B 325 -46.13 11.03 13.98
C GLU B 325 -47.22 10.11 13.45
N MET B 326 -47.94 10.55 12.42
CA MET B 326 -49.02 9.74 11.87
C MET B 326 -48.46 8.56 11.08
N THR B 327 -47.23 8.68 10.60
CA THR B 327 -46.61 7.58 9.88
C THR B 327 -46.15 6.57 10.90
N LEU B 328 -45.78 7.10 12.06
CA LEU B 328 -45.32 6.27 13.14
C LEU B 328 -46.50 5.59 13.81
N LYS B 329 -47.63 6.28 13.81
CA LYS B 329 -48.85 5.73 14.38
C LYS B 329 -49.27 4.54 13.55
N LEU B 330 -49.19 4.68 12.22
CA LEU B 330 -49.57 3.59 11.34
C LEU B 330 -48.73 2.34 11.59
N TYR B 331 -47.45 2.54 11.92
CA TYR B 331 -46.55 1.42 12.17
C TYR B 331 -46.89 0.63 13.44
N PHE B 332 -47.43 1.30 14.45
CA PHE B 332 -47.81 0.64 15.70
C PHE B 332 -49.07 -0.19 15.52
N GLU B 333 -49.96 0.32 14.66
CA GLU B 333 -51.22 -0.34 14.38
C GLU B 333 -51.07 -1.40 13.30
N LYS B 334 -49.84 -1.65 12.87
CA LYS B 334 -49.57 -2.63 11.82
C LYS B 334 -50.30 -2.33 10.50
N ARG B 335 -50.70 -1.07 10.27
CA ARG B 335 -51.39 -0.66 9.04
C ARG B 335 -50.44 -0.55 7.83
N TYR B 336 -49.50 -1.49 7.72
CA TYR B 336 -48.50 -1.50 6.64
C TYR B 336 -48.93 -1.06 5.25
N GLU B 337 -49.97 -1.68 4.70
CA GLU B 337 -50.40 -1.34 3.35
C GLU B 337 -50.75 0.13 3.15
N ASP B 338 -50.96 0.86 4.25
CA ASP B 338 -51.32 2.28 4.15
C ASP B 338 -50.17 3.19 3.82
N ILE B 339 -48.95 2.67 3.95
CA ILE B 339 -47.76 3.45 3.65
C ILE B 339 -47.24 3.02 2.29
N PRO B 340 -47.45 3.88 1.28
CA PRO B 340 -47.09 3.76 -0.14
C PRO B 340 -45.87 2.90 -0.46
N VAL B 341 -44.72 3.33 0.05
CA VAL B 341 -43.47 2.64 -0.22
C VAL B 341 -43.53 1.16 0.16
N ILE B 342 -44.20 0.85 1.27
CA ILE B 342 -44.34 -0.53 1.75
C ILE B 342 -45.22 -1.34 0.81
N ARG B 343 -46.35 -0.77 0.44
CA ARG B 343 -47.28 -1.49 -0.41
C ARG B 343 -46.73 -1.74 -1.80
N MET B 344 -46.02 -0.75 -2.35
CA MET B 344 -45.47 -0.89 -3.68
C MET B 344 -44.47 -2.01 -3.87
N LEU B 345 -43.67 -2.26 -2.85
CA LEU B 345 -42.68 -3.32 -2.95
C LEU B 345 -43.23 -4.69 -2.62
N THR B 346 -44.22 -4.74 -1.73
CA THR B 346 -44.81 -6.00 -1.26
C THR B 346 -46.06 -6.40 -2.04
N GLN B 347 -46.25 -5.77 -3.18
CA GLN B 347 -47.40 -6.01 -4.03
C GLN B 347 -47.34 -7.42 -4.64
N ASP B 348 -48.49 -8.11 -4.69
CA ASP B 348 -48.58 -9.46 -5.26
C ASP B 348 -48.21 -9.46 -6.74
N GLU B 349 -47.42 -10.47 -7.15
CA GLU B 349 -47.04 -10.55 -8.56
C GLU B 349 -48.34 -10.54 -9.33
N LYS B 350 -49.30 -11.29 -8.82
CA LYS B 350 -50.62 -11.37 -9.41
C LYS B 350 -51.15 -9.95 -9.49
N ALA B 351 -51.12 -9.26 -8.36
CA ALA B 351 -51.59 -7.90 -8.28
C ALA B 351 -51.09 -7.01 -9.42
N LEU B 352 -49.79 -7.07 -9.72
CA LEU B 352 -49.18 -6.26 -10.78
C LEU B 352 -49.77 -6.50 -12.17
N ARG B 353 -49.88 -7.76 -12.55
CA ARG B 353 -50.42 -8.11 -13.86
C ARG B 353 -51.85 -7.59 -13.95
N GLN B 354 -52.57 -7.73 -12.83
CA GLN B 354 -53.95 -7.31 -12.68
C GLN B 354 -54.15 -5.86 -13.12
N LYS B 355 -53.15 -5.03 -12.84
CA LYS B 355 -53.20 -3.62 -13.18
C LYS B 355 -52.54 -3.42 -14.55
N ALA B 356 -51.65 -4.33 -14.90
CA ALA B 356 -50.95 -4.25 -16.19
C ALA B 356 -51.93 -4.40 -17.36
N LYS B 357 -52.84 -5.37 -17.27
CA LYS B 357 -53.80 -5.59 -18.35
C LYS B 357 -55.04 -4.68 -18.25
N ARG B 358 -55.31 -4.09 -17.08
CA ARG B 358 -56.47 -3.19 -16.93
C ARG B 358 -56.19 -1.86 -17.60
N LEU B 359 -54.91 -1.62 -17.90
CA LEU B 359 -54.46 -0.39 -18.56
C LEU B 359 -54.42 -0.64 -20.07
N GLU B 360 -53.99 -1.84 -20.43
CA GLU B 360 -53.90 -2.26 -21.82
C GLU B 360 -55.30 -2.32 -22.43
N LYS B 361 -56.29 -2.53 -21.56
CA LYS B 361 -57.68 -2.61 -21.96
C LYS B 361 -58.19 -1.18 -22.21
N LEU B 362 -57.49 -0.20 -21.66
CA LEU B 362 -57.88 1.20 -21.83
C LEU B 362 -57.17 1.89 -22.99
N LEU B 363 -56.21 1.21 -23.63
CA LEU B 363 -55.47 1.84 -24.72
C LEU B 363 -55.61 1.12 -26.08
N LYS B 364 -56.34 0.02 -26.12
CA LYS B 364 -56.55 -0.72 -27.38
C LYS B 364 -57.19 0.14 -28.47
N ASP B 365 -58.09 1.03 -28.06
CA ASP B 365 -58.80 1.88 -29.03
C ASP B 365 -57.98 3.05 -29.59
N ILE B 366 -57.16 3.69 -28.76
CA ILE B 366 -56.35 4.83 -29.22
C ILE B 366 -55.62 4.48 -30.51
N PRO B 367 -55.70 5.35 -31.53
CA PRO B 367 -55.09 5.19 -32.85
C PRO B 367 -53.57 5.04 -32.93
N GLY B 368 -53.15 4.01 -33.66
CA GLY B 368 -51.74 3.73 -33.90
C GLY B 368 -50.96 3.10 -32.76
N LEU B 369 -51.64 2.71 -31.68
CA LEU B 369 -50.96 2.15 -30.51
C LEU B 369 -50.71 0.64 -30.50
N LYS B 370 -49.44 0.28 -30.43
CA LYS B 370 -49.01 -1.12 -30.36
C LYS B 370 -48.80 -1.45 -28.89
N ILE B 371 -49.82 -2.07 -28.30
CA ILE B 371 -49.82 -2.39 -26.88
C ILE B 371 -49.54 -3.85 -26.52
N SER B 372 -48.53 -4.06 -25.67
CA SER B 372 -48.17 -5.40 -25.22
C SER B 372 -47.72 -5.35 -23.74
N VAL B 373 -47.99 -6.44 -23.00
CA VAL B 373 -47.65 -6.54 -21.58
C VAL B 373 -46.49 -7.53 -21.36
N ILE B 374 -45.34 -7.04 -20.88
CA ILE B 374 -44.17 -7.90 -20.66
C ILE B 374 -43.80 -8.08 -19.18
N LYS B 375 -43.33 -9.28 -18.83
CA LYS B 375 -42.91 -9.60 -17.45
C LYS B 375 -41.40 -9.38 -17.41
N ASP B 376 -40.99 -8.31 -16.73
CA ASP B 376 -39.59 -7.95 -16.65
C ASP B 376 -39.10 -7.93 -15.20
N LYS B 377 -37.79 -8.08 -15.01
CA LYS B 377 -37.19 -8.04 -13.68
C LYS B 377 -36.43 -6.70 -13.53
N ALA B 378 -36.94 -5.84 -12.66
CA ALA B 378 -36.33 -4.55 -12.41
C ALA B 378 -35.82 -4.45 -10.99
N LYS B 379 -35.18 -3.33 -10.67
CA LYS B 379 -34.67 -3.09 -9.31
C LYS B 379 -35.45 -1.93 -8.70
N PRO B 380 -36.50 -2.26 -7.94
CA PRO B 380 -37.42 -1.34 -7.27
C PRO B 380 -36.75 -0.20 -6.50
N GLY B 381 -35.86 -0.55 -5.58
CA GLY B 381 -35.20 0.44 -4.74
C GLY B 381 -34.20 1.34 -5.44
N GLY B 382 -34.41 2.65 -5.31
CA GLY B 382 -33.54 3.62 -5.95
C GLY B 382 -32.53 4.24 -5.00
N GLY B 383 -33.00 4.65 -3.83
CA GLY B 383 -32.09 5.29 -2.89
C GLY B 383 -31.86 4.50 -1.61
N SER B 384 -32.33 3.26 -1.55
CA SER B 384 -32.19 2.46 -0.33
C SER B 384 -31.85 0.97 -0.52
N LEU B 385 -32.35 0.35 -1.59
CA LEU B 385 -32.05 -1.07 -1.87
C LEU B 385 -31.47 -1.22 -3.26
N PRO B 386 -30.14 -1.16 -3.36
CA PRO B 386 -29.35 -1.27 -4.58
C PRO B 386 -29.41 -2.59 -5.32
N GLU B 387 -29.24 -3.67 -4.56
CA GLU B 387 -29.23 -4.99 -5.18
C GLU B 387 -30.60 -5.61 -5.45
N LEU B 388 -31.63 -5.25 -4.66
CA LEU B 388 -32.95 -5.82 -4.88
C LEU B 388 -33.41 -5.82 -6.33
N GLU B 389 -33.90 -6.97 -6.77
CA GLU B 389 -34.38 -7.16 -8.12
C GLU B 389 -35.66 -7.97 -8.00
N LEU B 390 -36.78 -7.35 -8.36
CA LEU B 390 -38.07 -8.02 -8.24
C LEU B 390 -38.86 -7.96 -9.53
N PRO B 391 -39.57 -9.05 -9.86
CA PRO B 391 -40.38 -9.14 -11.08
C PRO B 391 -41.58 -8.20 -11.06
N THR B 392 -41.90 -7.58 -12.20
CA THR B 392 -43.04 -6.65 -12.30
C THR B 392 -43.50 -6.53 -13.75
N TYR B 393 -44.80 -6.36 -13.95
CA TYR B 393 -45.38 -6.28 -15.29
C TYR B 393 -45.40 -4.90 -15.93
N CYS B 394 -44.69 -4.78 -17.06
CA CYS B 394 -44.63 -3.53 -17.82
C CYS B 394 -45.54 -3.63 -19.02
N VAL B 395 -46.26 -2.55 -19.32
CA VAL B 395 -47.09 -2.53 -20.53
C VAL B 395 -46.33 -1.69 -21.55
N ALA B 396 -45.53 -2.38 -22.35
CA ALA B 396 -44.71 -1.74 -23.37
C ALA B 396 -45.53 -1.28 -24.57
N ILE B 397 -45.38 -0.01 -24.94
CA ILE B 397 -46.13 0.49 -26.10
C ILE B 397 -45.28 1.12 -27.20
N ARG B 398 -45.88 1.20 -28.39
CA ARG B 398 -45.22 1.75 -29.56
C ARG B 398 -46.17 2.22 -30.67
N HIS B 399 -46.02 3.49 -31.04
CA HIS B 399 -46.83 4.17 -32.04
C HIS B 399 -46.08 4.18 -33.38
N ASP B 400 -46.81 3.99 -34.48
CA ASP B 400 -46.21 3.99 -35.80
C ASP B 400 -45.73 5.38 -36.23
N ARG B 401 -46.56 6.38 -35.95
CA ARG B 401 -46.22 7.75 -36.33
C ARG B 401 -45.05 8.35 -35.54
N LEU B 402 -45.13 8.33 -34.21
CA LEU B 402 -44.09 8.89 -33.35
C LEU B 402 -43.12 7.84 -32.81
N SER B 403 -41.90 8.26 -32.46
CA SER B 403 -40.88 7.36 -31.92
C SER B 403 -40.87 7.38 -30.40
N SER B 404 -40.43 6.27 -29.80
CA SER B 404 -40.39 6.13 -28.35
C SER B 404 -39.70 7.31 -27.64
N GLN B 405 -38.63 7.81 -28.24
CA GLN B 405 -37.90 8.94 -27.65
C GLN B 405 -38.78 10.17 -27.56
N GLU B 406 -39.31 10.61 -28.71
CA GLU B 406 -40.17 11.78 -28.74
C GLU B 406 -41.37 11.56 -27.83
N LEU B 407 -41.78 10.30 -27.68
CA LEU B 407 -42.92 9.95 -26.86
C LEU B 407 -42.68 10.29 -25.38
N SER B 408 -41.57 9.83 -24.81
CA SER B 408 -41.29 10.13 -23.40
C SER B 408 -41.27 11.63 -23.17
N ARG B 409 -40.69 12.35 -24.13
CA ARG B 409 -40.56 13.81 -24.07
C ARG B 409 -41.90 14.55 -23.90
N ARG B 410 -42.88 14.22 -24.73
CA ARG B 410 -44.18 14.89 -24.61
C ARG B 410 -44.93 14.47 -23.36
N LEU B 411 -44.74 13.23 -22.91
CA LEU B 411 -45.40 12.72 -21.71
C LEU B 411 -44.92 13.45 -20.46
N ARG B 412 -43.69 13.94 -20.49
CA ARG B 412 -43.15 14.65 -19.34
C ARG B 412 -43.61 16.11 -19.39
N LEU B 413 -44.19 16.50 -20.52
CA LEU B 413 -44.68 17.85 -20.72
C LEU B 413 -46.19 17.92 -20.55
N ALA B 414 -46.79 16.76 -20.30
CA ALA B 414 -48.23 16.67 -20.13
C ALA B 414 -48.66 17.23 -18.79
N GLU B 415 -49.96 17.41 -18.63
CA GLU B 415 -50.49 17.91 -17.38
C GLU B 415 -51.68 17.05 -17.00
N PRO B 416 -51.46 16.12 -16.06
CA PRO B 416 -50.20 15.88 -15.36
C PRO B 416 -49.14 15.21 -16.24
N PRO B 417 -47.86 15.41 -15.89
CA PRO B 417 -46.75 14.84 -16.63
C PRO B 417 -46.49 13.37 -16.26
N ILE B 418 -46.01 12.62 -17.25
CA ILE B 418 -45.72 11.19 -17.08
C ILE B 418 -44.29 10.83 -17.43
N VAL B 419 -43.55 10.27 -16.48
CA VAL B 419 -42.17 9.87 -16.72
C VAL B 419 -42.09 8.35 -16.74
N CYS B 420 -41.44 7.83 -17.78
CA CYS B 420 -41.33 6.39 -17.95
C CYS B 420 -39.99 5.92 -18.50
N ARG B 421 -39.74 4.62 -18.38
CA ARG B 421 -38.49 4.01 -18.86
C ARG B 421 -38.51 3.88 -20.36
N ILE B 422 -37.32 3.76 -20.93
CA ILE B 422 -37.19 3.55 -22.36
C ILE B 422 -36.17 2.46 -22.51
N ARG B 423 -36.45 1.52 -23.39
CA ARG B 423 -35.54 0.39 -23.59
C ARG B 423 -35.66 -0.12 -25.02
N GLU B 424 -34.68 0.21 -25.85
CA GLU B 424 -34.68 -0.25 -27.23
C GLU B 424 -35.94 0.27 -27.95
N ASP B 425 -36.01 1.58 -28.13
CA ASP B 425 -37.14 2.22 -28.82
C ASP B 425 -38.52 1.67 -28.47
N GLN B 426 -38.71 1.24 -27.23
CA GLN B 426 -40.02 0.75 -26.81
C GLN B 426 -40.27 1.34 -25.44
N LEU B 427 -41.22 2.24 -25.36
CA LEU B 427 -41.57 2.89 -24.10
C LEU B 427 -42.09 1.80 -23.14
N LEU B 428 -41.71 1.88 -21.86
CA LEU B 428 -42.17 0.92 -20.85
C LEU B 428 -42.84 1.61 -19.66
N PHE B 429 -43.81 0.93 -19.07
CA PHE B 429 -44.55 1.46 -17.91
C PHE B 429 -44.58 0.42 -16.78
N ASP B 430 -43.70 0.57 -15.78
CA ASP B 430 -43.66 -0.35 -14.64
C ASP B 430 -44.87 -0.06 -13.76
N MET B 431 -45.67 -1.08 -13.50
CA MET B 431 -46.89 -0.93 -12.70
C MET B 431 -46.61 -0.94 -11.19
N ARG B 432 -45.36 -1.18 -10.81
CA ARG B 432 -45.00 -1.20 -9.40
C ARG B 432 -45.23 0.14 -8.73
N THR B 433 -45.12 1.22 -9.49
CA THR B 433 -45.26 2.55 -8.94
C THR B 433 -46.49 3.33 -9.39
N VAL B 434 -47.32 2.75 -10.23
CA VAL B 434 -48.48 3.47 -10.74
C VAL B 434 -49.76 3.28 -9.91
N PHE B 435 -50.35 4.40 -9.48
CA PHE B 435 -51.58 4.35 -8.71
C PHE B 435 -52.76 4.12 -9.65
N HIS B 436 -53.82 3.52 -9.12
CA HIS B 436 -55.01 3.23 -9.91
C HIS B 436 -55.62 4.43 -10.62
N GLU B 437 -55.86 5.51 -9.87
CA GLU B 437 -56.49 6.68 -10.46
C GLU B 437 -55.68 7.31 -11.58
N ASP B 438 -54.49 6.78 -11.83
CA ASP B 438 -53.64 7.31 -12.89
C ASP B 438 -53.95 6.62 -14.21
N LEU B 439 -54.41 5.38 -14.14
CA LEU B 439 -54.75 4.60 -15.33
C LEU B 439 -55.70 5.35 -16.25
N LYS B 440 -56.68 5.99 -15.64
CA LYS B 440 -57.63 6.76 -16.42
C LYS B 440 -56.98 8.02 -16.97
N THR B 441 -56.01 8.54 -16.22
CA THR B 441 -55.29 9.76 -16.62
C THR B 441 -54.24 9.44 -17.69
N ILE B 442 -53.81 8.18 -17.74
CA ILE B 442 -52.82 7.73 -18.72
C ILE B 442 -53.43 7.66 -20.12
N LYS B 443 -54.61 7.04 -20.17
CA LYS B 443 -55.35 6.89 -21.42
C LYS B 443 -55.79 8.22 -22.02
N LYS B 444 -56.24 9.15 -21.18
CA LYS B 444 -56.71 10.45 -21.66
C LYS B 444 -55.55 11.33 -22.13
N THR B 445 -54.34 11.02 -21.67
CA THR B 445 -53.14 11.77 -22.05
C THR B 445 -52.65 11.28 -23.42
N LEU B 446 -52.67 9.96 -23.58
CA LEU B 446 -52.23 9.32 -24.81
C LEU B 446 -53.13 9.67 -25.97
N GLN B 447 -54.44 9.69 -25.71
CA GLN B 447 -55.40 10.00 -26.76
C GLN B 447 -55.40 11.47 -27.13
N GLU B 448 -54.87 12.33 -26.26
CA GLU B 448 -54.82 13.77 -26.54
C GLU B 448 -53.54 14.19 -27.26
N LEU B 449 -52.62 13.24 -27.42
CA LEU B 449 -51.32 13.51 -28.04
C LEU B 449 -51.20 12.89 -29.43
N LEU B 450 -51.86 11.75 -29.63
CA LEU B 450 -51.77 11.05 -30.90
C LEU B 450 -52.97 11.35 -31.80
N SER B 451 -53.96 12.03 -31.25
CA SER B 451 -55.15 12.40 -31.99
C SER B 451 -55.24 13.92 -32.18
N ILE B 452 -54.27 14.66 -31.66
CA ILE B 452 -54.28 16.11 -31.79
C ILE B 452 -53.33 16.56 -32.89
N MET C 1 0.11 -44.94 33.02
CA MET C 1 -0.33 -44.74 31.61
C MET C 1 0.90 -44.61 30.72
N LYS C 2 2.01 -45.16 31.18
CA LYS C 2 3.29 -45.17 30.46
C LYS C 2 3.54 -46.60 29.98
N SER C 3 2.43 -47.29 29.74
CA SER C 3 2.44 -48.67 29.27
C SER C 3 1.62 -48.74 27.97
N LEU C 4 0.87 -47.66 27.70
CA LEU C 4 0.05 -47.55 26.51
C LEU C 4 0.89 -46.93 25.39
N LEU C 5 2.13 -46.60 25.73
CA LEU C 5 3.06 -46.00 24.77
C LEU C 5 4.34 -46.84 24.63
N ARG C 6 4.69 -47.61 25.66
CA ARG C 6 5.87 -48.49 25.61
C ARG C 6 5.60 -49.46 24.48
N GLN C 7 4.32 -49.77 24.33
CA GLN C 7 3.84 -50.69 23.32
C GLN C 7 4.42 -50.38 21.94
N ILE C 8 4.13 -49.18 21.46
CA ILE C 8 4.62 -48.71 20.16
C ILE C 8 5.96 -49.34 19.79
N PRO C 9 5.99 -50.09 18.67
CA PRO C 9 7.23 -50.74 18.22
C PRO C 9 8.42 -49.82 17.99
N GLN C 10 9.52 -50.39 17.51
CA GLN C 10 10.74 -49.65 17.25
C GLN C 10 10.96 -49.42 15.76
N ILE C 11 11.59 -48.31 15.41
CA ILE C 11 11.83 -48.00 14.00
C ILE C 11 12.66 -49.10 13.35
N SER C 12 13.46 -49.79 14.15
CA SER C 12 14.26 -50.88 13.63
C SER C 12 13.28 -51.98 13.27
N LYS C 13 12.27 -52.15 14.12
CA LYS C 13 11.23 -53.15 13.96
C LYS C 13 10.34 -52.96 12.73
N VAL C 14 9.86 -51.73 12.50
CA VAL C 14 9.00 -51.47 11.36
C VAL C 14 9.77 -51.49 10.05
N VAL C 15 11.03 -51.07 10.09
CA VAL C 15 11.87 -51.08 8.90
C VAL C 15 11.94 -52.53 8.41
N GLU C 16 11.99 -53.45 9.37
CA GLU C 16 12.05 -54.87 9.06
C GLU C 16 10.71 -55.26 8.42
N ILE C 17 9.59 -54.90 9.05
CA ILE C 17 8.24 -55.20 8.55
C ILE C 17 8.05 -54.80 7.08
N PHE C 18 8.94 -53.97 6.58
CA PHE C 18 8.90 -53.52 5.20
C PHE C 18 10.28 -53.78 4.59
N ALA C 19 10.69 -55.05 4.53
CA ALA C 19 11.99 -55.39 3.98
C ALA C 19 12.13 -54.80 2.57
N LYS C 20 11.48 -55.40 1.59
CA LYS C 20 11.52 -54.89 0.22
C LYS C 20 10.20 -54.18 -0.08
N ALA C 21 9.35 -54.10 0.93
CA ALA C 21 8.05 -53.45 0.82
C ALA C 21 8.17 -52.04 0.26
N TYR C 22 9.09 -51.26 0.84
CA TYR C 22 9.32 -49.88 0.43
C TYR C 22 10.76 -49.50 0.77
N PRO C 23 11.33 -48.47 0.11
CA PRO C 23 12.71 -48.06 0.40
C PRO C 23 12.91 -47.81 1.90
N GLU C 24 14.04 -48.26 2.46
CA GLU C 24 14.29 -48.07 3.89
C GLU C 24 14.22 -46.61 4.30
N ILE C 25 14.67 -45.71 3.43
CA ILE C 25 14.64 -44.27 3.74
C ILE C 25 13.21 -43.81 3.99
N TYR C 26 12.33 -44.08 3.04
CA TYR C 26 10.95 -43.68 3.15
C TYR C 26 10.18 -44.34 4.29
N VAL C 27 10.62 -45.53 4.68
CA VAL C 27 9.97 -46.25 5.76
C VAL C 27 10.28 -45.58 7.09
N VAL C 28 11.54 -45.31 7.35
CA VAL C 28 11.93 -44.68 8.60
C VAL C 28 11.31 -43.29 8.73
N LYS C 29 11.18 -42.57 7.62
CA LYS C 29 10.59 -41.22 7.62
C LYS C 29 9.14 -41.31 8.06
N ALA C 30 8.43 -42.28 7.51
CA ALA C 30 7.02 -42.50 7.82
C ALA C 30 6.86 -43.03 9.24
N ALA C 31 7.82 -43.81 9.70
CA ALA C 31 7.77 -44.37 11.04
C ALA C 31 7.96 -43.26 12.08
N ARG C 32 8.87 -42.34 11.80
CA ARG C 32 9.14 -41.22 12.70
C ARG C 32 7.91 -40.34 12.81
N GLU C 33 7.41 -39.89 11.66
CA GLU C 33 6.22 -39.04 11.64
C GLU C 33 5.11 -39.74 12.42
N VAL C 34 4.90 -41.03 12.12
CA VAL C 34 3.86 -41.80 12.79
C VAL C 34 4.18 -42.04 14.27
N ALA C 35 5.44 -42.27 14.60
CA ALA C 35 5.85 -42.50 15.98
C ALA C 35 5.59 -41.28 16.85
N GLU C 36 5.70 -40.09 16.26
CA GLU C 36 5.47 -38.85 16.99
C GLU C 36 3.98 -38.61 17.20
N LYS C 37 3.18 -38.93 16.17
CA LYS C 37 1.74 -38.75 16.23
C LYS C 37 1.09 -39.66 17.29
N TYR C 38 1.75 -40.77 17.63
CA TYR C 38 1.20 -41.69 18.63
C TYR C 38 1.69 -41.39 20.06
N ARG C 39 2.84 -40.73 20.17
CA ARG C 39 3.40 -40.36 21.48
C ARG C 39 2.60 -39.20 22.05
N LYS C 40 2.19 -38.28 21.18
CA LYS C 40 1.42 -37.11 21.60
C LYS C 40 -0.06 -37.44 21.82
N GLU C 41 -0.61 -38.32 20.99
CA GLU C 41 -2.02 -38.70 21.10
C GLU C 41 -2.26 -39.57 22.34
N ILE C 42 -1.21 -40.23 22.81
CA ILE C 42 -1.33 -41.06 24.00
C ILE C 42 -1.01 -40.23 25.25
N ILE C 43 -0.14 -39.23 25.10
CA ILE C 43 0.23 -38.34 26.20
C ILE C 43 -0.94 -37.46 26.62
N GLU C 44 -1.74 -37.06 25.63
CA GLU C 44 -2.92 -36.23 25.90
C GLU C 44 -4.08 -37.17 26.23
N GLY C 45 -3.82 -38.47 26.16
CA GLY C 45 -4.84 -39.48 26.44
C GLY C 45 -6.03 -39.51 25.49
N ALA C 46 -5.76 -39.51 24.18
CA ALA C 46 -6.83 -39.53 23.18
C ALA C 46 -6.86 -40.82 22.35
N ARG C 47 -5.95 -41.75 22.65
CA ARG C 47 -5.89 -43.02 21.93
C ARG C 47 -5.73 -44.20 22.88
N ALA C 48 -6.55 -45.22 22.67
CA ALA C 48 -6.52 -46.43 23.48
C ALA C 48 -6.10 -47.60 22.61
N ASP C 49 -6.22 -47.43 21.30
CA ASP C 49 -5.86 -48.48 20.35
C ASP C 49 -4.61 -48.09 19.56
N LEU C 50 -3.82 -49.09 19.18
CA LEU C 50 -2.61 -48.84 18.42
C LEU C 50 -2.61 -49.66 17.12
N ASN C 51 -3.70 -50.38 16.87
CA ASN C 51 -3.83 -51.21 15.66
C ASN C 51 -3.74 -50.38 14.39
N GLY C 52 -4.18 -49.13 14.48
CA GLY C 52 -4.15 -48.26 13.31
C GLY C 52 -2.74 -47.95 12.86
N PHE C 53 -1.78 -48.15 13.77
CA PHE C 53 -0.37 -47.88 13.49
C PHE C 53 0.22 -48.47 12.20
N LEU C 54 0.20 -49.80 12.06
CA LEU C 54 0.75 -50.47 10.89
C LEU C 54 0.14 -50.00 9.56
N GLU C 55 -1.18 -49.91 9.49
CA GLU C 55 -1.85 -49.45 8.26
C GLU C 55 -1.48 -48.02 7.92
N ASP C 56 -1.38 -47.16 8.93
CA ASP C 56 -1.03 -45.75 8.74
C ASP C 56 0.39 -45.54 8.22
N VAL C 57 1.36 -46.15 8.89
CA VAL C 57 2.77 -46.02 8.48
C VAL C 57 2.95 -46.29 7.00
N GLU C 58 2.20 -47.28 6.48
CA GLU C 58 2.29 -47.62 5.07
C GLU C 58 1.62 -46.53 4.21
N ARG C 59 0.66 -45.82 4.79
CA ARG C 59 -0.04 -44.75 4.08
C ARG C 59 0.87 -43.53 3.91
N LYS C 60 1.68 -43.24 4.94
CA LYS C 60 2.60 -42.12 4.88
C LYS C 60 3.61 -42.43 3.79
N ILE C 61 4.12 -43.65 3.82
CA ILE C 61 5.07 -44.08 2.82
C ILE C 61 4.51 -43.88 1.41
N LYS C 62 3.28 -44.34 1.18
CA LYS C 62 2.63 -44.20 -0.12
C LYS C 62 2.42 -42.74 -0.50
N SER C 63 2.29 -41.91 0.52
CA SER C 63 2.07 -40.48 0.34
C SER C 63 3.39 -39.74 0.18
N LEU C 64 4.30 -39.95 1.12
CA LEU C 64 5.60 -39.29 1.11
C LEU C 64 6.44 -39.59 -0.13
N MET C 65 6.08 -40.60 -0.93
CA MET C 65 6.84 -40.94 -2.13
C MET C 65 6.33 -40.24 -3.38
N LYS C 66 5.32 -39.41 -3.20
CA LYS C 66 4.73 -38.67 -4.28
C LYS C 66 4.89 -37.20 -3.99
N PRO C 67 5.35 -36.43 -5.01
CA PRO C 67 5.53 -34.98 -4.81
C PRO C 67 4.21 -34.28 -4.42
N ASN C 68 4.30 -33.22 -3.62
CA ASN C 68 3.11 -32.48 -3.18
C ASN C 68 2.34 -31.73 -4.26
N ILE C 69 2.95 -30.72 -4.90
CA ILE C 69 2.24 -29.99 -5.94
C ILE C 69 1.83 -31.01 -7.02
N LYS C 70 0.57 -31.00 -7.40
CA LYS C 70 0.07 -31.95 -8.40
C LYS C 70 -0.92 -31.28 -9.35
N ARG C 71 -0.93 -31.75 -10.58
CA ARG C 71 -1.84 -31.28 -11.61
C ARG C 71 -3.23 -31.55 -11.03
N VAL C 72 -4.16 -30.64 -11.26
CA VAL C 72 -5.52 -30.80 -10.77
C VAL C 72 -6.56 -30.46 -11.85
N ILE C 73 -7.56 -31.32 -11.99
CA ILE C 73 -8.56 -31.13 -13.02
C ILE C 73 -9.61 -30.10 -12.58
N ASN C 74 -9.52 -28.91 -13.17
CA ASN C 74 -10.41 -27.79 -12.86
C ASN C 74 -11.73 -27.92 -13.60
N ALA C 75 -12.82 -28.08 -12.84
CA ALA C 75 -14.16 -28.20 -13.42
C ALA C 75 -15.04 -27.01 -13.05
N THR C 76 -14.48 -26.07 -12.30
CA THR C 76 -15.22 -24.90 -11.84
C THR C 76 -15.64 -23.94 -12.97
N GLY C 77 -14.90 -23.97 -14.08
CA GLY C 77 -15.23 -23.11 -15.21
C GLY C 77 -14.65 -21.71 -15.09
N VAL C 78 -13.74 -21.55 -14.13
CA VAL C 78 -13.05 -20.28 -13.90
C VAL C 78 -11.69 -20.35 -14.57
N VAL C 79 -11.50 -19.59 -15.64
CA VAL C 79 -10.22 -19.58 -16.34
C VAL C 79 -9.06 -19.05 -15.47
N ILE C 80 -9.19 -17.86 -14.91
CA ILE C 80 -8.14 -17.32 -14.04
C ILE C 80 -8.47 -17.63 -12.58
N ASN C 81 -8.23 -18.87 -12.19
CA ASN C 81 -8.52 -19.29 -10.83
C ASN C 81 -7.27 -19.07 -9.97
N THR C 82 -7.30 -17.97 -9.22
CA THR C 82 -6.19 -17.60 -8.35
C THR C 82 -5.74 -18.78 -7.47
N ASN C 83 -6.70 -19.57 -7.01
CA ASN C 83 -6.45 -20.75 -6.15
C ASN C 83 -5.73 -21.90 -6.88
N LEU C 84 -6.19 -22.22 -8.07
CA LEU C 84 -5.67 -23.36 -8.84
C LEU C 84 -4.41 -23.09 -9.69
N GLY C 85 -3.80 -21.91 -9.55
CA GLY C 85 -2.58 -21.63 -10.29
C GLY C 85 -2.73 -20.80 -11.56
N ARG C 86 -3.76 -19.97 -11.62
CA ARG C 86 -4.02 -19.08 -12.76
C ARG C 86 -3.75 -19.71 -14.13
N ALA C 87 -3.36 -18.88 -15.09
CA ALA C 87 -3.12 -19.30 -16.47
C ALA C 87 -2.19 -20.51 -16.71
N PRO C 88 -2.75 -21.63 -17.20
CA PRO C 88 -1.96 -22.84 -17.49
C PRO C 88 -1.20 -22.64 -18.81
N LEU C 89 -0.15 -23.42 -19.03
CA LEU C 89 0.68 -23.22 -20.22
C LEU C 89 0.60 -24.27 -21.37
N SER C 90 0.78 -23.79 -22.61
CA SER C 90 0.72 -24.62 -23.82
C SER C 90 1.99 -25.46 -23.90
N LYS C 91 1.87 -26.65 -24.49
CA LYS C 91 3.01 -27.56 -24.61
C LYS C 91 4.19 -26.89 -25.32
N ASP C 92 3.90 -26.13 -26.36
CA ASP C 92 4.96 -25.44 -27.11
C ASP C 92 5.87 -24.70 -26.17
N VAL C 93 5.25 -23.94 -25.27
CA VAL C 93 5.97 -23.17 -24.27
C VAL C 93 6.74 -24.08 -23.32
N ILE C 94 6.02 -25.01 -22.68
CA ILE C 94 6.64 -25.93 -21.73
C ILE C 94 7.86 -26.66 -22.26
N ASN C 95 7.91 -26.87 -23.57
CA ASN C 95 9.05 -27.55 -24.14
C ASN C 95 10.22 -26.60 -24.30
N PHE C 96 9.94 -25.35 -24.66
CA PHE C 96 10.99 -24.36 -24.83
C PHE C 96 11.63 -24.07 -23.48
N ILE C 97 10.81 -24.11 -22.43
CA ILE C 97 11.33 -23.89 -21.09
C ILE C 97 12.15 -25.11 -20.71
N SER C 98 11.60 -26.28 -20.98
CA SER C 98 12.25 -27.55 -20.70
C SER C 98 13.68 -27.56 -21.24
N GLU C 99 13.82 -27.13 -22.49
CA GLU C 99 15.11 -27.09 -23.18
C GLU C 99 16.13 -26.14 -22.56
N ILE C 100 15.71 -24.93 -22.26
CA ILE C 100 16.59 -23.92 -21.69
C ILE C 100 17.07 -24.30 -20.28
N ALA C 101 16.23 -25.06 -19.58
CA ALA C 101 16.54 -25.48 -18.21
C ALA C 101 17.35 -26.77 -18.14
N ASN C 102 17.34 -27.58 -19.19
CA ASN C 102 18.10 -28.83 -19.15
C ASN C 102 19.61 -28.60 -19.08
N GLY C 103 20.06 -27.45 -19.55
CA GLY C 103 21.48 -27.14 -19.50
C GLY C 103 21.77 -25.65 -19.38
N TYR C 104 23.00 -25.27 -19.71
CA TYR C 104 23.40 -23.88 -19.66
C TYR C 104 22.78 -23.17 -20.86
N SER C 105 22.66 -21.85 -20.76
CA SER C 105 22.03 -21.04 -21.80
C SER C 105 22.68 -19.66 -21.78
N ASN C 106 22.36 -18.83 -22.77
CA ASN C 106 22.95 -17.49 -22.82
C ASN C 106 22.11 -16.50 -22.04
N LEU C 107 21.60 -16.97 -20.89
CA LEU C 107 20.77 -16.17 -20.01
C LEU C 107 21.34 -14.77 -19.79
N GLU C 108 22.50 -14.67 -19.15
CA GLU C 108 23.10 -13.35 -18.91
C GLU C 108 24.28 -13.15 -19.86
N TYR C 109 24.29 -13.92 -20.93
CA TYR C 109 25.40 -13.86 -21.87
C TYR C 109 25.03 -13.39 -23.28
N ASN C 110 25.65 -12.31 -23.74
CA ASN C 110 25.42 -11.81 -25.10
C ASN C 110 26.48 -12.52 -25.93
N LEU C 111 26.04 -13.34 -26.88
CA LEU C 111 26.96 -14.10 -27.70
C LEU C 111 27.74 -13.21 -28.68
N GLU C 112 27.18 -12.05 -29.02
CA GLU C 112 27.81 -11.10 -29.92
C GLU C 112 29.16 -10.59 -29.45
N GLU C 113 29.13 -9.88 -28.33
CA GLU C 113 30.32 -9.27 -27.77
C GLU C 113 31.11 -10.15 -26.82
N GLY C 114 30.57 -11.33 -26.50
CA GLY C 114 31.26 -12.25 -25.61
C GLY C 114 31.48 -11.82 -24.16
N LYS C 115 30.66 -10.89 -23.67
CA LYS C 115 30.78 -10.44 -22.29
C LYS C 115 29.38 -10.48 -21.70
N ARG C 116 29.27 -10.47 -20.38
CA ARG C 116 27.95 -10.53 -19.74
C ARG C 116 26.94 -9.54 -20.33
N GLY C 117 25.66 -9.89 -20.23
CA GLY C 117 24.60 -9.05 -20.75
C GLY C 117 23.39 -9.13 -19.85
N SER C 118 22.57 -8.09 -19.86
CA SER C 118 21.36 -8.07 -19.03
C SER C 118 20.37 -9.13 -19.52
N ARG C 119 19.89 -9.95 -18.58
CA ARG C 119 18.95 -11.03 -18.92
C ARG C 119 17.57 -10.47 -19.29
N ILE C 120 17.30 -9.24 -18.88
CA ILE C 120 16.04 -8.60 -19.16
C ILE C 120 16.01 -8.13 -20.63
N ALA C 121 17.18 -8.14 -21.27
CA ALA C 121 17.33 -7.66 -22.65
C ALA C 121 16.70 -8.56 -23.72
N HIS C 122 16.60 -9.85 -23.45
CA HIS C 122 16.05 -10.80 -24.40
C HIS C 122 14.59 -10.52 -24.75
N ILE C 123 13.80 -10.29 -23.70
CA ILE C 123 12.37 -10.05 -23.82
C ILE C 123 11.99 -8.67 -24.32
N GLU C 124 12.41 -7.65 -23.55
CA GLU C 124 12.07 -6.26 -23.81
C GLU C 124 11.80 -5.92 -25.27
N LYS C 125 12.55 -6.52 -26.17
CA LYS C 125 12.34 -6.24 -27.57
C LYS C 125 10.92 -6.61 -27.97
N TYR C 126 10.41 -7.72 -27.43
CA TYR C 126 9.03 -8.16 -27.69
C TYR C 126 8.01 -7.14 -27.18
N LEU C 127 8.21 -6.74 -25.92
CA LEU C 127 7.33 -5.78 -25.24
C LEU C 127 7.14 -4.45 -25.95
N ASN C 128 8.26 -3.80 -26.24
CA ASN C 128 8.22 -2.50 -26.90
C ASN C 128 7.44 -2.57 -28.22
N GLU C 129 7.50 -3.71 -28.89
CA GLU C 129 6.79 -3.89 -30.16
C GLU C 129 5.31 -4.10 -30.01
N LEU C 130 4.94 -4.95 -29.07
CA LEU C 130 3.55 -5.27 -28.84
C LEU C 130 2.78 -4.13 -28.16
N THR C 131 3.43 -3.42 -27.23
CA THR C 131 2.79 -2.31 -26.52
C THR C 131 2.87 -0.95 -27.26
N GLY C 132 4.05 -0.59 -27.74
CA GLY C 132 4.22 0.69 -28.42
C GLY C 132 4.87 1.69 -27.49
N ALA C 133 5.21 1.23 -26.28
CA ALA C 133 5.87 2.07 -25.28
C ALA C 133 7.32 2.35 -25.70
N GLU C 134 7.95 3.34 -25.07
CA GLU C 134 9.32 3.72 -25.43
C GLU C 134 10.40 2.73 -24.94
N SER C 135 10.18 2.14 -23.78
CA SER C 135 11.10 1.15 -23.23
C SER C 135 10.27 0.29 -22.29
N SER C 136 10.80 -0.86 -21.87
CA SER C 136 10.05 -1.74 -20.97
C SER C 136 10.97 -2.43 -19.96
N PHE C 137 10.38 -3.20 -19.05
CA PHE C 137 11.12 -3.91 -18.00
C PHE C 137 10.20 -4.98 -17.41
N VAL C 138 10.80 -5.98 -16.76
CA VAL C 138 10.03 -7.07 -16.16
C VAL C 138 10.65 -7.52 -14.85
N VAL C 139 9.80 -7.78 -13.87
CA VAL C 139 10.22 -8.20 -12.54
C VAL C 139 9.39 -9.43 -12.10
N ASN C 140 9.70 -10.00 -10.94
CA ASN C 140 9.03 -11.21 -10.44
C ASN C 140 7.52 -11.28 -10.71
N ASN C 141 6.74 -10.33 -10.15
CA ASN C 141 5.29 -10.30 -10.38
C ASN C 141 4.78 -8.85 -10.37
N ASN C 142 3.49 -8.65 -10.63
CA ASN C 142 2.99 -7.27 -10.66
C ASN C 142 2.98 -6.64 -9.28
N ALA C 143 2.81 -7.47 -8.25
CA ALA C 143 2.82 -6.96 -6.89
C ALA C 143 4.09 -6.14 -6.75
N GLY C 144 5.22 -6.76 -7.07
CA GLY C 144 6.49 -6.06 -6.99
C GLY C 144 6.64 -4.98 -8.04
N ALA C 145 5.96 -5.14 -9.18
CA ALA C 145 6.02 -4.14 -10.22
C ALA C 145 5.52 -2.82 -9.68
N VAL C 146 4.45 -2.90 -8.89
CA VAL C 146 3.86 -1.74 -8.24
C VAL C 146 4.88 -1.15 -7.28
N PHE C 147 5.26 -1.97 -6.31
CA PHE C 147 6.23 -1.60 -5.29
C PHE C 147 7.47 -0.91 -5.85
N LEU C 148 7.96 -1.42 -6.98
CA LEU C 148 9.15 -0.87 -7.61
C LEU C 148 8.93 0.52 -8.18
N VAL C 149 7.82 0.70 -8.88
CA VAL C 149 7.51 1.99 -9.48
C VAL C 149 7.29 3.07 -8.43
N LEU C 150 6.71 2.69 -7.30
CA LEU C 150 6.45 3.64 -6.22
C LEU C 150 7.72 4.04 -5.49
N ASN C 151 8.51 3.05 -5.10
CA ASN C 151 9.76 3.31 -4.39
C ASN C 151 10.77 3.99 -5.33
N THR C 152 10.60 3.79 -6.65
CA THR C 152 11.50 4.40 -7.63
C THR C 152 11.17 5.85 -7.93
N LEU C 153 9.88 6.15 -8.06
CA LEU C 153 9.42 7.48 -8.42
C LEU C 153 8.77 8.32 -7.31
N ALA C 154 8.30 7.69 -6.22
CA ALA C 154 7.62 8.47 -5.17
C ALA C 154 8.02 8.25 -3.70
N GLU C 155 9.20 7.70 -3.44
CA GLU C 155 9.60 7.54 -2.04
C GLU C 155 9.65 8.93 -1.42
N GLY C 156 8.98 9.10 -0.29
CA GLY C 156 9.02 10.39 0.39
C GLY C 156 8.11 11.47 -0.18
N LYS C 157 7.52 11.22 -1.34
CA LYS C 157 6.64 12.20 -1.97
C LYS C 157 5.24 11.63 -2.17
N GLU C 158 4.28 12.53 -2.39
CA GLU C 158 2.87 12.17 -2.55
C GLU C 158 2.46 11.49 -3.86
N VAL C 159 1.51 10.55 -3.75
CA VAL C 159 0.93 9.83 -4.88
C VAL C 159 -0.57 9.90 -4.73
N ILE C 160 -1.25 10.49 -5.71
CA ILE C 160 -2.69 10.61 -5.66
C ILE C 160 -3.36 9.41 -6.30
N ILE C 161 -4.39 8.89 -5.61
CA ILE C 161 -5.11 7.71 -6.08
C ILE C 161 -6.55 7.77 -5.61
N SER C 162 -7.47 7.25 -6.41
CA SER C 162 -8.88 7.27 -6.06
C SER C 162 -9.19 6.36 -4.87
N ARG C 163 -10.09 6.82 -4.01
CA ARG C 163 -10.49 6.06 -2.83
C ARG C 163 -11.20 4.76 -3.18
N GLY C 164 -11.65 4.65 -4.43
CA GLY C 164 -12.35 3.45 -4.85
C GLY C 164 -11.41 2.44 -5.50
N GLU C 165 -10.15 2.81 -5.63
CA GLU C 165 -9.16 1.94 -6.26
C GLU C 165 -8.08 1.41 -5.31
N LEU C 166 -8.30 1.53 -4.01
CA LEU C 166 -7.33 1.00 -3.03
C LEU C 166 -7.77 -0.44 -2.72
N VAL C 167 -7.34 -1.37 -3.57
CA VAL C 167 -7.75 -2.77 -3.49
C VAL C 167 -6.96 -3.75 -2.62
N GLU C 168 -7.56 -4.92 -2.45
CA GLU C 168 -6.97 -6.05 -1.73
C GLU C 168 -7.11 -7.26 -2.61
N ILE C 169 -6.15 -7.49 -3.49
CA ILE C 169 -6.23 -8.66 -4.34
C ILE C 169 -5.27 -9.69 -3.76
N GLY C 170 -5.75 -10.92 -3.65
CA GLY C 170 -4.94 -11.97 -3.07
C GLY C 170 -5.12 -11.89 -1.57
N GLY C 171 -4.37 -12.70 -0.84
CA GLY C 171 -4.52 -12.74 0.59
C GLY C 171 -3.63 -11.73 1.30
N SER C 172 -2.48 -11.38 0.71
CA SER C 172 -1.60 -10.44 1.39
C SER C 172 -1.31 -9.14 0.64
N PHE C 173 -1.85 -8.97 -0.56
CA PHE C 173 -1.62 -7.74 -1.33
C PHE C 173 -2.72 -6.69 -1.09
N ARG C 174 -2.30 -5.47 -0.75
CA ARG C 174 -3.21 -4.36 -0.50
C ARG C 174 -2.50 -3.06 -0.89
N ILE C 175 -3.01 -2.38 -1.90
CA ILE C 175 -2.40 -1.12 -2.35
C ILE C 175 -1.97 -0.24 -1.17
N PRO C 176 -2.88 -0.01 -0.21
CA PRO C 176 -2.51 0.83 0.94
C PRO C 176 -1.38 0.30 1.83
N ASP C 177 -1.34 -1.01 2.05
CA ASP C 177 -0.31 -1.60 2.91
C ASP C 177 1.05 -1.68 2.24
N ILE C 178 1.07 -1.96 0.94
CA ILE C 178 2.35 -2.06 0.25
C ILE C 178 2.92 -0.67 -0.07
N MET C 179 2.08 0.23 -0.58
CA MET C 179 2.51 1.58 -0.91
C MET C 179 3.16 2.20 0.32
N LYS C 180 2.67 1.83 1.50
CA LYS C 180 3.25 2.34 2.74
C LYS C 180 4.69 1.85 2.75
N LYS C 181 4.84 0.53 2.69
CA LYS C 181 6.16 -0.11 2.67
C LYS C 181 6.98 0.41 1.50
N SER C 182 6.30 0.94 0.49
CA SER C 182 6.95 1.49 -0.70
C SER C 182 7.74 2.76 -0.42
N GLY C 183 7.37 3.45 0.65
CA GLY C 183 8.05 4.69 0.99
C GLY C 183 7.31 5.88 0.42
N ALA C 184 6.29 5.61 -0.39
CA ALA C 184 5.52 6.66 -1.00
C ALA C 184 4.41 7.09 -0.04
N ILE C 185 4.04 8.37 -0.08
CA ILE C 185 2.98 8.86 0.79
C ILE C 185 1.67 8.84 0.01
N LEU C 186 0.65 8.23 0.60
CA LEU C 186 -0.64 8.04 -0.07
C LEU C 186 -1.70 9.14 0.11
N ARG C 187 -2.13 9.74 -1.00
CA ARG C 187 -3.17 10.76 -1.00
C ARG C 187 -4.39 10.23 -1.75
N GLU C 188 -5.38 9.80 -0.98
CA GLU C 188 -6.60 9.23 -1.54
C GLU C 188 -7.66 10.27 -1.81
N VAL C 189 -8.10 10.36 -3.07
CA VAL C 189 -9.12 11.32 -3.44
C VAL C 189 -10.45 10.68 -3.80
N GLY C 190 -11.49 11.50 -3.82
CA GLY C 190 -12.83 11.05 -4.15
C GLY C 190 -13.49 10.26 -3.04
N THR C 191 -14.42 9.40 -3.41
CA THR C 191 -15.09 8.53 -2.45
C THR C 191 -15.23 7.14 -3.05
N THR C 192 -15.63 6.18 -2.24
CA THR C 192 -15.75 4.80 -2.72
C THR C 192 -16.39 4.64 -4.10
N ASN C 193 -17.70 4.86 -4.18
CA ASN C 193 -18.45 4.70 -5.43
C ASN C 193 -18.20 5.76 -6.49
N LYS C 194 -17.97 7.01 -6.10
CA LYS C 194 -17.74 8.06 -7.07
C LYS C 194 -16.45 8.86 -6.91
N THR C 195 -15.90 9.27 -8.05
CA THR C 195 -14.66 10.04 -8.08
C THR C 195 -14.57 10.80 -9.39
N LYS C 196 -14.68 12.12 -9.31
CA LYS C 196 -14.61 12.94 -10.52
C LYS C 196 -13.17 13.34 -10.75
N VAL C 197 -12.92 14.12 -11.80
CA VAL C 197 -11.58 14.58 -12.14
C VAL C 197 -11.15 15.62 -11.11
N SER C 198 -12.09 16.48 -10.71
CA SER C 198 -11.82 17.54 -9.74
C SER C 198 -11.11 17.02 -8.51
N ASP C 199 -11.48 15.81 -8.10
CA ASP C 199 -10.89 15.18 -6.93
C ASP C 199 -9.38 14.99 -7.11
N TYR C 200 -8.98 14.53 -8.29
CA TYR C 200 -7.56 14.33 -8.58
C TYR C 200 -6.80 15.65 -8.61
N GLU C 201 -7.25 16.54 -9.47
CA GLU C 201 -6.64 17.86 -9.63
C GLU C 201 -6.61 18.67 -8.34
N GLY C 202 -7.55 18.42 -7.45
CA GLY C 202 -7.62 19.17 -6.21
C GLY C 202 -6.55 18.85 -5.17
N ALA C 203 -6.04 17.62 -5.16
CA ALA C 203 -5.04 17.22 -4.19
C ALA C 203 -3.59 17.35 -4.65
N ILE C 204 -3.37 17.89 -5.84
CA ILE C 204 -2.01 18.04 -6.32
C ILE C 204 -1.31 19.18 -5.56
N ASN C 205 0.02 19.11 -5.49
CA ASN C 205 0.83 20.14 -4.85
C ASN C 205 2.32 19.87 -5.08
N GLN C 206 3.18 20.59 -4.36
CA GLN C 206 4.61 20.45 -4.56
C GLN C 206 5.17 19.05 -4.32
N ASN C 207 4.55 18.26 -3.46
CA ASN C 207 5.05 16.91 -3.19
C ASN C 207 4.47 15.83 -4.11
N THR C 208 3.39 16.16 -4.81
CA THR C 208 2.79 15.17 -5.69
C THR C 208 3.71 14.78 -6.82
N ALA C 209 4.24 13.57 -6.72
CA ALA C 209 5.15 13.07 -7.73
C ALA C 209 4.51 12.01 -8.60
N LEU C 210 3.31 11.57 -8.25
CA LEU C 210 2.66 10.53 -9.03
C LEU C 210 1.14 10.51 -8.98
N LEU C 211 0.57 10.21 -10.13
CA LEU C 211 -0.87 10.10 -10.29
C LEU C 211 -1.05 8.62 -10.64
N MET C 212 -1.56 7.83 -9.68
CA MET C 212 -1.73 6.38 -9.89
C MET C 212 -3.18 5.89 -9.87
N LYS C 213 -3.52 5.02 -10.82
CA LYS C 213 -4.86 4.44 -10.95
C LYS C 213 -4.75 2.93 -11.03
N VAL C 214 -5.56 2.26 -10.21
CA VAL C 214 -5.57 0.81 -10.19
C VAL C 214 -6.85 0.31 -10.80
N HIS C 215 -6.77 -0.74 -11.60
CA HIS C 215 -7.97 -1.31 -12.18
C HIS C 215 -8.58 -2.34 -11.25
N LYS C 216 -9.86 -2.17 -10.95
CA LYS C 216 -10.57 -3.10 -10.10
C LYS C 216 -10.71 -4.44 -10.84
N SER C 217 -9.71 -5.30 -10.66
CA SER C 217 -9.65 -6.61 -11.31
C SER C 217 -10.56 -7.68 -10.71
N ASN C 218 -10.55 -7.84 -9.40
CA ASN C 218 -11.36 -8.89 -8.79
C ASN C 218 -12.63 -8.45 -8.06
N PHE C 219 -13.25 -7.38 -8.54
CA PHE C 219 -14.51 -6.88 -7.97
C PHE C 219 -15.04 -5.76 -8.86
N TYR C 220 -16.27 -5.34 -8.58
CA TYR C 220 -16.88 -4.28 -9.37
C TYR C 220 -18.00 -3.60 -8.58
N MET C 221 -18.26 -2.34 -8.90
CA MET C 221 -19.30 -1.56 -8.21
C MET C 221 -20.38 -1.10 -9.18
N GLU C 222 -21.63 -1.33 -8.82
CA GLU C 222 -22.76 -0.90 -9.63
C GLU C 222 -23.67 -0.06 -8.76
N GLY C 223 -24.48 0.74 -9.43
CA GLY C 223 -25.35 1.65 -8.72
C GLY C 223 -24.70 3.00 -8.94
N PHE C 224 -24.97 3.97 -8.07
CA PHE C 224 -24.35 5.28 -8.25
C PHE C 224 -22.85 5.15 -8.11
N VAL C 225 -22.18 5.13 -9.26
CA VAL C 225 -20.73 4.99 -9.34
C VAL C 225 -20.15 5.83 -10.48
N GLU C 226 -19.16 6.68 -10.18
CA GLU C 226 -18.50 7.53 -11.19
C GLU C 226 -16.99 7.27 -11.19
N GLU C 227 -16.38 7.34 -12.36
CA GLU C 227 -14.94 7.11 -12.49
C GLU C 227 -14.32 8.16 -13.39
N VAL C 228 -13.02 8.37 -13.26
CA VAL C 228 -12.32 9.36 -14.07
C VAL C 228 -11.76 8.72 -15.33
N LYS C 229 -12.22 9.21 -16.49
CA LYS C 229 -11.77 8.69 -17.77
C LYS C 229 -10.24 8.76 -17.82
N LEU C 230 -9.62 7.73 -18.38
CA LEU C 230 -8.17 7.67 -18.51
C LEU C 230 -7.60 8.85 -19.27
N GLU C 231 -8.30 9.24 -20.33
CA GLU C 231 -7.85 10.35 -21.13
C GLU C 231 -7.74 11.61 -20.28
N ASP C 232 -8.63 11.74 -19.31
CA ASP C 232 -8.60 12.92 -18.48
C ASP C 232 -7.44 12.95 -17.49
N LEU C 233 -7.03 11.77 -17.01
CA LEU C 233 -5.90 11.68 -16.11
C LEU C 233 -4.62 12.11 -16.82
N VAL C 234 -4.46 11.63 -18.04
CA VAL C 234 -3.27 11.99 -18.79
C VAL C 234 -3.25 13.48 -19.05
N LYS C 235 -4.40 14.05 -19.42
CA LYS C 235 -4.52 15.48 -19.64
C LYS C 235 -4.11 16.24 -18.39
N LEU C 236 -4.59 15.78 -17.23
CA LEU C 236 -4.27 16.43 -15.98
C LEU C 236 -2.78 16.33 -15.65
N GLY C 237 -2.17 15.20 -16.00
CA GLY C 237 -0.75 15.01 -15.75
C GLY C 237 0.07 15.98 -16.58
N HIS C 238 -0.17 15.99 -17.89
CA HIS C 238 0.57 16.86 -18.80
C HIS C 238 0.33 18.35 -18.57
N LYS C 239 -0.62 18.68 -17.69
CA LYS C 239 -0.90 20.07 -17.39
C LYS C 239 -0.01 20.59 -16.28
N TYR C 240 0.21 19.73 -15.30
CA TYR C 240 1.02 20.08 -14.16
C TYR C 240 2.41 19.46 -14.24
N GLY C 241 2.61 18.59 -15.22
CA GLY C 241 3.90 17.95 -15.38
C GLY C 241 4.07 16.79 -14.42
N ILE C 242 3.01 15.99 -14.27
CA ILE C 242 3.06 14.84 -13.38
C ILE C 242 2.83 13.56 -14.16
N PRO C 243 3.65 12.53 -13.86
CA PRO C 243 3.57 11.24 -14.52
C PRO C 243 2.32 10.47 -14.14
N THR C 244 1.87 9.64 -15.07
CA THR C 244 0.69 8.81 -14.89
C THR C 244 1.09 7.32 -14.87
N TYR C 245 0.64 6.60 -13.83
CA TYR C 245 0.96 5.17 -13.63
C TYR C 245 -0.27 4.24 -13.51
N TYR C 246 -0.55 3.44 -14.53
CA TYR C 246 -1.71 2.55 -14.50
C TYR C 246 -1.38 1.10 -14.17
N ASP C 247 -1.97 0.59 -13.10
CA ASP C 247 -1.77 -0.79 -12.74
C ASP C 247 -2.95 -1.53 -13.32
N ALA C 248 -2.79 -2.04 -14.52
CA ALA C 248 -3.84 -2.77 -15.20
C ALA C 248 -4.17 -4.04 -14.42
N GLY C 249 -3.13 -4.72 -13.95
CA GLY C 249 -3.33 -5.92 -13.16
C GLY C 249 -3.63 -7.15 -13.98
N SER C 250 -4.63 -7.03 -14.85
CA SER C 250 -5.02 -8.14 -15.71
C SER C 250 -3.93 -8.48 -16.70
N GLY C 251 -3.16 -7.47 -17.11
CA GLY C 251 -2.09 -7.70 -18.06
C GLY C 251 -2.64 -8.18 -19.40
N LEU C 252 -3.62 -7.45 -19.95
CA LEU C 252 -4.24 -7.81 -21.23
C LEU C 252 -3.38 -7.23 -22.35
N LEU C 253 -2.80 -8.10 -23.14
CA LEU C 253 -1.90 -7.66 -24.19
C LEU C 253 -2.56 -7.07 -25.43
N ILE C 254 -3.79 -7.47 -25.71
CA ILE C 254 -4.43 -6.99 -26.92
C ILE C 254 -5.89 -6.60 -26.74
N ASN C 255 -6.46 -6.02 -27.79
CA ASN C 255 -7.87 -5.66 -27.76
C ASN C 255 -8.64 -6.96 -27.67
N LEU C 256 -9.62 -7.00 -26.77
CA LEU C 256 -10.37 -8.21 -26.51
C LEU C 256 -11.60 -8.37 -27.41
N LYS C 257 -12.12 -7.25 -27.92
CA LYS C 257 -13.29 -7.28 -28.78
C LYS C 257 -13.01 -7.97 -30.10
N GLU C 258 -11.74 -8.07 -30.46
CA GLU C 258 -11.37 -8.71 -31.71
C GLU C 258 -11.67 -10.19 -31.73
N PHE C 259 -11.96 -10.75 -30.56
CA PHE C 259 -12.23 -12.17 -30.47
C PHE C 259 -13.68 -12.53 -30.17
N GLY C 260 -14.58 -11.55 -30.29
CA GLY C 260 -15.99 -11.82 -30.05
C GLY C 260 -16.50 -11.49 -28.67
N ILE C 261 -15.60 -11.40 -27.70
CA ILE C 261 -16.01 -11.03 -26.35
C ILE C 261 -15.98 -9.51 -26.20
N SER C 262 -17.15 -8.93 -25.95
CA SER C 262 -17.25 -7.47 -25.81
C SER C 262 -17.14 -6.99 -24.37
N VAL C 263 -15.97 -6.49 -24.02
CA VAL C 263 -15.73 -5.94 -22.69
C VAL C 263 -14.84 -4.72 -22.85
N ASP C 264 -14.83 -3.88 -21.82
CA ASP C 264 -14.01 -2.67 -21.86
C ASP C 264 -12.62 -2.85 -21.22
N GLU C 265 -12.28 -4.09 -20.87
CA GLU C 265 -10.98 -4.40 -20.26
C GLU C 265 -9.85 -3.67 -21.01
N PRO C 266 -9.03 -2.90 -20.27
CA PRO C 266 -7.94 -2.17 -20.92
C PRO C 266 -6.76 -3.08 -21.27
N ASN C 267 -5.90 -2.62 -22.16
CA ASN C 267 -4.75 -3.41 -22.57
C ASN C 267 -3.57 -2.49 -22.82
N PHE C 268 -2.37 -3.03 -22.68
CA PHE C 268 -1.13 -2.26 -22.86
C PHE C 268 -1.10 -1.35 -24.11
N ARG C 269 -1.15 -1.95 -25.30
CA ARG C 269 -1.13 -1.21 -26.56
C ARG C 269 -2.00 0.04 -26.53
N ASP C 270 -3.28 -0.16 -26.23
CA ASP C 270 -4.25 0.93 -26.20
C ASP C 270 -4.02 1.92 -25.09
N CYS C 271 -3.71 1.43 -23.90
CA CYS C 271 -3.48 2.32 -22.79
C CYS C 271 -2.19 3.11 -23.00
N ILE C 272 -1.20 2.51 -23.66
CA ILE C 272 0.05 3.22 -23.93
C ILE C 272 -0.20 4.30 -24.97
N SER C 273 -0.87 3.92 -26.07
CA SER C 273 -1.17 4.86 -27.15
C SER C 273 -2.14 5.94 -26.69
N LEU C 274 -2.58 5.87 -25.43
CA LEU C 274 -3.51 6.87 -24.90
C LEU C 274 -2.80 8.04 -24.23
N GLY C 275 -1.53 7.83 -23.86
CA GLY C 275 -0.78 8.92 -23.24
C GLY C 275 -0.27 8.62 -21.85
N ILE C 276 -0.52 7.41 -21.37
CA ILE C 276 -0.06 7.05 -20.05
C ILE C 276 1.44 6.82 -20.11
N ASP C 277 2.14 7.28 -19.07
CA ASP C 277 3.58 7.16 -19.01
C ASP C 277 4.09 5.78 -18.60
N LEU C 278 3.36 5.10 -17.72
CA LEU C 278 3.75 3.76 -17.31
C LEU C 278 2.55 2.84 -17.11
N VAL C 279 2.74 1.55 -17.41
CA VAL C 279 1.68 0.54 -17.26
C VAL C 279 2.27 -0.79 -16.79
N SER C 280 1.56 -1.45 -15.88
CA SER C 280 2.01 -2.73 -15.35
C SER C 280 0.93 -3.80 -15.38
N GLY C 281 1.33 -5.04 -15.12
CA GLY C 281 0.37 -6.12 -15.12
C GLY C 281 1.02 -7.48 -14.97
N SER C 282 0.27 -8.44 -14.43
CA SER C 282 0.78 -9.79 -14.23
C SER C 282 0.79 -10.57 -15.54
N GLY C 283 1.78 -11.44 -15.70
CA GLY C 283 1.89 -12.24 -16.90
C GLY C 283 1.02 -13.48 -16.88
N ASP C 284 0.70 -13.97 -15.67
CA ASP C 284 -0.11 -15.18 -15.50
C ASP C 284 -1.61 -14.94 -15.38
N1 LLP C 285 -2.54 -5.44 -8.65
C2 LLP C 285 -3.59 -5.82 -9.43
C2' LLP C 285 -4.64 -4.79 -9.83
C3 LLP C 285 -3.71 -7.14 -9.86
O3 LLP C 285 -4.77 -7.51 -10.61
C4 LLP C 285 -2.72 -8.08 -9.52
C4' LLP C 285 -2.78 -9.39 -10.02
C5 LLP C 285 -1.65 -7.65 -8.70
C6 LLP C 285 -1.59 -6.30 -8.30
C5' LLP C 285 -0.55 -8.58 -8.21
OP4 LLP C 285 -0.18 -9.53 -9.19
P LLP C 285 0.59 -10.86 -8.74
OP1 LLP C 285 1.61 -10.60 -7.71
OP2 LLP C 285 1.17 -11.43 -9.98
OP3 LLP C 285 -0.47 -11.82 -8.31
N LLP C 285 -2.08 -13.79 -15.87
CA LLP C 285 -3.51 -13.52 -15.87
CB LLP C 285 -3.81 -12.21 -15.11
CG LLP C 285 -4.01 -12.40 -13.60
CD LLP C 285 -4.14 -11.04 -12.86
CE LLP C 285 -3.88 -11.13 -11.35
NZ LLP C 285 -3.80 -9.78 -10.78
C LLP C 285 -3.96 -13.47 -17.32
O LLP C 285 -3.86 -14.48 -18.02
N LEU C 286 -4.41 -12.30 -17.78
CA LEU C 286 -4.89 -12.20 -19.16
C LEU C 286 -3.83 -12.28 -20.23
N LEU C 287 -2.58 -12.45 -19.83
CA LEU C 287 -1.52 -12.59 -20.80
C LEU C 287 -1.42 -14.05 -21.19
N GLY C 288 -1.66 -14.91 -20.20
CA GLY C 288 -1.62 -16.34 -20.42
C GLY C 288 -0.24 -16.95 -20.26
N GLY C 289 0.73 -16.16 -19.80
CA GLY C 289 2.08 -16.68 -19.64
C GLY C 289 2.46 -16.98 -18.21
N PRO C 290 3.75 -17.24 -17.93
CA PRO C 290 4.14 -17.52 -16.53
C PRO C 290 4.10 -16.26 -15.67
N GLN C 291 4.20 -16.45 -14.35
CA GLN C 291 4.14 -15.33 -13.38
C GLN C 291 5.19 -14.28 -13.70
N ALA C 292 4.76 -13.03 -13.89
CA ALA C 292 5.68 -11.97 -14.23
C ALA C 292 5.11 -10.57 -14.10
N GLY C 293 5.88 -9.68 -13.49
CA GLY C 293 5.43 -8.30 -13.37
C GLY C 293 5.92 -7.58 -14.61
N ILE C 294 4.99 -7.03 -15.36
CA ILE C 294 5.36 -6.37 -16.60
C ILE C 294 5.14 -4.87 -16.58
N ILE C 295 6.22 -4.16 -16.92
CA ILE C 295 6.25 -2.70 -16.92
C ILE C 295 6.62 -2.17 -18.30
N VAL C 296 5.82 -1.23 -18.82
CA VAL C 296 6.06 -0.62 -20.12
C VAL C 296 5.70 0.86 -20.04
N GLY C 297 6.50 1.71 -20.67
CA GLY C 297 6.24 3.14 -20.65
C GLY C 297 7.40 3.96 -21.16
N LYS C 298 7.47 5.20 -20.72
CA LYS C 298 8.52 6.13 -21.14
C LYS C 298 9.92 5.60 -20.78
N LYS C 299 10.88 5.79 -21.68
CA LYS C 299 12.25 5.29 -21.47
C LYS C 299 12.94 5.92 -20.26
N ASN C 300 12.83 7.24 -20.11
CA ASN C 300 13.46 7.92 -18.96
C ASN C 300 12.99 7.38 -17.63
N LEU C 301 11.79 6.79 -17.61
CA LEU C 301 11.25 6.22 -16.39
C LEU C 301 11.69 4.78 -16.21
N ILE C 302 11.69 4.02 -17.30
CA ILE C 302 12.13 2.63 -17.22
C ILE C 302 13.58 2.59 -16.78
N GLU C 303 14.39 3.51 -17.29
CA GLU C 303 15.80 3.55 -16.90
C GLU C 303 15.92 3.89 -15.42
N LYS C 304 14.99 4.70 -14.89
CA LYS C 304 15.01 5.03 -13.48
C LYS C 304 14.65 3.84 -12.61
N ILE C 305 13.71 3.02 -13.10
CA ILE C 305 13.24 1.82 -12.40
C ILE C 305 14.33 0.74 -12.38
N LYS C 306 14.96 0.52 -13.53
CA LYS C 306 15.99 -0.49 -13.65
C LYS C 306 17.18 -0.24 -12.72
N LYS C 307 17.63 1.01 -12.64
CA LYS C 307 18.78 1.40 -11.80
C LYS C 307 18.53 1.16 -10.32
N ASN C 308 17.26 1.10 -9.93
CA ASN C 308 16.91 0.89 -8.54
C ASN C 308 17.49 -0.41 -8.00
N PRO C 309 18.31 -0.32 -6.95
CA PRO C 309 18.96 -1.48 -6.33
C PRO C 309 18.01 -2.59 -5.86
N ILE C 310 16.71 -2.30 -5.89
CA ILE C 310 15.73 -3.30 -5.47
C ILE C 310 15.32 -4.19 -6.65
N ALA C 311 15.52 -3.70 -7.87
CA ALA C 311 15.19 -4.46 -9.08
C ALA C 311 15.92 -5.79 -9.16
N ARG C 312 17.03 -5.87 -8.46
CA ARG C 312 17.86 -7.06 -8.43
C ARG C 312 17.23 -8.15 -7.57
N ALA C 313 16.40 -7.74 -6.63
CA ALA C 313 15.73 -8.68 -5.74
C ALA C 313 14.40 -9.13 -6.33
N LEU C 314 14.02 -8.53 -7.45
CA LEU C 314 12.76 -8.86 -8.12
C LEU C 314 13.02 -9.47 -9.49
N ARG C 315 14.24 -9.29 -9.97
CA ARG C 315 14.61 -9.77 -11.29
C ARG C 315 14.15 -11.23 -11.40
N ILE C 316 13.55 -11.54 -12.53
CA ILE C 316 12.96 -12.85 -12.80
C ILE C 316 13.93 -14.01 -12.96
N ASP C 317 13.44 -15.20 -12.67
CA ASP C 317 14.21 -16.44 -12.77
C ASP C 317 14.31 -16.94 -14.22
N LYS C 318 15.21 -17.89 -14.43
CA LYS C 318 15.46 -18.42 -15.76
C LYS C 318 14.26 -19.13 -16.39
N LEU C 319 13.41 -19.74 -15.55
CA LEU C 319 12.24 -20.46 -16.05
C LEU C 319 11.17 -19.54 -16.65
N THR C 320 10.70 -18.58 -15.85
CA THR C 320 9.67 -17.66 -16.32
C THR C 320 10.15 -16.75 -17.44
N LEU C 321 11.44 -16.41 -17.45
CA LEU C 321 11.98 -15.53 -18.49
C LEU C 321 11.85 -16.21 -19.83
N SER C 322 12.41 -17.41 -19.94
CA SER C 322 12.34 -18.17 -21.18
C SER C 322 10.87 -18.38 -21.54
N GLY C 323 10.13 -19.02 -20.64
CA GLY C 323 8.73 -19.29 -20.88
C GLY C 323 7.94 -18.06 -21.28
N LEU C 324 8.45 -16.89 -20.89
CA LEU C 324 7.83 -15.62 -21.20
C LEU C 324 8.10 -15.21 -22.64
N GLU C 325 9.32 -15.47 -23.12
CA GLU C 325 9.64 -15.12 -24.50
C GLU C 325 8.89 -15.98 -25.51
N MET C 326 8.69 -17.25 -25.18
CA MET C 326 7.98 -18.18 -26.07
C MET C 326 6.50 -17.82 -26.15
N THR C 327 5.98 -17.25 -25.07
CA THR C 327 4.59 -16.88 -25.10
C THR C 327 4.42 -15.53 -25.78
N LEU C 328 5.50 -14.75 -25.77
CA LEU C 328 5.57 -13.46 -26.46
C LEU C 328 5.72 -13.70 -27.95
N LYS C 329 6.48 -14.75 -28.27
CA LYS C 329 6.71 -15.14 -29.64
C LYS C 329 5.38 -15.54 -30.26
N LEU C 330 4.59 -16.32 -29.52
CA LEU C 330 3.28 -16.74 -29.99
C LEU C 330 2.40 -15.52 -30.34
N TYR C 331 2.48 -14.47 -29.54
CA TYR C 331 1.68 -13.27 -29.76
C TYR C 331 2.02 -12.52 -31.05
N PHE C 332 3.29 -12.54 -31.44
CA PHE C 332 3.70 -11.87 -32.66
C PHE C 332 3.24 -12.66 -33.90
N GLU C 333 3.23 -13.97 -33.75
CA GLU C 333 2.83 -14.87 -34.83
C GLU C 333 1.32 -15.04 -34.91
N LYS C 334 0.60 -14.31 -34.08
CA LYS C 334 -0.86 -14.40 -34.08
C LYS C 334 -1.38 -15.77 -33.68
N ARG C 335 -0.64 -16.50 -32.84
CA ARG C 335 -1.01 -17.86 -32.40
C ARG C 335 -1.92 -17.92 -31.17
N TYR C 336 -2.86 -16.98 -31.10
CA TYR C 336 -3.78 -16.87 -29.97
C TYR C 336 -4.33 -18.17 -29.38
N GLU C 337 -4.90 -19.05 -30.20
CA GLU C 337 -5.47 -20.28 -29.66
C GLU C 337 -4.48 -21.18 -28.94
N ASP C 338 -3.18 -20.89 -29.10
CA ASP C 338 -2.12 -21.68 -28.46
C ASP C 338 -1.96 -21.39 -26.97
N ILE C 339 -2.48 -20.25 -26.52
CA ILE C 339 -2.36 -19.91 -25.11
C ILE C 339 -3.71 -20.18 -24.42
N PRO C 340 -3.75 -21.25 -23.60
CA PRO C 340 -4.88 -21.78 -22.83
C PRO C 340 -5.94 -20.77 -22.38
N VAL C 341 -5.53 -19.78 -21.60
CA VAL C 341 -6.46 -18.80 -21.08
C VAL C 341 -7.26 -18.10 -22.19
N ILE C 342 -6.61 -17.80 -23.30
CA ILE C 342 -7.28 -17.14 -24.42
C ILE C 342 -8.28 -18.06 -25.11
N ARG C 343 -7.87 -19.30 -25.34
CA ARG C 343 -8.72 -20.27 -26.03
C ARG C 343 -9.95 -20.64 -25.20
N MET C 344 -9.78 -20.79 -23.89
CA MET C 344 -10.88 -21.16 -23.02
C MET C 344 -12.01 -20.15 -22.95
N LEU C 345 -11.68 -18.86 -23.02
CA LEU C 345 -12.69 -17.83 -22.96
C LEU C 345 -13.33 -17.52 -24.30
N THR C 346 -12.57 -17.70 -25.39
CA THR C 346 -13.06 -17.41 -26.74
C THR C 346 -13.60 -18.63 -27.46
N GLN C 347 -13.86 -19.71 -26.72
CA GLN C 347 -14.39 -20.94 -27.31
C GLN C 347 -15.83 -20.79 -27.80
N ASP C 348 -16.13 -21.42 -28.94
CA ASP C 348 -17.46 -21.40 -29.56
C ASP C 348 -18.52 -21.93 -28.61
N GLU C 349 -19.68 -21.26 -28.57
CA GLU C 349 -20.75 -21.74 -27.73
C GLU C 349 -20.99 -23.16 -28.18
N LYS C 350 -20.97 -23.32 -29.50
CA LYS C 350 -21.16 -24.63 -30.08
C LYS C 350 -20.06 -25.54 -29.55
N ALA C 351 -18.83 -25.03 -29.58
CA ALA C 351 -17.69 -25.82 -29.10
C ALA C 351 -17.91 -26.41 -27.72
N LEU C 352 -18.42 -25.60 -26.79
CA LEU C 352 -18.66 -26.06 -25.42
C LEU C 352 -19.66 -27.22 -25.27
N ARG C 353 -20.81 -27.14 -25.92
CA ARG C 353 -21.76 -28.25 -25.83
C ARG C 353 -21.17 -29.51 -26.42
N GLN C 354 -20.39 -29.33 -27.50
CA GLN C 354 -19.75 -30.44 -28.19
C GLN C 354 -18.92 -31.28 -27.22
N LYS C 355 -18.38 -30.63 -26.20
CA LYS C 355 -17.58 -31.34 -25.22
C LYS C 355 -18.47 -31.71 -24.03
N ALA C 356 -19.55 -30.95 -23.89
CA ALA C 356 -20.50 -31.18 -22.80
C ALA C 356 -21.15 -32.54 -22.97
N LYS C 357 -21.58 -32.85 -24.19
CA LYS C 357 -22.25 -34.11 -24.46
C LYS C 357 -21.29 -35.28 -24.72
N ARG C 358 -20.04 -34.98 -25.05
CA ARG C 358 -19.06 -36.05 -25.29
C ARG C 358 -18.60 -36.66 -23.97
N LEU C 359 -18.92 -35.97 -22.89
CA LEU C 359 -18.58 -36.40 -21.53
C LEU C 359 -19.76 -37.20 -20.97
N GLU C 360 -20.95 -36.69 -21.26
CA GLU C 360 -22.21 -37.30 -20.86
C GLU C 360 -22.35 -38.67 -21.46
N LYS C 361 -21.74 -38.84 -22.63
CA LYS C 361 -21.78 -40.11 -23.33
C LYS C 361 -20.79 -41.07 -22.68
N LEU C 362 -19.88 -40.55 -21.87
CA LEU C 362 -18.89 -41.37 -21.19
C LEU C 362 -19.32 -41.77 -19.78
N LEU C 363 -20.43 -41.20 -19.29
CA LEU C 363 -20.89 -41.53 -17.94
C LEU C 363 -22.25 -42.20 -17.86
N LYS C 364 -22.88 -42.42 -19.02
CA LYS C 364 -24.19 -43.08 -19.08
C LYS C 364 -24.15 -44.46 -18.40
N ASP C 365 -23.06 -45.19 -18.60
CA ASP C 365 -22.90 -46.55 -18.06
C ASP C 365 -22.69 -46.67 -16.55
N ILE C 366 -21.82 -45.80 -16.01
CA ILE C 366 -21.51 -45.86 -14.59
C ILE C 366 -22.78 -45.90 -13.74
N PRO C 367 -22.81 -46.84 -12.79
CA PRO C 367 -23.91 -47.12 -11.85
C PRO C 367 -24.43 -45.98 -10.96
N GLY C 368 -25.75 -45.77 -11.02
CA GLY C 368 -26.41 -44.76 -10.21
C GLY C 368 -26.28 -43.29 -10.61
N LEU C 369 -25.70 -43.05 -11.79
CA LEU C 369 -25.47 -41.68 -12.28
C LEU C 369 -26.63 -40.98 -13.00
N LYS C 370 -27.06 -39.85 -12.45
CA LYS C 370 -28.11 -39.03 -13.06
C LYS C 370 -27.43 -37.91 -13.82
N ILE C 371 -27.23 -38.14 -15.12
CA ILE C 371 -26.51 -37.19 -15.96
C ILE C 371 -27.39 -36.30 -16.84
N SER C 372 -27.19 -34.99 -16.74
CA SER C 372 -27.92 -34.00 -17.54
C SER C 372 -27.00 -32.84 -17.92
N VAL C 373 -27.22 -32.26 -19.11
CA VAL C 373 -26.43 -31.12 -19.58
C VAL C 373 -27.25 -29.83 -19.59
N ILE C 374 -26.85 -28.85 -18.78
CA ILE C 374 -27.58 -27.58 -18.72
C ILE C 374 -26.77 -26.40 -19.28
N LYS C 375 -27.49 -25.43 -19.85
CA LYS C 375 -26.90 -24.20 -20.40
C LYS C 375 -27.02 -23.13 -19.33
N ASP C 376 -25.90 -22.79 -18.71
CA ASP C 376 -25.92 -21.79 -17.65
C ASP C 376 -25.01 -20.61 -17.97
N LYS C 377 -25.28 -19.47 -17.34
CA LYS C 377 -24.47 -18.27 -17.51
C LYS C 377 -23.58 -18.09 -16.30
N ALA C 378 -22.28 -18.22 -16.50
CA ALA C 378 -21.34 -18.05 -15.41
C ALA C 378 -20.39 -16.91 -15.68
N LYS C 379 -19.42 -16.76 -14.78
CA LYS C 379 -18.43 -15.67 -14.89
C LYS C 379 -17.04 -16.30 -14.96
N PRO C 380 -16.54 -16.49 -16.20
CA PRO C 380 -15.25 -17.09 -16.53
C PRO C 380 -14.05 -16.52 -15.79
N GLY C 381 -13.88 -15.21 -15.86
CA GLY C 381 -12.75 -14.55 -15.23
C GLY C 381 -12.76 -14.51 -13.72
N GLY C 382 -11.71 -15.06 -13.13
CA GLY C 382 -11.60 -15.11 -11.68
C GLY C 382 -10.74 -14.00 -11.11
N GLY C 383 -9.54 -13.84 -11.66
CA GLY C 383 -8.64 -12.83 -11.13
C GLY C 383 -8.41 -11.66 -12.06
N SER C 384 -9.18 -11.54 -13.14
CA SER C 384 -8.99 -10.43 -14.07
C SER C 384 -10.25 -9.81 -14.67
N LEU C 385 -11.31 -10.58 -14.85
CA LEU C 385 -12.57 -10.04 -15.41
C LEU C 385 -13.73 -10.39 -14.48
N PRO C 386 -14.03 -9.47 -13.54
CA PRO C 386 -15.07 -9.56 -12.52
C PRO C 386 -16.49 -9.64 -13.04
N GLU C 387 -16.81 -8.70 -13.92
CA GLU C 387 -18.16 -8.59 -14.46
C GLU C 387 -18.49 -9.59 -15.56
N LEU C 388 -17.52 -9.96 -16.39
CA LEU C 388 -17.79 -10.89 -17.50
C LEU C 388 -18.71 -12.05 -17.13
N GLU C 389 -19.78 -12.18 -17.92
CA GLU C 389 -20.77 -13.24 -17.75
C GLU C 389 -20.96 -13.85 -19.14
N LEU C 390 -20.49 -15.06 -19.34
CA LEU C 390 -20.63 -15.73 -20.63
C LEU C 390 -21.30 -17.11 -20.47
N PRO C 391 -22.12 -17.51 -21.45
CA PRO C 391 -22.84 -18.78 -21.45
C PRO C 391 -21.89 -19.95 -21.62
N THR C 392 -22.17 -21.07 -20.94
CA THR C 392 -21.31 -22.25 -21.02
C THR C 392 -22.10 -23.49 -20.57
N TYR C 393 -21.83 -24.63 -21.21
CA TYR C 393 -22.56 -25.87 -20.90
C TYR C 393 -21.99 -26.71 -19.77
N CYS C 394 -22.79 -26.88 -18.72
CA CYS C 394 -22.39 -27.67 -17.56
C CYS C 394 -23.10 -29.03 -17.61
N VAL C 395 -22.36 -30.09 -17.27
CA VAL C 395 -22.93 -31.43 -17.21
C VAL C 395 -23.23 -31.71 -15.75
N ALA C 396 -24.44 -31.37 -15.33
CA ALA C 396 -24.87 -31.56 -13.94
C ALA C 396 -25.12 -33.03 -13.62
N ILE C 397 -24.50 -33.52 -12.56
CA ILE C 397 -24.64 -34.92 -12.18
C ILE C 397 -25.20 -35.14 -10.78
N ARG C 398 -25.74 -36.34 -10.56
CA ARG C 398 -26.30 -36.72 -9.26
C ARG C 398 -26.51 -38.23 -9.08
N HIS C 399 -25.91 -38.77 -8.02
CA HIS C 399 -25.99 -40.21 -7.69
C HIS C 399 -26.99 -40.42 -6.55
N ASP C 400 -27.75 -41.51 -6.59
CA ASP C 400 -28.72 -41.74 -5.52
C ASP C 400 -28.11 -42.13 -4.17
N ARG C 401 -27.01 -42.89 -4.19
CA ARG C 401 -26.31 -43.34 -2.99
C ARG C 401 -25.65 -42.24 -2.17
N LEU C 402 -24.71 -41.54 -2.81
CA LEU C 402 -23.95 -40.48 -2.14
C LEU C 402 -24.52 -39.08 -2.38
N SER C 403 -24.18 -38.16 -1.48
CA SER C 403 -24.65 -36.77 -1.58
C SER C 403 -23.62 -35.87 -2.25
N SER C 404 -24.09 -34.80 -2.89
CA SER C 404 -23.22 -33.87 -3.61
C SER C 404 -22.02 -33.40 -2.79
N GLN C 405 -22.24 -33.15 -1.49
CA GLN C 405 -21.16 -32.68 -0.62
C GLN C 405 -20.05 -33.72 -0.55
N GLU C 406 -20.41 -34.94 -0.15
CA GLU C 406 -19.47 -36.04 -0.06
C GLU C 406 -18.78 -36.24 -1.40
N LEU C 407 -19.54 -36.03 -2.47
CA LEU C 407 -19.01 -36.23 -3.80
C LEU C 407 -17.84 -35.31 -4.13
N SER C 408 -18.00 -34.01 -3.89
CA SER C 408 -16.93 -33.07 -4.17
C SER C 408 -15.67 -33.46 -3.39
N ARG C 409 -15.86 -33.87 -2.14
CA ARG C 409 -14.75 -34.24 -1.26
C ARG C 409 -13.91 -35.39 -1.81
N ARG C 410 -14.55 -36.44 -2.31
CA ARG C 410 -13.82 -37.58 -2.85
C ARG C 410 -13.12 -37.23 -4.15
N LEU C 411 -13.76 -36.36 -4.92
CA LEU C 411 -13.20 -35.94 -6.21
C LEU C 411 -11.94 -35.13 -6.04
N ARG C 412 -11.81 -34.45 -4.90
CA ARG C 412 -10.64 -33.64 -4.62
C ARG C 412 -9.53 -34.53 -4.09
N LEU C 413 -9.87 -35.75 -3.75
CA LEU C 413 -8.89 -36.69 -3.21
C LEU C 413 -8.51 -37.76 -4.25
N ALA C 414 -9.07 -37.64 -5.45
CA ALA C 414 -8.78 -38.57 -6.55
C ALA C 414 -7.40 -38.29 -7.15
N GLU C 415 -6.93 -39.20 -7.98
CA GLU C 415 -5.65 -39.03 -8.65
C GLU C 415 -5.81 -39.33 -10.13
N PRO C 416 -5.90 -38.27 -10.95
CA PRO C 416 -5.83 -36.85 -10.57
C PRO C 416 -7.08 -36.33 -9.85
N PRO C 417 -6.93 -35.26 -9.07
CA PRO C 417 -8.00 -34.61 -8.30
C PRO C 417 -8.83 -33.68 -9.19
N ILE C 418 -10.13 -33.58 -8.92
CA ILE C 418 -11.00 -32.72 -9.71
C ILE C 418 -11.82 -31.78 -8.81
N VAL C 419 -11.73 -30.48 -9.07
CA VAL C 419 -12.46 -29.49 -8.29
C VAL C 419 -13.59 -28.90 -9.11
N CYS C 420 -14.80 -28.88 -8.54
CA CYS C 420 -15.95 -28.36 -9.26
C CYS C 420 -16.95 -27.61 -8.38
N ARG C 421 -17.87 -26.89 -9.02
CA ARG C 421 -18.89 -26.10 -8.32
C ARG C 421 -19.95 -26.98 -7.70
N ILE C 422 -20.62 -26.46 -6.68
CA ILE C 422 -21.71 -27.17 -6.03
C ILE C 422 -22.88 -26.18 -6.01
N ARG C 423 -24.06 -26.64 -6.39
CA ARG C 423 -25.23 -25.76 -6.45
C ARG C 423 -26.52 -26.55 -6.23
N GLU C 424 -27.07 -26.46 -5.03
CA GLU C 424 -28.32 -27.17 -4.74
C GLU C 424 -28.12 -28.68 -4.88
N ASP C 425 -27.30 -29.26 -4.00
CA ASP C 425 -27.00 -30.69 -4.01
C ASP C 425 -26.85 -31.29 -5.41
N GLN C 426 -26.24 -30.53 -6.31
CA GLN C 426 -26.05 -31.00 -7.67
C GLN C 426 -24.65 -30.60 -8.08
N LEU C 427 -23.76 -31.57 -8.17
CA LEU C 427 -22.39 -31.33 -8.58
C LEU C 427 -22.44 -30.79 -10.02
N LEU C 428 -21.59 -29.81 -10.34
CA LEU C 428 -21.56 -29.23 -11.69
C LEU C 428 -20.16 -29.25 -12.29
N PHE C 429 -20.09 -29.40 -13.61
CA PHE C 429 -18.80 -29.37 -14.30
C PHE C 429 -18.83 -28.45 -15.50
N ASP C 430 -18.23 -27.28 -15.33
CA ASP C 430 -18.19 -26.31 -16.42
C ASP C 430 -17.13 -26.76 -17.43
N MET C 431 -17.53 -26.91 -18.68
CA MET C 431 -16.60 -27.36 -19.71
C MET C 431 -15.71 -26.25 -20.28
N ARG C 432 -15.88 -25.03 -19.79
CA ARG C 432 -15.06 -23.92 -20.26
C ARG C 432 -13.59 -24.15 -19.95
N THR C 433 -13.32 -24.87 -18.85
CA THR C 433 -11.95 -25.10 -18.43
C THR C 433 -11.46 -26.53 -18.54
N VAL C 434 -12.30 -27.43 -19.03
CA VAL C 434 -11.98 -28.86 -19.15
C VAL C 434 -11.25 -29.22 -20.46
N PHE C 435 -10.05 -29.78 -20.34
CA PHE C 435 -9.27 -30.21 -21.51
C PHE C 435 -9.86 -31.57 -22.00
N HIS C 436 -9.79 -31.82 -23.30
CA HIS C 436 -10.32 -33.04 -23.90
C HIS C 436 -9.76 -34.35 -23.26
N GLU C 437 -8.45 -34.45 -23.09
CA GLU C 437 -7.86 -35.66 -22.52
C GLU C 437 -8.28 -35.93 -21.09
N ASP C 438 -9.06 -35.02 -20.52
CA ASP C 438 -9.53 -35.18 -19.16
C ASP C 438 -10.86 -35.94 -19.12
N LEU C 439 -11.63 -35.83 -20.20
CA LEU C 439 -12.94 -36.47 -20.26
C LEU C 439 -12.81 -37.98 -20.05
N LYS C 440 -11.75 -38.58 -20.59
CA LYS C 440 -11.49 -39.99 -20.40
C LYS C 440 -11.07 -40.25 -18.94
N THR C 441 -10.37 -39.29 -18.35
CA THR C 441 -9.89 -39.40 -16.97
C THR C 441 -11.02 -39.16 -15.97
N ILE C 442 -12.04 -38.43 -16.40
CA ILE C 442 -13.18 -38.14 -15.55
C ILE C 442 -14.04 -39.39 -15.35
N LYS C 443 -14.33 -40.06 -16.45
CA LYS C 443 -15.14 -41.27 -16.42
C LYS C 443 -14.46 -42.41 -15.65
N LYS C 444 -13.15 -42.53 -15.79
CA LYS C 444 -12.39 -43.58 -15.13
C LYS C 444 -12.25 -43.32 -13.63
N THR C 445 -12.46 -42.07 -13.24
CA THR C 445 -12.37 -41.66 -11.85
C THR C 445 -13.70 -41.95 -11.15
N LEU C 446 -14.79 -41.65 -11.86
CA LEU C 446 -16.12 -41.85 -11.33
C LEU C 446 -16.52 -43.31 -11.18
N GLN C 447 -16.21 -44.14 -12.18
CA GLN C 447 -16.54 -45.57 -12.11
C GLN C 447 -15.73 -46.28 -11.04
N GLU C 448 -14.60 -45.69 -10.64
CA GLU C 448 -13.76 -46.31 -9.61
C GLU C 448 -14.12 -45.86 -8.18
N LEU C 449 -15.06 -44.91 -8.06
CA LEU C 449 -15.49 -44.39 -6.76
C LEU C 449 -16.88 -44.93 -6.36
N LEU C 450 -17.72 -45.20 -7.36
CA LEU C 450 -19.07 -45.69 -7.09
C LEU C 450 -19.19 -47.19 -7.24
N SER C 451 -18.16 -47.80 -7.82
CA SER C 451 -18.15 -49.24 -8.05
C SER C 451 -17.06 -49.98 -7.26
N ILE C 452 -16.27 -49.26 -6.46
CA ILE C 452 -15.25 -49.89 -5.62
C ILE C 452 -15.74 -49.97 -4.18
N MET D 1 18.08 10.84 -56.56
CA MET D 1 17.75 10.58 -55.15
C MET D 1 16.45 9.82 -55.10
N LYS D 2 15.42 10.38 -55.76
CA LYS D 2 14.09 9.83 -55.63
C LYS D 2 13.82 8.69 -56.60
N SER D 3 14.89 8.12 -57.15
CA SER D 3 14.79 7.01 -58.10
C SER D 3 15.58 5.83 -57.56
N LEU D 4 16.44 6.10 -56.58
CA LEU D 4 17.25 5.05 -55.97
C LEU D 4 16.50 4.46 -54.80
N LEU D 5 15.29 4.96 -54.58
CA LEU D 5 14.44 4.49 -53.51
C LEU D 5 13.09 3.99 -54.04
N ARG D 6 12.62 4.53 -55.17
CA ARG D 6 11.37 4.08 -55.77
C ARG D 6 11.59 2.63 -56.12
N GLN D 7 12.85 2.31 -56.39
CA GLN D 7 13.29 0.97 -56.75
C GLN D 7 12.76 -0.07 -55.75
N ILE D 8 13.14 0.05 -54.48
CA ILE D 8 12.71 -0.88 -53.44
C ILE D 8 11.27 -1.37 -53.70
N PRO D 9 11.11 -2.66 -54.03
CA PRO D 9 9.81 -3.30 -54.32
C PRO D 9 8.73 -2.97 -53.27
N GLN D 10 7.56 -3.60 -53.43
CA GLN D 10 6.41 -3.42 -52.53
C GLN D 10 6.30 -4.60 -51.58
N ILE D 11 5.90 -4.34 -50.35
CA ILE D 11 5.74 -5.41 -49.38
C ILE D 11 4.73 -6.43 -49.88
N SER D 12 3.80 -6.00 -50.73
CA SER D 12 2.85 -6.96 -51.25
C SER D 12 3.58 -7.80 -52.27
N LYS D 13 4.53 -7.18 -52.98
CA LYS D 13 5.31 -7.90 -53.98
C LYS D 13 6.34 -8.89 -53.39
N VAL D 14 7.02 -8.57 -52.29
CA VAL D 14 7.97 -9.55 -51.73
C VAL D 14 7.21 -10.65 -50.96
N VAL D 15 6.02 -10.33 -50.45
CA VAL D 15 5.14 -11.29 -49.76
C VAL D 15 4.86 -12.41 -50.78
N GLU D 16 4.64 -12.00 -52.02
CA GLU D 16 4.37 -12.96 -53.09
C GLU D 16 5.63 -13.79 -53.36
N ILE D 17 6.80 -13.13 -53.50
CA ILE D 17 8.09 -13.80 -53.74
C ILE D 17 8.34 -14.95 -52.76
N PHE D 18 7.61 -14.94 -51.66
CA PHE D 18 7.75 -15.99 -50.65
C PHE D 18 6.34 -16.54 -50.38
N ALA D 19 5.72 -17.14 -51.39
CA ALA D 19 4.37 -17.71 -51.25
C ALA D 19 4.33 -18.65 -50.05
N LYS D 20 4.88 -19.86 -50.23
CA LYS D 20 4.93 -20.83 -49.13
C LYS D 20 6.36 -20.88 -48.59
N ALA D 21 7.21 -19.99 -49.13
CA ALA D 21 8.60 -19.90 -48.71
C ALA D 21 8.73 -19.73 -47.18
N TYR D 22 7.98 -18.77 -46.63
CA TYR D 22 7.99 -18.48 -45.19
C TYR D 22 6.63 -17.92 -44.80
N PRO D 23 6.26 -18.00 -43.50
CA PRO D 23 4.97 -17.46 -43.07
C PRO D 23 4.79 -16.01 -43.51
N GLU D 24 3.59 -15.64 -43.97
CA GLU D 24 3.36 -14.28 -44.43
C GLU D 24 3.69 -13.26 -43.36
N ILE D 25 3.40 -13.59 -42.11
CA ILE D 25 3.67 -12.68 -41.01
C ILE D 25 5.17 -12.37 -40.91
N TYR D 26 6.00 -13.40 -40.85
CA TYR D 26 7.44 -13.20 -40.75
C TYR D 26 8.05 -12.54 -41.98
N VAL D 27 7.42 -12.71 -43.12
CA VAL D 27 7.92 -12.12 -44.34
C VAL D 27 7.73 -10.61 -44.34
N VAL D 28 6.53 -10.16 -44.01
CA VAL D 28 6.23 -8.73 -43.98
C VAL D 28 7.10 -8.02 -42.93
N LYS D 29 7.37 -8.68 -41.80
CA LYS D 29 8.18 -8.07 -40.75
C LYS D 29 9.59 -7.84 -41.25
N ALA D 30 10.12 -8.84 -41.95
CA ALA D 30 11.46 -8.78 -42.49
C ALA D 30 11.51 -7.77 -43.64
N ALA D 31 10.42 -7.63 -44.37
CA ALA D 31 10.37 -6.69 -45.50
C ALA D 31 10.37 -5.26 -44.97
N ARG D 32 9.62 -5.03 -43.90
CA ARG D 32 9.55 -3.69 -43.32
C ARG D 32 10.91 -3.31 -42.77
N GLU D 33 11.47 -4.18 -41.93
CA GLU D 33 12.79 -3.90 -41.36
C GLU D 33 13.77 -3.62 -42.49
N VAL D 34 13.74 -4.47 -43.52
CA VAL D 34 14.64 -4.30 -44.67
C VAL D 34 14.27 -3.08 -45.53
N ALA D 35 12.97 -2.79 -45.66
CA ALA D 35 12.51 -1.65 -46.44
C ALA D 35 12.97 -0.33 -45.83
N GLU D 36 13.10 -0.31 -44.50
CA GLU D 36 13.53 0.90 -43.80
C GLU D 36 15.06 1.08 -43.87
N LYS D 37 15.80 -0.02 -43.82
CA LYS D 37 17.28 0.02 -43.91
C LYS D 37 17.74 0.49 -45.31
N TYR D 38 16.90 0.33 -46.34
CA TYR D 38 17.28 0.77 -47.68
C TYR D 38 16.81 2.21 -48.00
N ARG D 39 15.79 2.68 -47.27
CA ARG D 39 15.25 4.03 -47.42
C ARG D 39 16.23 5.04 -46.82
N LYS D 40 16.82 4.66 -45.68
CA LYS D 40 17.78 5.51 -44.98
C LYS D 40 19.18 5.44 -45.60
N GLU D 41 19.58 4.27 -46.08
CA GLU D 41 20.90 4.08 -46.70
C GLU D 41 20.97 4.77 -48.07
N ILE D 42 19.83 4.96 -48.73
CA ILE D 42 19.82 5.64 -50.02
C ILE D 42 19.60 7.15 -49.80
N ILE D 43 18.94 7.53 -48.69
CA ILE D 43 18.70 8.93 -48.33
C ILE D 43 20.04 9.59 -47.93
N GLU D 44 20.93 8.83 -47.30
CA GLU D 44 22.25 9.34 -46.90
C GLU D 44 23.21 9.12 -48.07
N GLY D 45 22.70 8.52 -49.14
CA GLY D 45 23.50 8.25 -50.33
C GLY D 45 24.67 7.31 -50.14
N ALA D 46 24.43 6.16 -49.51
CA ALA D 46 25.48 5.18 -49.27
C ALA D 46 25.24 3.86 -50.02
N ARG D 47 24.16 3.80 -50.81
CA ARG D 47 23.83 2.61 -51.58
C ARG D 47 23.43 2.94 -53.02
N ALA D 48 24.04 2.24 -53.96
CA ALA D 48 23.76 2.45 -55.38
C ALA D 48 23.15 1.18 -55.94
N ASP D 49 23.33 0.08 -55.20
CA ASP D 49 22.81 -1.20 -55.63
C ASP D 49 21.68 -1.67 -54.72
N LEU D 50 20.76 -2.44 -55.28
CA LEU D 50 19.66 -2.94 -54.49
C LEU D 50 19.53 -4.46 -54.64
N ASN D 51 20.49 -5.10 -55.32
CA ASN D 51 20.46 -6.55 -55.50
C ASN D 51 20.61 -7.31 -54.19
N GLY D 52 21.23 -6.66 -53.20
CA GLY D 52 21.40 -7.29 -51.91
C GLY D 52 20.06 -7.46 -51.19
N PHE D 53 19.04 -6.69 -51.61
CA PHE D 53 17.70 -6.73 -50.99
C PHE D 53 17.04 -8.10 -50.88
N LEU D 54 16.81 -8.78 -52.00
CA LEU D 54 16.15 -10.08 -51.95
C LEU D 54 16.88 -11.08 -51.04
N GLU D 55 18.22 -11.14 -51.14
CA GLU D 55 19.01 -12.05 -50.31
C GLU D 55 18.89 -11.69 -48.81
N ASP D 56 18.90 -10.38 -48.50
CA ASP D 56 18.78 -9.92 -47.11
C ASP D 56 17.40 -10.20 -46.47
N VAL D 57 16.34 -9.83 -47.18
CA VAL D 57 14.97 -10.04 -46.69
C VAL D 57 14.77 -11.47 -46.19
N GLU D 58 15.34 -12.43 -46.91
CA GLU D 58 15.23 -13.84 -46.51
C GLU D 58 16.10 -14.13 -45.29
N ARG D 59 17.17 -13.37 -45.10
CA ARG D 59 18.04 -13.59 -43.94
C ARG D 59 17.34 -13.09 -42.67
N LYS D 60 16.59 -11.99 -42.79
CA LYS D 60 15.86 -11.46 -41.64
C LYS D 60 14.81 -12.51 -41.26
N ILE D 61 14.11 -13.03 -42.26
CA ILE D 61 13.10 -14.06 -42.02
C ILE D 61 13.73 -15.26 -41.29
N LYS D 62 14.89 -15.72 -41.77
CA LYS D 62 15.58 -16.86 -41.16
C LYS D 62 16.02 -16.53 -39.73
N SER D 63 16.26 -15.26 -39.46
CA SER D 63 16.70 -14.81 -38.15
C SER D 63 15.52 -14.51 -37.24
N LEU D 64 14.57 -13.71 -37.72
CA LEU D 64 13.39 -13.34 -36.93
C LEU D 64 12.54 -14.53 -36.48
N MET D 65 12.76 -15.72 -37.05
CA MET D 65 11.97 -16.88 -36.65
C MET D 65 12.59 -17.70 -35.52
N LYS D 66 13.60 -17.17 -34.82
CA LYS D 66 14.23 -17.94 -33.74
C LYS D 66 14.25 -17.16 -32.44
N PRO D 67 13.81 -17.78 -31.35
CA PRO D 67 13.81 -17.08 -30.07
C PRO D 67 15.25 -16.70 -29.70
N ASN D 68 15.41 -15.60 -28.97
CA ASN D 68 16.73 -15.13 -28.59
C ASN D 68 17.40 -16.03 -27.53
N ILE D 69 16.71 -16.29 -26.42
CA ILE D 69 17.30 -17.15 -25.41
C ILE D 69 17.44 -18.55 -25.99
N LYS D 70 18.64 -19.09 -25.87
CA LYS D 70 18.96 -20.41 -26.39
C LYS D 70 19.90 -21.20 -25.54
N ARG D 71 19.62 -22.52 -25.48
CA ARG D 71 20.47 -23.42 -24.72
C ARG D 71 21.89 -23.22 -25.27
N VAL D 72 22.90 -23.26 -24.39
CA VAL D 72 24.30 -23.08 -24.78
C VAL D 72 25.22 -24.15 -24.22
N ILE D 73 26.07 -24.75 -25.06
CA ILE D 73 27.01 -25.79 -24.63
C ILE D 73 28.23 -25.18 -23.89
N ASN D 74 28.25 -25.35 -22.58
CA ASN D 74 29.29 -24.79 -21.70
C ASN D 74 30.54 -25.67 -21.69
N ALA D 75 31.65 -25.13 -22.19
CA ALA D 75 32.90 -25.89 -22.23
C ALA D 75 33.94 -25.26 -21.30
N THR D 76 33.54 -24.20 -20.61
CA THR D 76 34.45 -23.47 -19.73
C THR D 76 34.88 -24.23 -18.47
N GLY D 77 34.08 -25.21 -18.06
CA GLY D 77 34.42 -26.01 -16.89
C GLY D 77 34.02 -25.36 -15.57
N VAL D 78 33.20 -24.32 -15.66
CA VAL D 78 32.70 -23.61 -14.49
C VAL D 78 31.26 -24.06 -14.25
N VAL D 79 31.06 -24.82 -13.18
CA VAL D 79 29.72 -25.30 -12.90
C VAL D 79 28.71 -24.18 -12.57
N ILE D 80 29.04 -23.27 -11.65
CA ILE D 80 28.14 -22.15 -11.31
C ILE D 80 28.52 -20.93 -12.13
N ASN D 81 28.15 -20.95 -13.39
CA ASN D 81 28.49 -19.86 -14.28
C ASN D 81 27.38 -18.83 -14.28
N THR D 82 27.61 -17.78 -13.52
CA THR D 82 26.68 -16.67 -13.39
C THR D 82 26.12 -16.22 -14.73
N ASN D 83 26.99 -16.15 -15.73
CA ASN D 83 26.60 -15.72 -17.07
C ASN D 83 25.77 -16.71 -17.87
N LEU D 84 26.11 -18.00 -17.81
CA LEU D 84 25.39 -19.02 -18.58
C LEU D 84 24.13 -19.59 -17.93
N GLY D 85 23.67 -18.98 -16.82
CA GLY D 85 22.43 -19.45 -16.20
C GLY D 85 22.56 -20.38 -15.01
N ARG D 86 23.70 -20.30 -14.31
CA ARG D 86 23.94 -21.09 -13.11
C ARG D 86 23.50 -22.56 -13.20
N ALA D 87 23.13 -23.13 -12.06
CA ALA D 87 22.74 -24.53 -11.95
C ALA D 87 21.66 -25.05 -12.91
N PRO D 88 22.04 -25.96 -13.82
CA PRO D 88 21.15 -26.57 -14.82
C PRO D 88 20.27 -27.64 -14.15
N LEU D 89 19.11 -27.93 -14.72
CA LEU D 89 18.18 -28.87 -14.10
C LEU D 89 18.09 -30.27 -14.71
N SER D 90 17.93 -31.25 -13.86
CA SER D 90 17.81 -32.63 -14.29
C SER D 90 16.48 -32.83 -14.98
N LYS D 91 16.43 -33.79 -15.88
CA LYS D 91 15.24 -34.11 -16.64
C LYS D 91 14.07 -34.43 -15.71
N ASP D 92 14.36 -35.14 -14.62
CA ASP D 92 13.34 -35.51 -13.64
C ASP D 92 12.57 -34.27 -13.20
N VAL D 93 13.31 -33.24 -12.83
CA VAL D 93 12.71 -31.99 -12.40
C VAL D 93 11.95 -31.32 -13.53
N ILE D 94 12.60 -31.15 -14.66
CA ILE D 94 11.97 -30.48 -15.79
C ILE D 94 10.66 -31.12 -16.26
N ASN D 95 10.46 -32.41 -15.98
CA ASN D 95 9.20 -33.03 -16.37
C ASN D 95 8.13 -32.79 -15.31
N PHE D 96 8.54 -32.69 -14.05
CA PHE D 96 7.62 -32.42 -12.95
C PHE D 96 7.09 -31.00 -13.14
N ILE D 97 7.95 -30.13 -13.63
CA ILE D 97 7.57 -28.75 -13.89
C ILE D 97 6.64 -28.73 -15.09
N SER D 98 7.03 -29.47 -16.12
CA SER D 98 6.25 -29.57 -17.35
C SER D 98 4.81 -29.96 -17.09
N GLU D 99 4.63 -30.95 -16.22
CA GLU D 99 3.30 -31.43 -15.88
C GLU D 99 2.43 -30.45 -15.08
N ILE D 100 3.01 -29.77 -14.10
CA ILE D 100 2.24 -28.81 -13.30
C ILE D 100 1.86 -27.57 -14.11
N ALA D 101 2.65 -27.25 -15.14
CA ALA D 101 2.39 -26.08 -15.97
C ALA D 101 1.42 -26.39 -17.11
N ASN D 102 1.32 -27.66 -17.47
CA ASN D 102 0.45 -28.16 -18.54
C ASN D 102 -1.00 -27.73 -18.33
N GLY D 103 -1.42 -27.73 -17.07
CA GLY D 103 -2.78 -27.35 -16.74
C GLY D 103 -2.89 -26.74 -15.35
N TYR D 104 -4.08 -26.77 -14.79
CA TYR D 104 -4.31 -26.24 -13.46
C TYR D 104 -3.70 -27.16 -12.41
N SER D 105 -3.42 -26.61 -11.23
CA SER D 105 -2.80 -27.37 -10.15
C SER D 105 -3.29 -26.79 -8.82
N ASN D 106 -2.92 -27.44 -7.70
CA ASN D 106 -3.37 -26.94 -6.41
C ASN D 106 -2.36 -25.98 -5.77
N LEU D 107 -1.77 -25.11 -6.60
CA LEU D 107 -0.79 -24.11 -6.16
C LEU D 107 -1.18 -23.39 -4.86
N GLU D 108 -2.26 -22.63 -4.88
CA GLU D 108 -2.72 -21.94 -3.69
C GLU D 108 -3.94 -22.65 -3.13
N TYR D 109 -4.15 -23.91 -3.51
CA TYR D 109 -5.33 -24.64 -3.05
C TYR D 109 -5.02 -25.89 -2.23
N ASN D 110 -5.58 -25.95 -1.03
CA ASN D 110 -5.40 -27.10 -0.18
C ASN D 110 -6.57 -28.01 -0.52
N LEU D 111 -6.26 -29.18 -1.01
CA LEU D 111 -7.29 -30.13 -1.40
C LEU D 111 -8.07 -30.69 -0.23
N GLU D 112 -7.46 -30.71 0.95
CA GLU D 112 -8.13 -31.24 2.12
C GLU D 112 -9.34 -30.45 2.57
N GLU D 113 -9.12 -29.17 2.85
CA GLU D 113 -10.17 -28.31 3.36
C GLU D 113 -10.99 -27.62 2.27
N GLY D 114 -10.55 -27.73 1.01
CA GLY D 114 -11.29 -27.12 -0.08
C GLY D 114 -11.35 -25.60 -0.10
N LYS D 115 -10.42 -24.94 0.57
CA LYS D 115 -10.37 -23.49 0.57
C LYS D 115 -8.94 -23.10 0.23
N ARG D 116 -8.73 -21.84 -0.14
CA ARG D 116 -7.41 -21.36 -0.49
C ARG D 116 -6.35 -21.72 0.57
N GLY D 117 -5.10 -21.89 0.12
CA GLY D 117 -4.01 -22.22 1.01
C GLY D 117 -2.72 -21.55 0.59
N SER D 118 -1.76 -21.46 1.50
CA SER D 118 -0.50 -20.82 1.16
C SER D 118 0.34 -21.73 0.26
N ARG D 119 0.80 -21.16 -0.86
CA ARG D 119 1.59 -21.89 -1.84
C ARG D 119 2.96 -22.22 -1.30
N ILE D 120 3.43 -21.45 -0.31
CA ILE D 120 4.75 -21.69 0.27
C ILE D 120 4.69 -22.89 1.24
N ALA D 121 3.48 -23.39 1.49
CA ALA D 121 3.25 -24.51 2.40
C ALA D 121 3.71 -25.89 1.89
N HIS D 122 3.68 -26.07 0.58
CA HIS D 122 4.05 -27.35 -0.02
C HIS D 122 5.50 -27.72 0.24
N ILE D 123 6.37 -26.75 0.05
CA ILE D 123 7.80 -26.93 0.20
C ILE D 123 8.33 -26.97 1.63
N GLU D 124 8.08 -25.89 2.37
CA GLU D 124 8.63 -25.74 3.71
C GLU D 124 8.76 -27.03 4.51
N LYS D 125 7.88 -28.01 4.25
CA LYS D 125 7.98 -29.30 4.93
C LYS D 125 9.36 -29.88 4.66
N TYR D 126 9.79 -29.79 3.41
CA TYR D 126 11.09 -30.30 3.01
C TYR D 126 12.25 -29.57 3.67
N LEU D 127 12.20 -28.24 3.65
CA LEU D 127 13.27 -27.42 4.21
C LEU D 127 13.53 -27.66 5.69
N ASN D 128 12.46 -27.60 6.49
CA ASN D 128 12.58 -27.82 7.93
C ASN D 128 13.25 -29.15 8.24
N GLU D 129 13.01 -30.15 7.40
CA GLU D 129 13.57 -31.48 7.62
C GLU D 129 15.05 -31.55 7.26
N LEU D 130 15.38 -30.96 6.11
CA LEU D 130 16.74 -30.98 5.59
C LEU D 130 17.69 -30.07 6.38
N THR D 131 17.23 -28.89 6.78
CA THR D 131 18.07 -27.96 7.53
C THR D 131 18.09 -28.22 9.03
N GLY D 132 16.90 -28.44 9.59
CA GLY D 132 16.79 -28.67 11.02
C GLY D 132 16.26 -27.41 11.69
N ALA D 133 15.98 -26.38 10.89
CA ALA D 133 15.46 -25.12 11.39
C ALA D 133 14.02 -25.29 11.88
N GLU D 134 13.53 -24.32 12.66
CA GLU D 134 12.17 -24.35 13.22
C GLU D 134 11.06 -24.16 12.19
N SER D 135 11.30 -23.24 11.26
CA SER D 135 10.34 -22.96 10.20
C SER D 135 11.15 -22.41 9.03
N SER D 136 10.54 -22.32 7.86
CA SER D 136 11.25 -21.82 6.70
C SER D 136 10.34 -20.98 5.79
N PHE D 137 10.91 -20.46 4.71
CA PHE D 137 10.17 -19.59 3.79
C PHE D 137 11.02 -19.43 2.52
N VAL D 138 10.39 -19.06 1.42
CA VAL D 138 11.11 -18.91 0.16
C VAL D 138 10.55 -17.76 -0.67
N VAL D 139 11.45 -16.98 -1.26
CA VAL D 139 11.07 -15.84 -2.08
C VAL D 139 11.81 -15.87 -3.41
N ASN D 140 11.51 -14.91 -4.29
CA ASN D 140 12.10 -14.85 -5.63
C ASN D 140 13.58 -15.27 -5.71
N ASN D 141 14.47 -14.55 -5.03
CA ASN D 141 15.89 -14.89 -5.03
C ASN D 141 16.52 -14.51 -3.71
N ASN D 142 17.81 -14.80 -3.54
CA ASN D 142 18.44 -14.45 -2.28
C ASN D 142 18.63 -12.94 -2.13
N ALA D 143 18.79 -12.23 -3.24
CA ALA D 143 18.93 -10.78 -3.19
C ALA D 143 17.75 -10.29 -2.37
N GLY D 144 16.55 -10.68 -2.78
CA GLY D 144 15.34 -10.29 -2.07
C GLY D 144 15.23 -10.94 -0.69
N ALA D 145 15.82 -12.12 -0.54
CA ALA D 145 15.80 -12.82 0.75
C ALA D 145 16.44 -11.91 1.78
N VAL D 146 17.55 -11.30 1.40
CA VAL D 146 18.27 -10.37 2.28
C VAL D 146 17.38 -9.17 2.58
N PHE D 147 17.03 -8.45 1.53
CA PHE D 147 16.17 -7.28 1.61
C PHE D 147 14.93 -7.48 2.49
N LEU D 148 14.35 -8.67 2.42
CA LEU D 148 13.15 -8.99 3.22
C LEU D 148 13.45 -9.13 4.71
N VAL D 149 14.53 -9.84 5.04
CA VAL D 149 14.90 -10.02 6.45
C VAL D 149 15.30 -8.70 7.10
N LEU D 150 15.94 -7.82 6.35
CA LEU D 150 16.35 -6.51 6.86
C LEU D 150 15.16 -5.60 7.09
N ASN D 151 14.31 -5.45 6.09
CA ASN D 151 13.14 -4.60 6.22
C ASN D 151 12.14 -5.17 7.24
N THR D 152 12.21 -6.49 7.46
CA THR D 152 11.31 -7.15 8.41
C THR D 152 11.75 -6.99 9.86
N LEU D 153 13.04 -7.13 10.09
CA LEU D 153 13.53 -7.08 11.44
C LEU D 153 14.42 -5.87 11.82
N ALA D 154 14.88 -5.10 10.83
CA ALA D 154 15.78 -3.98 11.15
C ALA D 154 15.42 -2.65 10.53
N GLU D 155 14.20 -2.54 10.02
CA GLU D 155 13.79 -1.28 9.43
C GLU D 155 13.94 -0.25 10.53
N GLY D 156 14.67 0.83 10.25
CA GLY D 156 14.82 1.90 11.23
C GLY D 156 15.78 1.63 12.38
N LYS D 157 16.27 0.41 12.50
CA LYS D 157 17.20 0.08 13.58
C LYS D 157 18.53 -0.39 13.01
N GLU D 158 19.58 -0.38 13.85
CA GLU D 158 20.94 -0.77 13.43
C GLU D 158 21.21 -2.28 13.21
N VAL D 159 22.09 -2.56 12.25
CA VAL D 159 22.53 -3.91 11.92
C VAL D 159 24.06 -3.89 11.84
N ILE D 160 24.70 -4.72 12.65
CA ILE D 160 26.15 -4.75 12.66
C ILE D 160 26.67 -5.79 11.66
N ILE D 161 27.68 -5.40 10.88
CA ILE D 161 28.27 -6.28 9.88
C ILE D 161 29.74 -5.91 9.68
N SER D 162 30.55 -6.92 9.41
CA SER D 162 31.99 -6.71 9.20
C SER D 162 32.28 -5.90 7.94
N ARG D 163 33.26 -5.00 8.04
CA ARG D 163 33.64 -4.15 6.91
C ARG D 163 34.23 -4.97 5.76
N GLY D 164 34.56 -6.22 6.04
CA GLY D 164 35.12 -7.06 5.00
C GLY D 164 34.06 -7.91 4.33
N GLU D 165 32.83 -7.83 4.81
CA GLU D 165 31.74 -8.61 4.27
C GLU D 165 30.67 -7.79 3.53
N LEU D 166 30.98 -6.55 3.17
CA LEU D 166 30.04 -5.71 2.41
C LEU D 166 30.37 -5.92 0.93
N VAL D 167 29.76 -6.94 0.36
CA VAL D 167 30.02 -7.37 -1.02
C VAL D 167 29.23 -6.72 -2.16
N GLU D 168 29.73 -6.97 -3.37
CA GLU D 168 29.12 -6.52 -4.61
C GLU D 168 29.08 -7.73 -5.51
N ILE D 169 28.03 -8.52 -5.36
CA ILE D 169 27.89 -9.72 -6.16
C ILE D 169 26.91 -9.42 -7.29
N GLY D 170 27.29 -9.74 -8.51
CA GLY D 170 26.43 -9.45 -9.65
C GLY D 170 26.71 -8.03 -10.08
N GLY D 171 25.95 -7.54 -11.04
CA GLY D 171 26.19 -6.19 -11.52
C GLY D 171 25.44 -5.12 -10.74
N SER D 172 24.28 -5.48 -10.19
CA SER D 172 23.41 -4.54 -9.47
C SER D 172 23.30 -4.75 -7.95
N PHE D 173 23.76 -5.88 -7.42
CA PHE D 173 23.64 -6.14 -5.99
C PHE D 173 24.85 -5.70 -5.16
N ARG D 174 24.58 -4.98 -4.09
CA ARG D 174 25.60 -4.48 -3.16
C ARG D 174 24.98 -4.38 -1.77
N ILE D 175 25.45 -5.20 -0.83
CA ILE D 175 24.94 -5.16 0.53
C ILE D 175 24.69 -3.73 1.04
N PRO D 176 25.66 -2.83 0.87
CA PRO D 176 25.45 -1.46 1.34
C PRO D 176 24.36 -0.67 0.62
N ASP D 177 24.20 -0.91 -0.68
CA ASP D 177 23.18 -0.17 -1.41
C ASP D 177 21.78 -0.72 -1.25
N ILE D 178 21.65 -2.03 -1.07
CA ILE D 178 20.33 -2.63 -0.88
C ILE D 178 19.87 -2.44 0.57
N MET D 179 20.76 -2.71 1.53
CA MET D 179 20.42 -2.57 2.94
C MET D 179 19.92 -1.15 3.17
N LYS D 180 20.49 -0.20 2.44
CA LYS D 180 20.06 1.18 2.53
C LYS D 180 18.58 1.20 2.18
N LYS D 181 18.28 0.78 0.96
CA LYS D 181 16.90 0.72 0.49
C LYS D 181 16.04 -0.21 1.35
N SER D 182 16.71 -1.07 2.13
CA SER D 182 16.02 -1.98 3.05
C SER D 182 15.38 -1.27 4.24
N GLY D 183 15.84 -0.05 4.51
CA GLY D 183 15.32 0.71 5.64
C GLY D 183 16.13 0.47 6.91
N ALA D 184 17.06 -0.47 6.85
CA ALA D 184 17.91 -0.78 8.00
C ALA D 184 19.11 0.17 8.03
N ILE D 185 19.59 0.51 9.22
CA ILE D 185 20.76 1.39 9.34
C ILE D 185 22.00 0.50 9.45
N LEU D 186 23.00 0.78 8.61
CA LEU D 186 24.21 -0.04 8.55
C LEU D 186 25.36 0.38 9.48
N ARG D 187 25.79 -0.57 10.33
CA ARG D 187 26.86 -0.38 11.31
C ARG D 187 28.00 -1.31 10.95
N GLU D 188 29.00 -0.77 10.23
CA GLU D 188 30.13 -1.56 9.77
C GLU D 188 31.27 -1.62 10.77
N VAL D 189 31.63 -2.82 11.21
CA VAL D 189 32.70 -2.99 12.18
C VAL D 189 33.96 -3.66 11.61
N GLY D 190 35.07 -3.50 12.33
CA GLY D 190 36.34 -4.07 11.92
C GLY D 190 36.99 -3.33 10.77
N THR D 191 37.84 -4.03 10.03
CA THR D 191 38.51 -3.45 8.87
C THR D 191 38.44 -4.45 7.73
N THR D 192 38.83 -4.02 6.54
CA THR D 192 38.77 -4.87 5.38
C THR D 192 39.30 -6.28 5.60
N ASN D 193 40.61 -6.40 5.77
CA ASN D 193 41.29 -7.68 5.97
C ASN D 193 41.05 -8.37 7.31
N LYS D 194 40.94 -7.59 8.39
CA LYS D 194 40.74 -8.18 9.70
C LYS D 194 39.55 -7.66 10.51
N THR D 195 38.96 -8.56 11.27
CA THR D 195 37.82 -8.26 12.09
C THR D 195 37.72 -9.27 13.21
N LYS D 196 37.93 -8.82 14.44
CA LYS D 196 37.83 -9.71 15.58
C LYS D 196 36.42 -9.67 16.12
N VAL D 197 36.17 -10.38 17.22
CA VAL D 197 34.84 -10.40 17.81
C VAL D 197 34.60 -9.10 18.57
N SER D 198 35.65 -8.55 19.18
CA SER D 198 35.49 -7.30 19.92
C SER D 198 34.87 -6.19 19.07
N ASP D 199 35.14 -6.23 17.77
CA ASP D 199 34.59 -5.24 16.85
C ASP D 199 33.06 -5.33 16.82
N TYR D 200 32.54 -6.55 16.76
CA TYR D 200 31.10 -6.78 16.74
C TYR D 200 30.44 -6.32 18.04
N GLU D 201 30.94 -6.86 19.15
CA GLU D 201 30.45 -6.57 20.48
C GLU D 201 30.58 -5.09 20.86
N GLY D 202 31.54 -4.40 20.27
CA GLY D 202 31.76 -3.00 20.58
C GLY D 202 30.72 -2.03 20.03
N ALA D 203 30.10 -2.38 18.91
CA ALA D 203 29.12 -1.49 18.28
C ALA D 203 27.67 -1.79 18.62
N ILE D 204 27.42 -2.69 19.57
CA ILE D 204 26.04 -2.98 19.97
C ILE D 204 25.50 -1.84 20.83
N ASN D 205 24.17 -1.70 20.85
CA ASN D 205 23.51 -0.64 21.61
C ASN D 205 22.00 -0.80 21.53
N GLN D 206 21.26 0.19 22.04
CA GLN D 206 19.80 0.18 22.08
C GLN D 206 19.13 -0.05 20.72
N ASN D 207 19.73 0.43 19.64
CA ASN D 207 19.14 0.26 18.31
C ASN D 207 19.55 -1.01 17.57
N THR D 208 20.64 -1.63 18.00
CA THR D 208 21.11 -2.85 17.35
C THR D 208 20.05 -3.95 17.39
N ALA D 209 19.43 -4.19 16.23
CA ALA D 209 18.42 -5.22 16.15
C ALA D 209 18.93 -6.45 15.41
N LEU D 210 20.09 -6.34 14.76
CA LEU D 210 20.58 -7.48 14.01
C LEU D 210 22.07 -7.57 13.85
N LEU D 211 22.56 -8.80 13.96
CA LEU D 211 23.96 -9.09 13.77
C LEU D 211 23.96 -9.88 12.47
N MET D 212 24.47 -9.28 11.40
CA MET D 212 24.51 -9.96 10.09
C MET D 212 25.91 -10.22 9.53
N LYS D 213 26.10 -11.42 8.99
CA LYS D 213 27.37 -11.84 8.38
C LYS D 213 27.11 -12.35 6.97
N VAL D 214 27.89 -11.86 6.03
CA VAL D 214 27.76 -12.25 4.64
C VAL D 214 28.95 -13.11 4.28
N HIS D 215 28.71 -14.18 3.53
CA HIS D 215 29.77 -15.07 3.10
C HIS D 215 30.36 -14.57 1.77
N LYS D 216 31.67 -14.31 1.75
CA LYS D 216 32.33 -13.85 0.53
C LYS D 216 32.30 -14.99 -0.47
N SER D 217 31.24 -15.02 -1.27
CA SER D 217 31.04 -16.06 -2.26
C SER D 217 31.82 -15.84 -3.54
N ASN D 218 31.83 -14.59 -4.02
CA ASN D 218 32.51 -14.29 -5.28
C ASN D 218 33.87 -13.62 -5.17
N PHE D 219 34.57 -13.85 -4.05
CA PHE D 219 35.91 -13.30 -3.89
C PHE D 219 36.49 -13.81 -2.58
N TYR D 220 37.78 -13.58 -2.37
CA TYR D 220 38.43 -14.04 -1.15
C TYR D 220 39.67 -13.22 -0.88
N MET D 221 40.10 -13.23 0.37
CA MET D 221 41.28 -12.48 0.78
C MET D 221 42.33 -13.36 1.41
N GLU D 222 43.56 -13.18 0.97
CA GLU D 222 44.66 -13.92 1.54
C GLU D 222 45.74 -12.96 1.97
N GLY D 223 46.61 -13.45 2.84
CA GLY D 223 47.65 -12.61 3.39
C GLY D 223 47.16 -12.37 4.80
N PHE D 224 47.58 -11.29 5.45
CA PHE D 224 47.12 -11.05 6.81
C PHE D 224 45.61 -10.77 6.81
N VAL D 225 44.86 -11.75 7.30
CA VAL D 225 43.39 -11.68 7.34
C VAL D 225 42.77 -12.41 8.52
N GLU D 226 41.81 -11.74 9.17
CA GLU D 226 41.12 -12.29 10.32
C GLU D 226 39.62 -12.26 10.12
N GLU D 227 38.93 -13.29 10.59
CA GLU D 227 37.48 -13.37 10.46
C GLU D 227 36.84 -13.76 11.78
N VAL D 228 35.57 -13.43 11.95
CA VAL D 228 34.87 -13.77 13.17
C VAL D 228 34.18 -15.14 13.03
N LYS D 229 34.58 -16.06 13.90
CA LYS D 229 34.02 -17.41 13.87
C LYS D 229 32.50 -17.36 14.05
N LEU D 230 31.82 -18.37 13.52
CA LEU D 230 30.37 -18.41 13.62
C LEU D 230 29.89 -18.76 15.03
N GLU D 231 30.57 -19.67 15.71
CA GLU D 231 30.15 -20.02 17.06
C GLU D 231 30.24 -18.81 17.96
N ASP D 232 31.22 -17.95 17.68
CA ASP D 232 31.45 -16.73 18.46
C ASP D 232 30.31 -15.74 18.34
N LEU D 233 29.83 -15.56 17.13
CA LEU D 233 28.77 -14.60 16.91
C LEU D 233 27.45 -15.10 17.50
N VAL D 234 27.23 -16.42 17.52
CA VAL D 234 26.03 -17.00 18.13
C VAL D 234 26.10 -16.67 19.63
N LYS D 235 27.27 -16.93 20.22
CA LYS D 235 27.52 -16.68 21.65
C LYS D 235 27.25 -15.22 21.99
N LEU D 236 27.78 -14.33 21.17
CA LEU D 236 27.62 -12.89 21.34
C LEU D 236 26.17 -12.46 21.28
N GLY D 237 25.41 -13.07 20.36
CA GLY D 237 24.00 -12.75 20.23
C GLY D 237 23.21 -13.17 21.46
N HIS D 238 23.35 -14.43 21.86
CA HIS D 238 22.64 -14.97 23.02
C HIS D 238 23.02 -14.30 24.34
N LYS D 239 24.09 -13.50 24.31
CA LYS D 239 24.56 -12.78 25.48
C LYS D 239 23.78 -11.48 25.67
N TYR D 240 23.57 -10.79 24.56
CA TYR D 240 22.87 -9.50 24.56
C TYR D 240 21.41 -9.63 24.11
N GLY D 241 21.05 -10.82 23.63
CA GLY D 241 19.68 -11.03 23.17
C GLY D 241 19.47 -10.46 21.78
N ILE D 242 20.45 -10.66 20.92
CA ILE D 242 20.36 -10.18 19.54
C ILE D 242 20.40 -11.34 18.57
N PRO D 243 19.56 -11.29 17.54
CA PRO D 243 19.46 -12.31 16.50
C PRO D 243 20.64 -12.34 15.57
N THR D 244 20.91 -13.53 15.06
CA THR D 244 22.01 -13.79 14.14
C THR D 244 21.47 -14.14 12.76
N TYR D 245 21.95 -13.46 11.73
CA TYR D 245 21.50 -13.70 10.36
C TYR D 245 22.64 -13.97 9.36
N TYR D 246 22.77 -15.22 8.90
CA TYR D 246 23.83 -15.57 7.95
C TYR D 246 23.39 -15.70 6.51
N ASP D 247 24.00 -14.90 5.66
CA ASP D 247 23.72 -14.95 4.25
C ASP D 247 24.78 -15.83 3.63
N ALA D 248 24.46 -17.13 3.57
CA ALA D 248 25.39 -18.10 3.00
C ALA D 248 25.65 -17.78 1.54
N GLY D 249 24.57 -17.44 0.82
CA GLY D 249 24.71 -17.09 -0.58
C GLY D 249 24.84 -18.30 -1.49
N SER D 250 25.81 -19.17 -1.20
CA SER D 250 26.02 -20.35 -2.01
C SER D 250 24.82 -21.28 -1.92
N GLY D 251 24.13 -21.24 -0.78
CA GLY D 251 22.96 -22.08 -0.61
C GLY D 251 23.34 -23.55 -0.65
N LEU D 252 24.35 -23.90 0.12
CA LEU D 252 24.81 -25.28 0.18
C LEU D 252 23.91 -26.02 1.14
N LEU D 253 23.16 -26.99 0.61
CA LEU D 253 22.22 -27.72 1.44
C LEU D 253 22.86 -28.80 2.32
N ILE D 254 24.03 -29.31 1.93
CA ILE D 254 24.65 -30.38 2.70
C ILE D 254 26.15 -30.20 2.92
N ASN D 255 26.70 -31.04 3.80
CA ASN D 255 28.14 -30.98 4.03
C ASN D 255 28.76 -31.42 2.72
N LEU D 256 29.79 -30.70 2.31
CA LEU D 256 30.43 -30.96 1.04
C LEU D 256 31.59 -31.95 1.10
N LYS D 257 32.17 -32.13 2.28
CA LYS D 257 33.29 -33.06 2.45
C LYS D 257 32.84 -34.50 2.26
N GLU D 258 31.54 -34.73 2.39
CA GLU D 258 30.95 -36.06 2.21
C GLU D 258 31.16 -36.60 0.79
N PHE D 259 31.43 -35.71 -0.16
CA PHE D 259 31.58 -36.11 -1.56
C PHE D 259 33.03 -36.09 -2.08
N GLY D 260 34.00 -36.00 -1.18
CA GLY D 260 35.40 -36.01 -1.59
C GLY D 260 36.04 -34.65 -1.75
N ILE D 261 35.24 -33.61 -1.92
CA ILE D 261 35.77 -32.26 -2.05
C ILE D 261 35.89 -31.64 -0.67
N SER D 262 37.12 -31.34 -0.30
CA SER D 262 37.41 -30.78 1.01
C SER D 262 37.44 -29.26 1.03
N VAL D 263 36.36 -28.66 1.51
CA VAL D 263 36.27 -27.20 1.63
C VAL D 263 35.46 -26.84 2.87
N ASP D 264 35.61 -25.59 3.31
CA ASP D 264 34.92 -25.12 4.51
C ASP D 264 33.57 -24.47 4.22
N GLU D 265 33.15 -24.47 2.97
CA GLU D 265 31.87 -23.83 2.62
C GLU D 265 30.78 -24.23 3.61
N PRO D 266 30.04 -23.23 4.14
CA PRO D 266 28.97 -23.48 5.11
C PRO D 266 27.72 -24.03 4.46
N ASN D 267 26.90 -24.73 5.24
CA ASN D 267 25.65 -25.29 4.74
C ASN D 267 24.56 -25.12 5.79
N PHE D 268 23.31 -25.07 5.32
CA PHE D 268 22.17 -24.86 6.21
C PHE D 268 22.11 -25.76 7.45
N ARG D 269 22.02 -27.07 7.29
CA ARG D 269 21.92 -27.97 8.44
C ARG D 269 22.95 -27.66 9.51
N ASP D 270 24.21 -27.59 9.10
CA ASP D 270 25.29 -27.30 10.03
C ASP D 270 25.26 -25.90 10.61
N CYS D 271 24.98 -24.90 9.78
CA CYS D 271 24.90 -23.54 10.26
C CYS D 271 23.69 -23.36 11.21
N ILE D 272 22.62 -24.10 10.94
CA ILE D 272 21.42 -24.04 11.77
C ILE D 272 21.71 -24.69 13.12
N SER D 273 22.25 -25.90 13.08
CA SER D 273 22.58 -26.63 14.30
C SER D 273 23.72 -25.97 15.10
N LEU D 274 24.21 -24.83 14.60
CA LEU D 274 25.27 -24.03 15.26
C LEU D 274 24.72 -23.01 16.25
N GLY D 275 23.47 -22.60 16.03
CA GLY D 275 22.87 -21.62 16.92
C GLY D 275 22.44 -20.36 16.21
N ILE D 276 22.59 -20.34 14.89
CA ILE D 276 22.19 -19.17 14.12
C ILE D 276 20.67 -19.14 14.04
N ASP D 277 20.12 -17.94 14.16
CA ASP D 277 18.68 -17.77 14.14
C ASP D 277 18.06 -17.75 12.76
N LEU D 278 18.78 -17.22 11.78
CA LEU D 278 18.30 -17.18 10.41
C LEU D 278 19.41 -17.45 9.39
N VAL D 279 19.05 -18.09 8.29
CA VAL D 279 20.00 -18.39 7.22
C VAL D 279 19.33 -18.33 5.87
N SER D 280 20.03 -17.74 4.90
CA SER D 280 19.47 -17.62 3.56
C SER D 280 20.47 -18.05 2.49
N GLY D 281 19.97 -18.19 1.26
CA GLY D 281 20.81 -18.59 0.15
C GLY D 281 20.03 -18.82 -1.13
N SER D 282 20.71 -18.71 -2.27
CA SER D 282 20.09 -18.91 -3.58
C SER D 282 19.90 -20.40 -3.89
N GLY D 283 18.82 -20.72 -4.58
CA GLY D 283 18.57 -22.12 -4.92
C GLY D 283 19.32 -22.57 -6.16
N ASP D 284 19.64 -21.62 -7.03
CA ASP D 284 20.32 -21.91 -8.28
C ASP D 284 21.84 -21.85 -8.21
N1 LLP D 285 24.57 -12.37 -1.60
C2 LLP D 285 25.45 -13.38 -1.74
C2' LLP D 285 26.61 -13.51 -0.76
C3 LLP D 285 25.33 -14.28 -2.81
O3 LLP D 285 26.24 -15.26 -2.96
C4 LLP D 285 24.24 -14.18 -3.67
C4' LLP D 285 24.08 -15.10 -4.74
C5 LLP D 285 23.35 -13.12 -3.51
C6 LLP D 285 23.51 -12.25 -2.41
C5' LLP D 285 22.14 -12.89 -4.41
OP4 LLP D 285 21.47 -14.10 -4.71
P LLP D 285 20.39 -14.10 -5.90
OP1 LLP D 285 19.39 -13.02 -5.77
OP2 LLP D 285 19.76 -15.46 -5.88
OP3 LLP D 285 21.16 -14.04 -7.16
N LLP D 285 22.40 -22.01 -7.02
CA LLP D 285 23.84 -22.04 -6.87
CB LLP D 285 24.35 -20.95 -5.90
CG LLP D 285 24.46 -19.55 -6.52
CD LLP D 285 24.82 -18.48 -5.47
CE LLP D 285 24.75 -17.06 -6.02
NZ LLP D 285 24.94 -16.09 -4.93
C LLP D 285 24.20 -23.43 -6.40
O LLP D 285 23.98 -24.40 -7.12
N LEU D 286 24.70 -23.53 -5.18
CA LEU D 286 25.10 -24.83 -4.65
C LEU D 286 23.95 -25.79 -4.31
N LEU D 287 22.71 -25.37 -4.49
CA LEU D 287 21.60 -26.29 -4.20
C LEU D 287 21.32 -27.04 -5.49
N GLY D 288 21.56 -26.38 -6.61
CA GLY D 288 21.36 -27.01 -7.90
C GLY D 288 19.93 -26.95 -8.40
N GLY D 289 19.09 -26.17 -7.73
CA GLY D 289 17.71 -26.06 -8.15
C GLY D 289 17.42 -24.76 -8.88
N PRO D 290 16.13 -24.43 -9.07
CA PRO D 290 15.73 -23.21 -9.76
C PRO D 290 16.01 -21.98 -8.89
N GLN D 291 16.02 -20.80 -9.51
CA GLN D 291 16.26 -19.54 -8.81
C GLN D 291 15.30 -19.41 -7.64
N ALA D 292 15.84 -19.22 -6.44
CA ALA D 292 14.99 -19.09 -5.26
C ALA D 292 15.72 -18.59 -4.03
N GLY D 293 15.09 -17.67 -3.32
CA GLY D 293 15.67 -17.16 -2.09
C GLY D 293 15.19 -18.06 -0.98
N ILE D 294 16.12 -18.71 -0.28
CA ILE D 294 15.76 -19.66 0.77
C ILE D 294 16.11 -19.16 2.16
N ILE D 295 15.11 -19.15 3.04
CA ILE D 295 15.25 -18.68 4.41
C ILE D 295 14.79 -19.77 5.38
N VAL D 296 15.63 -20.07 6.37
CA VAL D 296 15.32 -21.07 7.39
C VAL D 296 15.84 -20.54 8.73
N GLY D 297 15.10 -20.80 9.81
CA GLY D 297 15.52 -20.34 11.12
C GLY D 297 14.40 -20.43 12.14
N LYS D 298 14.49 -19.63 13.19
CA LYS D 298 13.50 -19.61 14.27
C LYS D 298 12.09 -19.34 13.74
N LYS D 299 11.09 -20.02 14.30
CA LYS D 299 9.69 -19.87 13.87
C LYS D 299 9.16 -18.46 14.10
N ASN D 300 9.40 -17.90 15.29
CA ASN D 300 8.95 -16.56 15.63
C ASN D 300 9.46 -15.50 14.65
N LEU D 301 10.57 -15.80 13.98
CA LEU D 301 11.17 -14.89 13.00
C LEU D 301 10.58 -15.10 11.61
N ILE D 302 10.42 -16.37 11.24
CA ILE D 302 9.85 -16.75 9.95
C ILE D 302 8.46 -16.16 9.84
N GLU D 303 7.70 -16.27 10.93
CA GLU D 303 6.34 -15.74 10.93
C GLU D 303 6.35 -14.21 10.81
N LYS D 304 7.40 -13.56 11.32
CA LYS D 304 7.51 -12.10 11.20
C LYS D 304 7.81 -11.70 9.78
N ILE D 305 8.61 -12.51 9.11
CA ILE D 305 8.99 -12.26 7.73
C ILE D 305 7.81 -12.50 6.79
N LYS D 306 7.12 -13.62 6.99
CA LYS D 306 5.96 -13.96 6.16
C LYS D 306 4.87 -12.89 6.17
N LYS D 307 4.53 -12.40 7.35
CA LYS D 307 3.50 -11.39 7.47
C LYS D 307 3.84 -10.06 6.79
N ASN D 308 5.13 -9.82 6.54
CA ASN D 308 5.55 -8.58 5.88
C ASN D 308 4.85 -8.43 4.53
N PRO D 309 4.15 -7.30 4.32
CA PRO D 309 3.44 -7.02 3.07
C PRO D 309 4.30 -7.04 1.80
N ILE D 310 5.61 -7.06 1.98
CA ILE D 310 6.54 -7.08 0.85
C ILE D 310 6.79 -8.53 0.35
N ALA D 311 6.52 -9.53 1.20
CA ALA D 311 6.71 -10.94 0.83
C ALA D 311 5.83 -11.40 -0.34
N ARG D 312 4.74 -10.67 -0.57
CA ARG D 312 3.83 -10.97 -1.67
C ARG D 312 4.41 -10.55 -3.01
N ALA D 313 5.30 -9.56 -2.97
CA ALA D 313 5.94 -9.06 -4.17
C ALA D 313 7.17 -9.89 -4.49
N LEU D 314 7.50 -10.82 -3.61
CA LEU D 314 8.67 -11.70 -3.79
C LEU D 314 8.25 -13.13 -3.90
N ARG D 315 7.03 -13.41 -3.47
CA ARG D 315 6.53 -14.79 -3.50
C ARG D 315 6.87 -15.37 -4.86
N ILE D 316 7.34 -16.60 -4.81
CA ILE D 316 7.80 -17.37 -5.96
C ILE D 316 6.72 -17.78 -6.95
N ASP D 317 7.12 -17.97 -8.21
CA ASP D 317 6.21 -18.35 -9.28
C ASP D 317 5.93 -19.85 -9.28
N LYS D 318 4.93 -20.26 -10.06
CA LYS D 318 4.52 -21.66 -10.13
C LYS D 318 5.60 -22.59 -10.67
N LEU D 319 6.42 -22.09 -11.60
CA LEU D 319 7.47 -22.91 -12.19
C LEU D 319 8.59 -23.27 -11.22
N THR D 320 9.20 -22.25 -10.61
CA THR D 320 10.31 -22.47 -9.67
C THR D 320 9.85 -23.21 -8.40
N LEU D 321 8.61 -22.98 -7.99
CA LEU D 321 8.08 -23.65 -6.80
C LEU D 321 8.06 -25.16 -7.01
N SER D 322 7.35 -25.59 -8.03
CA SER D 322 7.27 -27.02 -8.35
C SER D 322 8.68 -27.56 -8.54
N GLY D 323 9.39 -26.97 -9.49
CA GLY D 323 10.75 -27.39 -9.78
C GLY D 323 11.63 -27.43 -8.55
N LEU D 324 11.28 -26.66 -7.52
CA LEU D 324 12.08 -26.68 -6.30
C LEU D 324 11.70 -27.87 -5.42
N GLU D 325 10.44 -28.26 -5.46
CA GLU D 325 9.98 -29.40 -4.67
C GLU D 325 10.61 -30.71 -5.15
N MET D 326 10.72 -30.86 -6.47
CA MET D 326 11.27 -32.09 -7.03
C MET D 326 12.77 -32.13 -6.81
N THR D 327 13.37 -30.96 -6.66
CA THR D 327 14.80 -30.83 -6.41
C THR D 327 15.05 -31.21 -4.97
N LEU D 328 14.09 -30.86 -4.13
CA LEU D 328 14.16 -31.16 -2.70
C LEU D 328 13.82 -32.62 -2.44
N LYS D 329 12.95 -33.17 -3.29
CA LYS D 329 12.54 -34.56 -3.18
C LYS D 329 13.78 -35.42 -3.48
N LEU D 330 14.56 -35.02 -4.47
CA LEU D 330 15.78 -35.74 -4.83
C LEU D 330 16.76 -35.76 -3.64
N TYR D 331 16.83 -34.66 -2.90
CA TYR D 331 17.74 -34.56 -1.75
C TYR D 331 17.40 -35.52 -0.60
N PHE D 332 16.11 -35.77 -0.40
CA PHE D 332 15.66 -36.67 0.66
C PHE D 332 15.96 -38.12 0.31
N GLU D 333 15.84 -38.42 -0.98
CA GLU D 333 16.09 -39.76 -1.50
C GLU D 333 17.57 -40.02 -1.73
N LYS D 334 18.40 -39.07 -1.35
CA LYS D 334 19.85 -39.19 -1.53
C LYS D 334 20.30 -39.43 -2.97
N ARG D 335 19.47 -39.00 -3.91
CA ARG D 335 19.79 -39.17 -5.31
C ARG D 335 20.77 -38.11 -5.81
N TYR D 336 21.77 -37.80 -5.00
CA TYR D 336 22.79 -36.77 -5.30
C TYR D 336 23.23 -36.66 -6.77
N GLU D 337 23.61 -37.77 -7.40
CA GLU D 337 24.08 -37.75 -8.80
C GLU D 337 23.05 -37.18 -9.78
N ASP D 338 21.78 -37.15 -9.38
CA ASP D 338 20.69 -36.67 -10.24
C ASP D 338 20.65 -35.17 -10.42
N ILE D 339 21.32 -34.46 -9.53
CA ILE D 339 21.35 -33.01 -9.59
C ILE D 339 22.68 -32.56 -10.18
N PRO D 340 22.63 -32.07 -11.44
CA PRO D 340 23.70 -31.57 -12.29
C PRO D 340 24.91 -30.97 -11.59
N VAL D 341 24.68 -29.91 -10.84
CA VAL D 341 25.76 -29.21 -10.17
C VAL D 341 26.54 -30.10 -9.20
N ILE D 342 25.88 -31.00 -8.46
CA ILE D 342 26.62 -31.89 -7.55
C ILE D 342 27.40 -32.95 -8.32
N ARG D 343 26.83 -33.49 -9.39
CA ARG D 343 27.52 -34.50 -10.19
C ARG D 343 28.77 -33.95 -10.90
N MET D 344 28.64 -32.74 -11.44
CA MET D 344 29.73 -32.09 -12.18
C MET D 344 30.99 -31.86 -11.34
N LEU D 345 30.81 -31.49 -10.08
CA LEU D 345 31.95 -31.23 -9.22
C LEU D 345 32.53 -32.45 -8.52
N THR D 346 31.69 -33.47 -8.27
CA THR D 346 32.16 -34.68 -7.60
C THR D 346 32.50 -35.81 -8.59
N GLN D 347 32.66 -35.43 -9.87
CA GLN D 347 33.00 -36.41 -10.91
C GLN D 347 34.42 -36.93 -10.75
N ASP D 348 34.59 -38.22 -11.04
CA ASP D 348 35.88 -38.87 -10.93
C ASP D 348 36.91 -38.24 -11.87
N GLU D 349 38.12 -38.06 -11.36
CA GLU D 349 39.19 -37.52 -12.18
C GLU D 349 39.22 -38.46 -13.38
N LYS D 350 39.09 -39.74 -13.10
CA LYS D 350 39.08 -40.75 -14.14
C LYS D 350 37.91 -40.48 -15.05
N ALA D 351 36.75 -40.19 -14.46
CA ALA D 351 35.54 -39.90 -15.22
C ALA D 351 35.75 -38.80 -16.27
N LEU D 352 36.45 -37.72 -15.91
CA LEU D 352 36.69 -36.62 -16.84
C LEU D 352 37.57 -36.94 -18.05
N ARG D 353 38.66 -37.67 -17.87
CA ARG D 353 39.51 -38.05 -19.01
C ARG D 353 38.72 -38.96 -19.93
N GLN D 354 37.91 -39.83 -19.34
CA GLN D 354 37.08 -40.79 -20.08
C GLN D 354 36.21 -40.08 -21.11
N LYS D 355 35.84 -38.85 -20.81
CA LYS D 355 35.02 -38.06 -21.70
C LYS D 355 35.92 -37.15 -22.53
N ALA D 356 37.09 -36.85 -21.99
CA ALA D 356 38.07 -36.00 -22.68
C ALA D 356 38.54 -36.67 -23.95
N LYS D 357 38.84 -37.96 -23.88
CA LYS D 357 39.33 -38.67 -25.04
C LYS D 357 38.22 -39.25 -25.92
N ARG D 358 37.00 -39.33 -25.41
CA ARG D 358 35.87 -39.82 -26.21
C ARG D 358 35.43 -38.75 -27.20
N LEU D 359 35.88 -37.51 -26.97
CA LEU D 359 35.58 -36.36 -27.82
C LEU D 359 36.70 -36.21 -28.85
N GLU D 360 37.92 -36.47 -28.39
CA GLU D 360 39.09 -36.38 -29.25
C GLU D 360 39.03 -37.46 -30.34
N LYS D 361 38.32 -38.55 -30.03
CA LYS D 361 38.15 -39.65 -30.99
C LYS D 361 37.11 -39.24 -32.02
N LEU D 362 36.33 -38.23 -31.70
CA LEU D 362 35.28 -37.78 -32.62
C LEU D 362 35.75 -36.59 -33.49
N LEU D 363 36.93 -36.05 -33.22
CA LEU D 363 37.42 -34.90 -34.00
C LEU D 363 38.72 -35.18 -34.79
N LYS D 364 39.28 -36.39 -34.70
CA LYS D 364 40.52 -36.67 -35.44
C LYS D 364 40.35 -36.63 -36.96
N ASP D 365 39.15 -36.93 -37.46
CA ASP D 365 38.87 -36.91 -38.91
C ASP D 365 38.70 -35.51 -39.49
N ILE D 366 38.01 -34.63 -38.78
CA ILE D 366 37.76 -33.26 -39.26
C ILE D 366 39.05 -32.61 -39.75
N PRO D 367 39.05 -32.05 -40.98
CA PRO D 367 40.19 -31.40 -41.62
C PRO D 367 40.86 -30.20 -40.91
N GLY D 368 42.19 -30.29 -40.82
CA GLY D 368 43.00 -29.23 -40.23
C GLY D 368 42.98 -29.13 -38.71
N LEU D 369 42.39 -30.11 -38.03
CA LEU D 369 42.29 -30.07 -36.57
C LEU D 369 43.45 -30.69 -35.77
N LYS D 370 44.10 -29.84 -34.97
CA LYS D 370 45.20 -30.25 -34.09
C LYS D 370 44.60 -30.53 -32.71
N ILE D 371 44.29 -31.80 -32.45
CA ILE D 371 43.66 -32.22 -31.20
C ILE D 371 44.60 -32.81 -30.15
N SER D 372 44.57 -32.24 -28.93
CA SER D 372 45.38 -32.72 -27.80
C SER D 372 44.58 -32.63 -26.49
N VAL D 373 44.79 -33.57 -25.58
CA VAL D 373 44.12 -33.60 -24.28
C VAL D 373 45.08 -33.22 -23.15
N ILE D 374 44.84 -32.10 -22.47
CA ILE D 374 45.73 -31.69 -21.38
C ILE D 374 45.06 -31.73 -20.00
N LYS D 375 45.86 -32.01 -18.98
CA LYS D 375 45.40 -32.08 -17.58
C LYS D 375 45.71 -30.73 -16.95
N ASP D 376 44.67 -29.92 -16.75
CA ASP D 376 44.81 -28.58 -16.23
C ASP D 376 44.07 -28.41 -14.89
N LYS D 377 44.50 -27.44 -14.09
CA LYS D 377 43.85 -27.17 -12.81
C LYS D 377 43.07 -25.86 -12.92
N ALA D 378 41.74 -25.96 -12.85
CA ALA D 378 40.90 -24.78 -12.95
C ALA D 378 40.11 -24.54 -11.67
N LYS D 379 39.32 -23.47 -11.66
CA LYS D 379 38.50 -23.11 -10.50
C LYS D 379 37.02 -23.22 -10.88
N PRO D 380 36.43 -24.41 -10.64
CA PRO D 380 35.06 -24.81 -10.93
C PRO D 380 33.98 -23.80 -10.52
N GLY D 381 33.98 -23.42 -9.24
CA GLY D 381 32.96 -22.50 -8.72
C GLY D 381 33.05 -21.06 -9.21
N GLY D 382 31.97 -20.57 -9.80
CA GLY D 382 31.94 -19.21 -10.30
C GLY D 382 31.25 -18.23 -9.37
N GLY D 383 30.05 -18.60 -8.93
CA GLY D 383 29.32 -17.71 -8.05
C GLY D 383 29.19 -18.18 -6.62
N SER D 384 29.91 -19.24 -6.23
CA SER D 384 29.79 -19.72 -4.85
C SER D 384 31.08 -20.20 -4.21
N LEU D 385 32.01 -20.72 -5.00
CA LEU D 385 33.28 -21.22 -4.47
C LEU D 385 34.45 -20.56 -5.19
N PRO D 386 34.90 -19.40 -4.67
CA PRO D 386 36.00 -18.58 -5.19
C PRO D 386 37.40 -19.20 -5.16
N GLU D 387 37.77 -19.79 -4.02
CA GLU D 387 39.11 -20.37 -3.88
C GLU D 387 39.27 -21.77 -4.49
N LEU D 388 38.21 -22.59 -4.50
CA LEU D 388 38.33 -23.96 -5.03
C LEU D 388 39.06 -24.08 -6.36
N GLU D 389 39.96 -25.06 -6.43
CA GLU D 389 40.75 -25.34 -7.62
C GLU D 389 40.81 -26.87 -7.74
N LEU D 390 40.19 -27.41 -8.78
CA LEU D 390 40.17 -28.86 -8.98
C LEU D 390 40.69 -29.24 -10.36
N PRO D 391 41.39 -30.39 -10.46
CA PRO D 391 41.95 -30.88 -11.73
C PRO D 391 40.85 -31.36 -12.69
N THR D 392 41.01 -31.09 -13.98
CA THR D 392 40.03 -31.52 -15.00
C THR D 392 40.69 -31.57 -16.40
N TYR D 393 40.26 -32.51 -17.24
CA TYR D 393 40.83 -32.69 -18.59
C TYR D 393 40.23 -31.84 -19.68
N CYS D 394 41.08 -30.98 -20.24
CA CYS D 394 40.71 -30.08 -21.34
C CYS D 394 41.18 -30.70 -22.66
N VAL D 395 40.34 -30.66 -23.70
CA VAL D 395 40.72 -31.14 -25.03
C VAL D 395 41.07 -29.89 -25.85
N ALA D 396 42.33 -29.47 -25.78
CA ALA D 396 42.83 -28.28 -26.48
C ALA D 396 42.93 -28.48 -27.99
N ILE D 397 42.26 -27.62 -28.76
CA ILE D 397 42.28 -27.73 -30.22
C ILE D 397 42.87 -26.52 -30.95
N ARG D 398 43.31 -26.76 -32.19
CA ARG D 398 43.92 -25.72 -33.01
C ARG D 398 43.94 -26.06 -34.52
N HIS D 399 43.33 -25.19 -35.32
CA HIS D 399 43.20 -25.33 -36.78
C HIS D 399 44.27 -24.44 -37.46
N ASP D 400 44.88 -24.95 -38.53
CA ASP D 400 45.91 -24.20 -39.25
C ASP D 400 45.37 -22.94 -39.94
N ARG D 401 44.18 -23.06 -40.52
CA ARG D 401 43.58 -21.95 -41.24
C ARG D 401 43.13 -20.79 -40.37
N LEU D 402 42.25 -21.08 -39.41
CA LEU D 402 41.67 -20.06 -38.55
C LEU D 402 42.40 -19.89 -37.21
N SER D 403 42.27 -18.72 -36.58
CA SER D 403 42.93 -18.46 -35.29
C SER D 403 41.96 -18.68 -34.11
N SER D 404 42.52 -18.99 -32.94
CA SER D 404 41.74 -19.27 -31.73
C SER D 404 40.65 -18.25 -31.44
N GLN D 405 40.98 -16.98 -31.65
CA GLN D 405 40.03 -15.89 -31.38
C GLN D 405 38.82 -16.02 -32.28
N GLU D 406 39.06 -16.04 -33.58
CA GLU D 406 37.99 -16.19 -34.55
C GLU D 406 37.19 -17.45 -34.27
N LEU D 407 37.86 -18.49 -33.78
CA LEU D 407 37.21 -19.76 -33.50
C LEU D 407 36.15 -19.64 -32.41
N SER D 408 36.51 -19.06 -31.26
CA SER D 408 35.53 -18.91 -30.19
C SER D 408 34.30 -18.16 -30.71
N ARG D 409 34.54 -17.13 -31.51
CA ARG D 409 33.50 -16.28 -32.08
C ARG D 409 32.45 -17.04 -32.90
N ARG D 410 32.88 -17.89 -33.83
CA ARG D 410 31.96 -18.66 -34.66
C ARG D 410 31.22 -19.71 -33.83
N LEU D 411 31.91 -20.28 -32.84
CA LEU D 411 31.32 -21.31 -31.98
C LEU D 411 30.18 -20.76 -31.13
N ARG D 412 30.22 -19.46 -30.81
CA ARG D 412 29.18 -18.86 -30.00
C ARG D 412 28.01 -18.47 -30.91
N LEU D 413 28.23 -18.56 -32.21
CA LEU D 413 27.21 -18.23 -33.19
C LEU D 413 26.60 -19.48 -33.80
N ALA D 414 27.09 -20.64 -33.38
CA ALA D 414 26.60 -21.90 -33.90
C ALA D 414 25.25 -22.22 -33.29
N GLU D 415 24.61 -23.26 -33.83
CA GLU D 415 23.31 -23.70 -33.36
C GLU D 415 23.33 -25.21 -33.17
N PRO D 416 23.47 -25.66 -31.91
CA PRO D 416 23.61 -24.84 -30.70
C PRO D 416 24.98 -24.14 -30.58
N PRO D 417 25.02 -23.03 -29.82
CA PRO D 417 26.26 -22.27 -29.60
C PRO D 417 27.10 -22.90 -28.49
N ILE D 418 28.41 -22.74 -28.58
CA ILE D 418 29.32 -23.30 -27.60
C ILE D 418 30.29 -22.23 -27.11
N VAL D 419 30.34 -22.03 -25.80
CA VAL D 419 31.22 -21.03 -25.20
C VAL D 419 32.39 -21.73 -24.49
N CYS D 420 33.60 -21.28 -24.79
CA CYS D 420 34.81 -21.91 -24.24
C CYS D 420 35.92 -20.94 -23.85
N ARG D 421 36.86 -21.44 -23.05
CA ARG D 421 38.01 -20.67 -22.57
C ARG D 421 39.04 -20.52 -23.68
N ILE D 422 39.94 -19.57 -23.50
CA ILE D 422 41.00 -19.34 -24.47
C ILE D 422 42.25 -19.07 -23.67
N ARG D 423 43.33 -19.76 -24.03
CA ARG D 423 44.60 -19.59 -23.32
C ARG D 423 45.80 -19.79 -24.26
N GLU D 424 46.45 -18.70 -24.64
CA GLU D 424 47.63 -18.76 -25.51
C GLU D 424 47.25 -19.43 -26.84
N ASP D 425 46.42 -18.74 -27.63
CA ASP D 425 45.94 -19.22 -28.93
C ASP D 425 45.63 -20.72 -29.00
N GLN D 426 45.09 -21.27 -27.91
CA GLN D 426 44.70 -22.68 -27.89
C GLN D 426 43.32 -22.72 -27.23
N LEU D 427 42.28 -22.91 -28.05
CA LEU D 427 40.91 -23.01 -27.56
C LEU D 427 40.91 -24.22 -26.61
N LEU D 428 40.16 -24.12 -25.50
CA LEU D 428 40.12 -25.20 -24.51
C LEU D 428 38.66 -25.61 -24.19
N PHE D 429 38.44 -26.90 -23.96
CA PHE D 429 37.11 -27.45 -23.64
C PHE D 429 37.17 -28.26 -22.33
N ASP D 430 36.76 -27.65 -21.22
CA ASP D 430 36.75 -28.33 -19.92
C ASP D 430 35.58 -29.33 -19.92
N MET D 431 35.87 -30.61 -19.67
CA MET D 431 34.84 -31.64 -19.70
C MET D 431 34.03 -31.72 -18.40
N ARG D 432 34.38 -30.91 -17.42
CA ARG D 432 33.68 -30.90 -16.15
C ARG D 432 32.23 -30.48 -16.31
N THR D 433 31.97 -29.66 -17.31
CA THR D 433 30.64 -29.13 -17.56
C THR D 433 29.93 -29.65 -18.80
N VAL D 434 30.59 -30.50 -19.56
CA VAL D 434 30.02 -31.02 -20.82
C VAL D 434 29.19 -32.29 -20.69
N PHE D 435 27.95 -32.22 -21.15
CA PHE D 435 27.09 -33.39 -21.13
C PHE D 435 27.43 -34.30 -22.30
N HIS D 436 27.21 -35.60 -22.12
CA HIS D 436 27.52 -36.57 -23.15
C HIS D 436 26.86 -36.32 -24.50
N GLU D 437 25.56 -36.04 -24.51
CA GLU D 437 24.85 -35.81 -25.76
C GLU D 437 25.36 -34.58 -26.51
N ASP D 438 26.30 -33.87 -25.91
CA ASP D 438 26.88 -32.68 -26.54
C ASP D 438 28.07 -33.05 -27.41
N LEU D 439 28.76 -34.12 -27.04
CA LEU D 439 29.95 -34.57 -27.77
C LEU D 439 29.64 -34.80 -29.24
N LYS D 440 28.47 -35.37 -29.52
CA LYS D 440 28.04 -35.59 -30.89
C LYS D 440 27.73 -34.26 -31.57
N THR D 441 27.20 -33.31 -30.79
CA THR D 441 26.86 -31.99 -31.34
C THR D 441 28.08 -31.09 -31.48
N ILE D 442 29.15 -31.42 -30.75
CA ILE D 442 30.42 -30.67 -30.82
C ILE D 442 31.09 -30.94 -32.16
N LYS D 443 31.18 -32.23 -32.49
CA LYS D 443 31.81 -32.70 -33.72
C LYS D 443 31.06 -32.25 -34.99
N LYS D 444 29.73 -32.25 -34.93
CA LYS D 444 28.89 -31.84 -36.07
C LYS D 444 28.91 -30.32 -36.29
N THR D 445 29.27 -29.55 -35.26
CA THR D 445 29.35 -28.10 -35.48
C THR D 445 30.75 -27.69 -35.94
N LEU D 446 31.79 -28.40 -35.48
CA LEU D 446 33.15 -28.08 -35.91
C LEU D 446 33.37 -28.49 -37.39
N GLN D 447 32.77 -29.62 -37.82
CA GLN D 447 32.92 -30.06 -39.22
C GLN D 447 32.15 -29.17 -40.20
N GLU D 448 31.19 -28.39 -39.68
CA GLU D 448 30.39 -27.49 -40.51
C GLU D 448 31.01 -26.11 -40.67
N LEU D 449 32.07 -25.83 -39.93
CA LEU D 449 32.71 -24.53 -39.99
C LEU D 449 34.08 -24.57 -40.67
N LEU D 450 34.73 -25.74 -40.64
CA LEU D 450 36.06 -25.90 -41.22
C LEU D 450 36.02 -26.58 -42.60
N SER D 451 34.93 -27.25 -42.95
CA SER D 451 34.82 -27.91 -44.26
C SER D 451 33.77 -27.23 -45.15
N ILE D 452 33.19 -26.13 -44.64
CA ILE D 452 32.21 -25.37 -45.41
C ILE D 452 32.91 -24.22 -46.13
N MET E 1 52.85 -25.15 57.14
CA MET E 1 53.71 -25.14 55.94
C MET E 1 54.63 -23.91 55.86
N LYS E 2 54.44 -22.96 56.79
CA LYS E 2 55.29 -21.76 56.87
C LYS E 2 56.70 -22.25 57.21
N SER E 3 56.95 -23.51 56.89
CA SER E 3 58.24 -24.16 57.11
C SER E 3 58.75 -24.69 55.77
N LEU E 4 57.87 -24.73 54.77
CA LEU E 4 58.23 -25.20 53.44
C LEU E 4 58.68 -23.98 52.63
N LEU E 5 58.70 -22.83 53.29
CA LEU E 5 59.07 -21.55 52.70
C LEU E 5 60.27 -20.93 53.44
N ARG E 6 60.35 -21.16 54.75
CA ARG E 6 61.46 -20.63 55.55
C ARG E 6 62.73 -21.24 55.01
N GLN E 7 62.58 -22.45 54.46
CA GLN E 7 63.69 -23.20 53.89
C GLN E 7 64.49 -22.37 52.89
N ILE E 8 63.84 -21.89 51.84
CA ILE E 8 64.53 -21.11 50.82
C ILE E 8 65.60 -20.21 51.44
N PRO E 9 66.88 -20.47 51.12
CA PRO E 9 68.08 -19.76 51.60
C PRO E 9 68.00 -18.23 51.64
N GLN E 10 69.11 -17.60 52.02
CA GLN E 10 69.22 -16.15 52.13
C GLN E 10 70.01 -15.60 50.94
N ILE E 11 69.64 -14.41 50.46
CA ILE E 11 70.35 -13.82 49.31
C ILE E 11 71.82 -13.65 49.64
N SER E 12 72.13 -13.52 50.93
CA SER E 12 73.51 -13.38 51.37
C SER E 12 74.17 -14.72 51.11
N LYS E 13 73.43 -15.78 51.40
CA LYS E 13 73.93 -17.13 51.24
C LYS E 13 74.11 -17.60 49.78
N VAL E 14 73.20 -17.26 48.87
CA VAL E 14 73.41 -17.69 47.49
C VAL E 14 74.45 -16.80 46.79
N VAL E 15 74.61 -15.54 47.23
CA VAL E 15 75.63 -14.67 46.63
C VAL E 15 76.97 -15.34 46.93
N GLU E 16 77.05 -15.98 48.10
CA GLU E 16 78.25 -16.71 48.53
C GLU E 16 78.46 -17.87 47.54
N ILE E 17 77.42 -18.68 47.38
CA ILE E 17 77.45 -19.86 46.50
C ILE E 17 77.98 -19.54 45.09
N PHE E 18 78.00 -18.26 44.75
CA PHE E 18 78.50 -17.83 43.45
C PHE E 18 79.55 -16.75 43.71
N ALA E 19 80.64 -17.10 44.39
CA ALA E 19 81.70 -16.14 44.69
C ALA E 19 82.16 -15.46 43.41
N LYS E 20 82.93 -16.17 42.58
CA LYS E 20 83.39 -15.62 41.30
C LYS E 20 82.58 -16.25 40.17
N ALA E 21 81.61 -17.07 40.55
CA ALA E 21 80.74 -17.75 39.60
C ALA E 21 80.14 -16.76 38.62
N TYR E 22 79.56 -15.68 39.16
CA TYR E 22 78.93 -14.64 38.36
C TYR E 22 78.98 -13.33 39.13
N PRO E 23 78.86 -12.19 38.44
CA PRO E 23 78.89 -10.89 39.12
C PRO E 23 77.89 -10.83 40.28
N GLU E 24 78.28 -10.25 41.41
CA GLU E 24 77.38 -10.17 42.56
C GLU E 24 76.07 -9.48 42.22
N ILE E 25 76.13 -8.48 41.35
CA ILE E 25 74.92 -7.75 40.96
C ILE E 25 73.90 -8.68 40.30
N TYR E 26 74.33 -9.39 39.26
CA TYR E 26 73.44 -10.31 38.55
C TYR E 26 72.97 -11.48 39.39
N VAL E 27 73.76 -11.86 40.40
CA VAL E 27 73.38 -12.97 41.27
C VAL E 27 72.21 -12.58 42.17
N VAL E 28 72.33 -11.43 42.83
CA VAL E 28 71.26 -10.96 43.73
C VAL E 28 69.96 -10.73 42.96
N LYS E 29 70.05 -10.24 41.72
CA LYS E 29 68.86 -9.98 40.90
C LYS E 29 68.13 -11.28 40.60
N ALA E 30 68.91 -12.32 40.28
CA ALA E 30 68.36 -13.62 39.98
C ALA E 30 67.83 -14.29 41.24
N ALA E 31 68.48 -14.03 42.37
CA ALA E 31 68.06 -14.61 43.63
C ALA E 31 66.73 -14.01 44.06
N ARG E 32 66.58 -12.71 43.84
CA ARG E 32 65.35 -12.01 44.20
C ARG E 32 64.21 -12.51 43.34
N GLU E 33 64.41 -12.48 42.04
CA GLU E 33 63.39 -12.95 41.12
C GLU E 33 63.00 -14.38 41.50
N VAL E 34 64.01 -15.21 41.76
CA VAL E 34 63.80 -16.59 42.14
C VAL E 34 63.18 -16.73 43.53
N ALA E 35 63.62 -15.89 44.46
CA ALA E 35 63.11 -15.92 45.83
C ALA E 35 61.62 -15.60 45.87
N GLU E 36 61.15 -14.77 44.93
CA GLU E 36 59.75 -14.38 44.88
C GLU E 36 58.90 -15.50 44.25
N LYS E 37 59.45 -16.16 43.23
CA LYS E 37 58.75 -17.25 42.56
C LYS E 37 58.53 -18.44 43.48
N TYR E 38 59.32 -18.55 44.54
CA TYR E 38 59.18 -19.66 45.47
C TYR E 38 58.29 -19.35 46.67
N ARG E 39 58.19 -18.07 47.00
CA ARG E 39 57.34 -17.63 48.13
C ARG E 39 55.88 -17.73 47.71
N LYS E 40 55.61 -17.43 46.44
CA LYS E 40 54.25 -17.46 45.90
C LYS E 40 53.80 -18.88 45.56
N GLU E 41 54.73 -19.69 45.04
CA GLU E 41 54.42 -21.08 44.67
C GLU E 41 54.21 -21.93 45.91
N ILE E 42 54.76 -21.48 47.03
CA ILE E 42 54.62 -22.19 48.30
C ILE E 42 53.41 -21.63 49.05
N ILE E 43 53.11 -20.34 48.88
CA ILE E 43 51.96 -19.73 49.54
C ILE E 43 50.66 -20.25 48.93
N GLU E 44 50.69 -20.57 47.65
CA GLU E 44 49.51 -21.10 46.97
C GLU E 44 49.55 -22.62 47.12
N GLY E 45 50.60 -23.11 47.75
CA GLY E 45 50.77 -24.54 47.98
C GLY E 45 50.93 -25.40 46.74
N ALA E 46 51.82 -25.01 45.83
CA ALA E 46 52.03 -25.78 44.61
C ALA E 46 53.43 -26.37 44.53
N ARG E 47 54.22 -26.16 45.58
CA ARG E 47 55.59 -26.68 45.61
C ARG E 47 55.93 -27.31 46.96
N ALA E 48 56.51 -28.51 46.90
CA ALA E 48 56.90 -29.24 48.11
C ALA E 48 58.41 -29.47 48.14
N ASP E 49 59.08 -29.29 46.99
CA ASP E 49 60.52 -29.47 46.88
C ASP E 49 61.20 -28.13 46.62
N LEU E 50 62.44 -28.00 47.08
CA LEU E 50 63.17 -26.75 46.88
C LEU E 50 64.52 -27.00 46.21
N ASN E 51 64.77 -28.25 45.81
CA ASN E 51 66.03 -28.60 45.14
C ASN E 51 66.20 -27.90 43.79
N GLY E 52 65.08 -27.54 43.17
CA GLY E 52 65.16 -26.86 41.88
C GLY E 52 65.74 -25.46 42.03
N PHE E 53 65.73 -24.93 43.25
CA PHE E 53 66.25 -23.59 43.56
C PHE E 53 67.64 -23.23 43.03
N LEU E 54 68.68 -23.96 43.44
CA LEU E 54 70.04 -23.65 43.00
C LEU E 54 70.23 -23.68 41.48
N GLU E 55 69.70 -24.71 40.82
CA GLU E 55 69.81 -24.83 39.37
C GLU E 55 69.14 -23.65 38.66
N ASP E 56 67.96 -23.25 39.14
CA ASP E 56 67.24 -22.14 38.52
C ASP E 56 67.90 -20.77 38.72
N VAL E 57 68.31 -20.43 39.95
CA VAL E 57 68.95 -19.13 40.19
C VAL E 57 70.09 -18.88 39.22
N GLU E 58 70.80 -19.95 38.87
CA GLU E 58 71.91 -19.83 37.93
C GLU E 58 71.40 -19.65 36.50
N ARG E 59 70.18 -20.11 36.23
CA ARG E 59 69.58 -19.98 34.90
C ARG E 59 69.13 -18.53 34.68
N LYS E 60 68.64 -17.90 35.75
CA LYS E 60 68.20 -16.50 35.66
C LYS E 60 69.44 -15.67 35.39
N ILE E 61 70.51 -15.94 36.13
CA ILE E 61 71.77 -15.23 35.96
C ILE E 61 72.25 -15.34 34.50
N LYS E 62 72.23 -16.56 33.95
CA LYS E 62 72.64 -16.79 32.55
C LYS E 62 71.73 -16.07 31.55
N SER E 63 70.48 -15.87 31.96
CA SER E 63 69.47 -15.22 31.13
C SER E 63 69.53 -13.69 31.31
N LEU E 64 69.47 -13.22 32.55
CA LEU E 64 69.51 -11.79 32.87
C LEU E 64 70.75 -11.06 32.36
N MET E 65 71.79 -11.81 31.98
CA MET E 65 73.01 -11.18 31.49
C MET E 65 73.02 -11.06 29.98
N LYS E 66 71.95 -11.52 29.35
CA LYS E 66 71.82 -11.47 27.89
C LYS E 66 70.58 -10.61 27.59
N PRO E 67 70.66 -9.68 26.65
CA PRO E 67 69.55 -8.79 26.27
C PRO E 67 68.33 -9.54 25.72
N ASN E 68 67.12 -9.01 25.98
CA ASN E 68 65.87 -9.63 25.55
C ASN E 68 65.88 -9.67 24.03
N ILE E 69 66.28 -8.53 23.45
CA ILE E 69 66.39 -8.43 22.01
C ILE E 69 67.71 -8.99 21.56
N LYS E 70 67.64 -9.89 20.59
CA LYS E 70 68.84 -10.54 20.07
C LYS E 70 68.82 -10.78 18.59
N ARG E 71 70.01 -10.63 17.93
CA ARG E 71 70.16 -10.86 16.51
C ARG E 71 69.65 -12.29 16.22
N VAL E 72 68.95 -12.53 15.11
CA VAL E 72 68.41 -13.84 14.79
C VAL E 72 68.64 -14.25 13.35
N ILE E 73 69.02 -15.51 13.11
CA ILE E 73 69.22 -16.02 11.75
C ILE E 73 67.89 -16.41 11.13
N ASN E 74 67.43 -15.61 10.18
CA ASN E 74 66.17 -15.86 9.51
C ASN E 74 66.30 -16.85 8.37
N ALA E 75 65.60 -17.97 8.48
CA ALA E 75 65.65 -18.99 7.45
C ALA E 75 64.31 -19.15 6.78
N THR E 76 63.34 -18.33 7.19
CA THR E 76 62.00 -18.44 6.64
C THR E 76 61.85 -17.99 5.18
N GLY E 77 62.83 -17.22 4.69
CA GLY E 77 62.79 -16.77 3.30
C GLY E 77 61.87 -15.59 3.04
N VAL E 78 61.49 -14.91 4.11
CA VAL E 78 60.61 -13.75 4.03
C VAL E 78 61.50 -12.52 4.24
N VAL E 79 61.73 -11.74 3.18
CA VAL E 79 62.60 -10.57 3.32
C VAL E 79 62.00 -9.48 4.25
N ILE E 80 60.75 -9.07 4.06
CA ILE E 80 60.15 -8.09 4.98
C ILE E 80 59.37 -8.81 6.06
N ASN E 81 60.10 -9.34 7.03
CA ASN E 81 59.47 -10.05 8.12
C ASN E 81 59.16 -9.08 9.25
N THR E 82 57.89 -8.72 9.34
CA THR E 82 57.41 -7.79 10.35
C THR E 82 57.88 -8.19 11.74
N ASN E 83 57.85 -9.49 12.02
CA ASN E 83 58.24 -9.99 13.33
C ASN E 83 59.76 -9.94 13.59
N LEU E 84 60.58 -10.31 12.61
CA LEU E 84 62.04 -10.35 12.81
C LEU E 84 62.77 -8.99 12.59
N GLY E 85 62.03 -7.88 12.53
CA GLY E 85 62.67 -6.56 12.39
C GLY E 85 62.82 -6.01 10.98
N ARG E 86 61.97 -6.45 10.06
CA ARG E 86 61.97 -5.99 8.67
C ARG E 86 63.35 -5.80 8.03
N ALA E 87 63.47 -4.81 7.15
CA ALA E 87 64.71 -4.53 6.42
C ALA E 87 66.02 -4.39 7.20
N PRO E 88 66.95 -5.36 7.03
CA PRO E 88 68.25 -5.36 7.70
C PRO E 88 69.17 -4.33 7.04
N LEU E 89 70.17 -3.84 7.77
CA LEU E 89 71.05 -2.83 7.24
C LEU E 89 72.42 -3.23 6.74
N SER E 90 72.83 -2.53 5.67
CA SER E 90 74.13 -2.75 5.08
C SER E 90 75.14 -2.18 6.06
N LYS E 91 76.34 -2.77 6.10
CA LYS E 91 77.35 -2.28 7.01
C LYS E 91 77.74 -0.84 6.69
N ASP E 92 77.71 -0.46 5.41
CA ASP E 92 78.03 0.92 5.01
C ASP E 92 77.22 1.88 5.87
N VAL E 93 75.92 1.62 5.89
CA VAL E 93 74.97 2.42 6.64
C VAL E 93 75.26 2.37 8.13
N ILE E 94 75.32 1.16 8.67
CA ILE E 94 75.56 0.96 10.10
C ILE E 94 76.82 1.66 10.63
N ASN E 95 77.80 1.87 9.75
CA ASN E 95 79.02 2.56 10.16
C ASN E 95 78.79 4.08 10.15
N PHE E 96 78.00 4.58 9.20
CA PHE E 96 77.73 6.03 9.13
C PHE E 96 76.89 6.43 10.33
N ILE E 97 76.05 5.50 10.78
CA ILE E 97 75.21 5.76 11.95
C ILE E 97 76.11 5.70 13.17
N SER E 98 76.96 4.68 13.22
CA SER E 98 77.89 4.50 14.33
C SER E 98 78.68 5.77 14.59
N GLU E 99 79.18 6.37 13.52
CA GLU E 99 80.00 7.59 13.62
C GLU E 99 79.24 8.83 14.11
N ILE E 100 78.04 9.06 13.56
CA ILE E 100 77.26 10.23 13.96
C ILE E 100 76.80 10.14 15.42
N ALA E 101 76.65 8.91 15.91
CA ALA E 101 76.21 8.68 17.28
C ALA E 101 77.34 8.65 18.33
N ASN E 102 78.57 8.38 17.89
CA ASN E 102 79.68 8.29 18.86
C ASN E 102 79.93 9.65 19.53
N GLY E 103 79.54 10.74 18.88
CA GLY E 103 79.73 12.05 19.47
C GLY E 103 78.70 13.05 18.98
N TYR E 104 79.03 14.32 19.14
CA TYR E 104 78.16 15.41 18.72
C TYR E 104 78.16 15.50 17.20
N SER E 105 77.10 16.08 16.64
CA SER E 105 76.98 16.25 15.19
C SER E 105 76.15 17.50 14.88
N ASN E 106 76.05 17.86 13.60
CA ASN E 106 75.32 19.05 13.19
C ASN E 106 73.83 18.80 12.95
N LEU E 107 73.25 17.96 13.81
CA LEU E 107 71.84 17.59 13.72
C LEU E 107 70.92 18.79 13.46
N GLU E 108 70.82 19.67 14.44
CA GLU E 108 70.00 20.86 14.31
C GLU E 108 70.85 22.10 14.10
N TYR E 109 72.10 21.91 13.66
CA TYR E 109 72.97 23.04 13.45
C TYR E 109 73.44 23.19 12.01
N ASN E 110 73.24 24.39 11.49
CA ASN E 110 73.67 24.74 10.15
C ASN E 110 75.06 25.32 10.37
N LEU E 111 76.08 24.66 9.83
CA LEU E 111 77.43 25.15 10.05
C LEU E 111 77.75 26.43 9.24
N GLU E 112 76.97 26.72 8.20
CA GLU E 112 77.17 27.92 7.39
C GLU E 112 76.92 29.21 8.15
N GLU E 113 75.71 29.35 8.66
CA GLU E 113 75.29 30.55 9.37
C GLU E 113 75.55 30.53 10.88
N GLY E 114 75.98 29.38 11.40
CA GLY E 114 76.29 29.28 12.82
C GLY E 114 75.15 29.43 13.81
N LYS E 115 73.94 29.14 13.35
CA LYS E 115 72.80 29.23 14.23
C LYS E 115 71.97 27.99 13.98
N ARG E 116 71.08 27.68 14.91
CA ARG E 116 70.23 26.52 14.80
C ARG E 116 69.60 26.35 13.41
N GLY E 117 69.35 25.10 13.02
CA GLY E 117 68.73 24.80 11.73
C GLY E 117 67.82 23.59 11.82
N SER E 118 66.87 23.45 10.90
CA SER E 118 65.95 22.32 10.92
C SER E 118 66.69 21.02 10.60
N ARG E 119 66.53 20.00 11.45
CA ARG E 119 67.23 18.73 11.26
C ARG E 119 66.64 17.95 10.09
N ILE E 120 65.40 18.24 9.73
CA ILE E 120 64.78 17.56 8.61
C ILE E 120 65.33 18.10 7.28
N ALA E 121 66.10 19.20 7.35
CA ALA E 121 66.68 19.85 6.16
C ALA E 121 67.81 19.08 5.45
N HIS E 122 68.54 18.25 6.20
CA HIS E 122 69.65 17.49 5.65
C HIS E 122 69.22 16.47 4.61
N ILE E 123 68.15 15.73 4.90
CA ILE E 123 67.66 14.72 3.98
C ILE E 123 66.81 15.22 2.83
N GLU E 124 65.74 15.95 3.14
CA GLU E 124 64.79 16.44 2.14
C GLU E 124 65.38 16.70 0.76
N LYS E 125 66.63 17.18 0.71
CA LYS E 125 67.25 17.40 -0.59
C LYS E 125 67.31 16.11 -1.37
N TYR E 126 67.62 15.01 -0.69
CA TYR E 126 67.65 13.68 -1.30
C TYR E 126 66.30 13.26 -1.84
N LEU E 127 65.28 13.41 -1.01
CA LEU E 127 63.92 13.01 -1.36
C LEU E 127 63.33 13.70 -2.58
N ASN E 128 63.39 15.02 -2.59
CA ASN E 128 62.85 15.79 -3.71
C ASN E 128 63.48 15.38 -5.02
N GLU E 129 64.75 14.98 -4.97
CA GLU E 129 65.47 14.57 -6.16
C GLU E 129 65.06 13.20 -6.66
N LEU E 130 64.99 12.26 -5.72
CA LEU E 130 64.64 10.89 -6.07
C LEU E 130 63.15 10.70 -6.43
N THR E 131 62.23 11.40 -5.75
CA THR E 131 60.81 11.25 -6.07
C THR E 131 60.36 12.19 -7.18
N GLY E 132 60.82 13.43 -7.13
CA GLY E 132 60.43 14.40 -8.13
C GLY E 132 59.36 15.31 -7.55
N ALA E 133 59.04 15.10 -6.28
CA ALA E 133 58.03 15.89 -5.60
C ALA E 133 58.56 17.31 -5.34
N GLU E 134 57.66 18.24 -5.03
CA GLU E 134 58.04 19.64 -4.78
C GLU E 134 58.78 19.88 -3.45
N SER E 135 58.38 19.16 -2.41
CA SER E 135 59.01 19.26 -1.09
C SER E 135 58.77 17.93 -0.41
N SER E 136 59.51 17.65 0.67
CA SER E 136 59.34 16.39 1.38
C SER E 136 59.47 16.57 2.90
N PHE E 137 59.24 15.50 3.66
CA PHE E 137 59.31 15.53 5.12
C PHE E 137 59.37 14.09 5.61
N VAL E 138 59.83 13.91 6.84
CA VAL E 138 59.98 12.57 7.39
C VAL E 138 59.65 12.56 8.88
N VAL E 139 58.91 11.55 9.33
CA VAL E 139 58.56 11.42 10.74
C VAL E 139 58.83 9.98 11.22
N ASN E 140 58.59 9.73 12.50
CA ASN E 140 58.82 8.41 13.14
C ASN E 140 58.61 7.20 12.22
N ASN E 141 57.36 6.97 11.81
CA ASN E 141 57.03 5.84 10.94
C ASN E 141 55.85 6.23 10.03
N ASN E 142 55.46 5.34 9.12
CA ASN E 142 54.34 5.67 8.23
C ASN E 142 53.02 5.76 8.98
N ALA E 143 52.88 4.95 10.03
CA ALA E 143 51.69 4.99 10.85
C ALA E 143 51.44 6.44 11.18
N GLY E 144 52.45 7.08 11.78
CA GLY E 144 52.35 8.48 12.13
C GLY E 144 52.28 9.38 10.91
N ALA E 145 52.90 8.96 9.82
CA ALA E 145 52.86 9.75 8.58
C ALA E 145 51.41 9.97 8.18
N VAL E 146 50.62 8.89 8.24
CA VAL E 146 49.21 8.96 7.92
C VAL E 146 48.50 9.92 8.87
N PHE E 147 48.59 9.59 10.16
CA PHE E 147 48.00 10.39 11.24
C PHE E 147 48.28 11.88 11.10
N LEU E 148 49.51 12.22 10.73
CA LEU E 148 49.91 13.61 10.58
C LEU E 148 49.24 14.30 9.39
N VAL E 149 49.17 13.61 8.26
CA VAL E 149 48.56 14.17 7.06
C VAL E 149 47.06 14.40 7.26
N LEU E 150 46.42 13.49 7.98
CA LEU E 150 45.00 13.60 8.24
C LEU E 150 44.68 14.71 9.23
N ASN E 151 45.39 14.75 10.35
CA ASN E 151 45.11 15.77 11.35
C ASN E 151 45.57 17.15 10.83
N THR E 152 46.48 17.16 9.85
CA THR E 152 46.99 18.40 9.28
C THR E 152 46.04 19.01 8.25
N LEU E 153 45.51 18.16 7.38
CA LEU E 153 44.65 18.65 6.32
C LEU E 153 43.16 18.30 6.40
N ALA E 154 42.77 17.39 7.30
CA ALA E 154 41.36 16.99 7.40
C ALA E 154 40.67 16.94 8.79
N GLU E 155 41.25 17.55 9.82
CA GLU E 155 40.60 17.52 11.14
C GLU E 155 39.27 18.23 11.03
N GLY E 156 38.21 17.59 11.51
CA GLY E 156 36.90 18.19 11.45
C GLY E 156 36.21 18.14 10.10
N LYS E 157 36.92 17.76 9.04
CA LYS E 157 36.31 17.68 7.73
C LYS E 157 36.43 16.27 7.15
N GLU E 158 35.62 15.97 6.12
CA GLU E 158 35.57 14.62 5.54
C GLU E 158 36.73 14.20 4.63
N VAL E 159 37.01 12.90 4.66
CA VAL E 159 38.01 12.27 3.82
C VAL E 159 37.38 11.04 3.21
N ILE E 160 37.42 10.97 1.89
CA ILE E 160 36.82 9.85 1.21
C ILE E 160 37.85 8.74 0.97
N ILE E 161 37.45 7.49 1.23
CA ILE E 161 38.34 6.35 1.04
C ILE E 161 37.51 5.12 0.68
N SER E 162 38.09 4.26 -0.14
CA SER E 162 37.40 3.04 -0.56
C SER E 162 37.17 2.09 0.59
N ARG E 163 36.01 1.44 0.59
CA ARG E 163 35.65 0.46 1.63
C ARG E 163 36.57 -0.76 1.63
N GLY E 164 37.32 -0.94 0.54
CA GLY E 164 38.21 -2.09 0.47
C GLY E 164 39.62 -1.75 0.89
N GLU E 165 39.84 -0.49 1.23
CA GLU E 165 41.16 -0.02 1.62
C GLU E 165 41.28 0.39 3.09
N LEU E 166 40.30 0.01 3.89
CA LEU E 166 40.35 0.30 5.34
C LEU E 166 41.03 -0.89 5.98
N VAL E 167 42.35 -0.88 5.90
CA VAL E 167 43.17 -1.98 6.39
C VAL E 167 43.53 -2.04 7.87
N GLU E 168 44.06 -3.20 8.24
CA GLU E 168 44.57 -3.48 9.58
C GLU E 168 45.94 -4.10 9.38
N ILE E 169 46.96 -3.25 9.34
CA ILE E 169 48.30 -3.77 9.19
C ILE E 169 48.98 -3.68 10.54
N GLY E 170 49.61 -4.77 10.95
CA GLY E 170 50.24 -4.79 12.25
C GLY E 170 49.18 -5.19 13.26
N GLY E 171 49.54 -5.18 14.54
CA GLY E 171 48.61 -5.56 15.57
C GLY E 171 47.73 -4.43 16.07
N SER E 172 48.26 -3.20 16.04
CA SER E 172 47.50 -2.06 16.54
C SER E 172 47.08 -1.01 15.49
N PHE E 173 47.58 -1.11 14.25
CA PHE E 173 47.23 -0.13 13.22
C PHE E 173 45.99 -0.49 12.40
N ARG E 174 45.05 0.45 12.31
CA ARG E 174 43.83 0.28 11.53
C ARG E 174 43.38 1.63 11.01
N ILE E 175 43.38 1.80 9.69
CA ILE E 175 42.96 3.06 9.09
C ILE E 175 41.73 3.68 9.79
N PRO E 176 40.67 2.89 10.05
CA PRO E 176 39.50 3.46 10.73
C PRO E 176 39.66 3.91 12.18
N ASP E 177 40.47 3.20 12.96
CA ASP E 177 40.67 3.58 14.36
C ASP E 177 41.59 4.76 14.54
N ILE E 178 42.61 4.85 13.68
CA ILE E 178 43.56 5.95 13.75
C ILE E 178 42.97 7.23 13.17
N MET E 179 42.34 7.13 12.00
CA MET E 179 41.73 8.29 11.36
C MET E 179 40.74 8.93 12.32
N LYS E 180 40.10 8.09 13.13
CA LYS E 180 39.16 8.59 14.12
C LYS E 180 39.97 9.52 15.02
N LYS E 181 41.00 8.95 15.66
CA LYS E 181 41.87 9.70 16.56
C LYS E 181 42.54 10.86 15.83
N SER E 182 42.57 10.80 14.51
CA SER E 182 43.20 11.85 13.70
C SER E 182 42.36 13.11 13.65
N GLY E 183 41.09 13.00 14.02
CA GLY E 183 40.23 14.16 14.01
C GLY E 183 39.49 14.29 12.69
N ALA E 184 39.88 13.47 11.71
CA ALA E 184 39.24 13.51 10.41
C ALA E 184 37.97 12.67 10.43
N ILE E 185 37.00 13.07 9.62
CA ILE E 185 35.72 12.37 9.52
C ILE E 185 35.82 11.39 8.35
N LEU E 186 35.54 10.12 8.61
CA LEU E 186 35.67 9.07 7.60
C LEU E 186 34.44 8.77 6.72
N ARG E 187 34.61 8.94 5.40
CA ARG E 187 33.55 8.70 4.42
C ARG E 187 33.98 7.53 3.53
N GLU E 188 33.46 6.34 3.83
CA GLU E 188 33.79 5.11 3.13
C GLU E 188 32.89 4.84 1.93
N VAL E 189 33.50 4.76 0.74
CA VAL E 189 32.76 4.56 -0.49
C VAL E 189 32.96 3.17 -1.11
N GLY E 190 32.03 2.78 -1.97
CA GLY E 190 32.12 1.50 -2.65
C GLY E 190 31.75 0.31 -1.77
N THR E 191 32.29 -0.85 -2.11
CA THR E 191 32.06 -2.07 -1.34
C THR E 191 33.38 -2.81 -1.21
N THR E 192 33.42 -3.83 -0.35
CA THR E 192 34.66 -4.57 -0.10
C THR E 192 35.43 -4.94 -1.36
N ASN E 193 34.86 -5.85 -2.15
CA ASN E 193 35.51 -6.34 -3.35
C ASN E 193 35.53 -5.38 -4.53
N LYS E 194 34.48 -4.57 -4.69
CA LYS E 194 34.44 -3.63 -5.82
C LYS E 194 34.17 -2.17 -5.44
N THR E 195 34.81 -1.26 -6.17
CA THR E 195 34.66 0.19 -5.98
C THR E 195 34.99 0.90 -7.30
N LYS E 196 33.97 1.54 -7.88
CA LYS E 196 34.13 2.27 -9.13
C LYS E 196 34.52 3.69 -8.80
N VAL E 197 34.73 4.50 -9.84
CA VAL E 197 35.08 5.90 -9.65
C VAL E 197 33.83 6.65 -9.19
N SER E 198 32.68 6.26 -9.72
CA SER E 198 31.40 6.87 -9.37
C SER E 198 31.21 6.94 -7.86
N ASP E 199 31.69 5.92 -7.17
CA ASP E 199 31.55 5.85 -5.73
C ASP E 199 32.30 6.99 -5.05
N TYR E 200 33.51 7.29 -5.54
CA TYR E 200 34.31 8.37 -4.98
C TYR E 200 33.67 9.74 -5.24
N GLU E 201 33.39 10.01 -6.52
CA GLU E 201 32.79 11.27 -6.93
C GLU E 201 31.40 11.49 -6.33
N GLY E 202 30.71 10.41 -5.97
CA GLY E 202 29.38 10.54 -5.41
C GLY E 202 29.32 11.08 -3.99
N ALA E 203 30.35 10.83 -3.19
CA ALA E 203 30.36 11.25 -1.80
C ALA E 203 31.03 12.60 -1.53
N ILE E 204 31.48 13.28 -2.56
CA ILE E 204 32.11 14.58 -2.35
C ILE E 204 31.07 15.62 -1.94
N ASN E 205 31.52 16.67 -1.27
CA ASN E 205 30.65 17.76 -0.83
C ASN E 205 31.45 18.88 -0.17
N GLN E 206 30.75 19.81 0.46
CA GLN E 206 31.33 20.96 1.12
C GLN E 206 32.42 20.65 2.14
N ASN E 207 32.30 19.53 2.84
CA ASN E 207 33.28 19.21 3.85
C ASN E 207 34.39 18.26 3.40
N THR E 208 34.26 17.69 2.21
CA THR E 208 35.28 16.78 1.67
C THR E 208 36.59 17.54 1.46
N ALA E 209 37.55 17.30 2.35
CA ALA E 209 38.83 17.96 2.25
C ALA E 209 39.91 17.01 1.76
N LEU E 210 39.60 15.72 1.67
CA LEU E 210 40.61 14.78 1.26
C LEU E 210 40.14 13.53 0.53
N LEU E 211 40.91 13.18 -0.50
CA LEU E 211 40.69 12.00 -1.31
C LEU E 211 41.89 11.11 -0.93
N MET E 212 41.66 10.07 -0.14
CA MET E 212 42.74 9.15 0.31
C MET E 212 42.62 7.68 -0.17
N LYS E 213 43.73 7.12 -0.63
CA LYS E 213 43.80 5.74 -1.11
C LYS E 213 44.93 5.01 -0.40
N VAL E 214 44.61 3.84 0.14
CA VAL E 214 45.62 3.06 0.81
C VAL E 214 45.91 1.83 -0.03
N HIS E 215 47.18 1.46 -0.12
CA HIS E 215 47.59 0.31 -0.89
C HIS E 215 47.54 -0.96 -0.02
N LYS E 216 46.79 -1.95 -0.47
CA LYS E 216 46.67 -3.22 0.26
C LYS E 216 48.03 -3.94 0.24
N SER E 217 48.84 -3.62 1.25
CA SER E 217 50.20 -4.13 1.41
C SER E 217 50.29 -5.54 1.98
N ASN E 218 49.66 -5.74 3.13
CA ASN E 218 49.71 -7.04 3.81
C ASN E 218 48.55 -7.99 3.54
N PHE E 219 47.88 -7.84 2.39
CA PHE E 219 46.78 -8.72 2.02
C PHE E 219 46.35 -8.41 0.57
N TYR E 220 45.49 -9.25 0.01
CA TYR E 220 45.04 -9.01 -1.35
C TYR E 220 43.72 -9.74 -1.58
N MET E 221 42.95 -9.25 -2.53
CA MET E 221 41.66 -9.85 -2.84
C MET E 221 41.60 -10.32 -4.28
N GLU E 222 41.12 -11.54 -4.46
CA GLU E 222 40.94 -12.08 -5.79
C GLU E 222 39.53 -12.58 -5.95
N GLY E 223 39.11 -12.74 -7.19
CA GLY E 223 37.74 -13.14 -7.45
C GLY E 223 37.15 -11.86 -8.00
N PHE E 224 35.83 -11.67 -7.91
CA PHE E 224 35.24 -10.44 -8.40
C PHE E 224 35.74 -9.26 -7.56
N VAL E 225 36.77 -8.57 -8.07
CA VAL E 225 37.38 -7.43 -7.39
C VAL E 225 37.67 -6.28 -8.37
N GLU E 226 37.23 -5.07 -8.00
CA GLU E 226 37.41 -3.88 -8.85
C GLU E 226 38.10 -2.78 -8.04
N GLU E 227 38.96 -2.01 -8.69
CA GLU E 227 39.69 -0.93 -8.01
C GLU E 227 39.69 0.34 -8.86
N VAL E 228 39.86 1.49 -8.22
CA VAL E 228 39.88 2.75 -8.95
C VAL E 228 41.28 3.10 -9.40
N LYS E 229 41.47 3.20 -10.71
CA LYS E 229 42.76 3.55 -11.27
C LYS E 229 43.23 4.87 -10.63
N LEU E 230 44.52 5.00 -10.37
CA LEU E 230 45.07 6.22 -9.76
C LEU E 230 44.95 7.47 -10.62
N GLU E 231 45.09 7.34 -11.94
CA GLU E 231 44.97 8.52 -12.80
C GLU E 231 43.57 9.10 -12.69
N ASP E 232 42.58 8.23 -12.44
CA ASP E 232 41.19 8.64 -12.30
C ASP E 232 40.98 9.54 -11.08
N LEU E 233 41.62 9.16 -9.99
CA LEU E 233 41.53 9.88 -8.72
C LEU E 233 42.12 11.27 -8.84
N VAL E 234 43.24 11.37 -9.55
CA VAL E 234 43.90 12.65 -9.74
C VAL E 234 43.00 13.55 -10.57
N LYS E 235 42.45 12.98 -11.66
CA LYS E 235 41.55 13.75 -12.50
C LYS E 235 40.35 14.24 -11.70
N LEU E 236 39.81 13.38 -10.84
CA LEU E 236 38.66 13.74 -10.00
C LEU E 236 39.02 14.85 -9.03
N GLY E 237 40.23 14.80 -8.49
CA GLY E 237 40.68 15.82 -7.57
C GLY E 237 40.80 17.17 -8.26
N HIS E 238 41.51 17.20 -9.38
CA HIS E 238 41.73 18.42 -10.18
C HIS E 238 40.44 19.01 -10.75
N LYS E 239 39.36 18.24 -10.68
CA LYS E 239 38.06 18.66 -11.19
C LYS E 239 37.30 19.50 -10.15
N TYR E 240 37.38 19.06 -8.90
CA TYR E 240 36.70 19.74 -7.80
C TYR E 240 37.64 20.58 -6.96
N GLY E 241 38.94 20.44 -7.21
CA GLY E 241 39.92 21.18 -6.45
C GLY E 241 40.18 20.50 -5.11
N ILE E 242 40.27 19.18 -5.13
CA ILE E 242 40.56 18.40 -3.92
C ILE E 242 41.89 17.69 -4.04
N PRO E 243 42.68 17.73 -2.96
CA PRO E 243 44.00 17.08 -2.94
C PRO E 243 43.90 15.58 -2.85
N THR E 244 44.92 14.92 -3.39
CA THR E 244 44.97 13.48 -3.40
C THR E 244 46.15 13.00 -2.53
N TYR E 245 45.90 12.04 -1.65
CA TYR E 245 46.92 11.47 -0.73
C TYR E 245 47.05 9.95 -0.81
N TYR E 246 48.17 9.46 -1.33
CA TYR E 246 48.37 8.02 -1.45
C TYR E 246 49.31 7.46 -0.39
N ASP E 247 48.79 6.51 0.39
CA ASP E 247 49.57 5.84 1.41
C ASP E 247 50.08 4.56 0.76
N ALA E 248 51.26 4.65 0.15
CA ALA E 248 51.85 3.49 -0.51
C ALA E 248 52.16 2.40 0.50
N GLY E 249 52.71 2.81 1.64
CA GLY E 249 53.02 1.88 2.70
C GLY E 249 54.31 1.13 2.45
N SER E 250 54.40 0.46 1.30
CA SER E 250 55.59 -0.29 0.93
C SER E 250 56.79 0.64 0.84
N GLY E 251 56.55 1.88 0.44
CA GLY E 251 57.64 2.82 0.33
C GLY E 251 58.67 2.35 -0.68
N LEU E 252 58.19 1.97 -1.86
CA LEU E 252 59.09 1.49 -2.90
C LEU E 252 59.67 2.72 -3.58
N LEU E 253 60.98 2.89 -3.48
CA LEU E 253 61.62 4.08 -4.04
C LEU E 253 61.75 4.09 -5.56
N ILE E 254 61.92 2.93 -6.18
CA ILE E 254 62.08 2.91 -7.63
C ILE E 254 61.24 1.87 -8.36
N ASN E 255 61.26 1.91 -9.69
CA ASN E 255 60.51 0.93 -10.47
C ASN E 255 61.16 -0.42 -10.23
N LEU E 256 60.36 -1.44 -9.96
CA LEU E 256 60.90 -2.76 -9.66
C LEU E 256 61.14 -3.64 -10.87
N LYS E 257 60.48 -3.34 -11.98
CA LYS E 257 60.64 -4.14 -13.18
C LYS E 257 62.06 -4.03 -13.71
N GLU E 258 62.75 -2.97 -13.31
CA GLU E 258 64.11 -2.75 -13.77
C GLU E 258 65.07 -3.80 -13.26
N PHE E 259 64.66 -4.56 -12.25
CA PHE E 259 65.51 -5.59 -11.65
C PHE E 259 65.14 -7.02 -12.02
N GLY E 260 64.22 -7.20 -12.97
CA GLY E 260 63.82 -8.54 -13.38
C GLY E 260 62.54 -9.04 -12.75
N ILE E 261 62.17 -8.45 -11.62
CA ILE E 261 60.93 -8.82 -10.94
C ILE E 261 59.79 -8.02 -11.55
N SER E 262 58.86 -8.74 -12.16
CA SER E 262 57.72 -8.12 -12.82
C SER E 262 56.51 -8.02 -11.89
N VAL E 263 56.30 -6.83 -11.33
CA VAL E 263 55.20 -6.58 -10.41
C VAL E 263 54.65 -5.16 -10.62
N ASP E 264 53.40 -4.93 -10.23
CA ASP E 264 52.79 -3.60 -10.40
C ASP E 264 52.96 -2.69 -9.17
N GLU E 265 53.72 -3.14 -8.17
CA GLU E 265 53.93 -2.35 -6.95
C GLU E 265 54.25 -0.89 -7.32
N PRO E 266 53.54 0.07 -6.73
CA PRO E 266 53.76 1.48 -7.01
C PRO E 266 54.99 2.01 -6.30
N ASN E 267 55.47 3.16 -6.76
CA ASN E 267 56.63 3.79 -6.18
C ASN E 267 56.50 5.30 -6.23
N PHE E 268 57.20 5.97 -5.33
CA PHE E 268 57.15 7.42 -5.22
C PHE E 268 57.32 8.20 -6.53
N ARG E 269 58.48 8.07 -7.19
CA ARG E 269 58.72 8.78 -8.44
C ARG E 269 57.53 8.70 -9.40
N ASP E 270 57.12 7.47 -9.70
CA ASP E 270 56.01 7.22 -10.61
C ASP E 270 54.68 7.73 -10.13
N CYS E 271 54.37 7.48 -8.87
CA CYS E 271 53.09 7.96 -8.37
C CYS E 271 53.07 9.48 -8.23
N ILE E 272 54.25 10.10 -8.03
CA ILE E 272 54.37 11.55 -7.94
C ILE E 272 54.14 12.14 -9.33
N SER E 273 54.88 11.62 -10.31
CA SER E 273 54.76 12.11 -11.69
C SER E 273 53.41 11.77 -12.32
N LEU E 274 52.52 11.14 -11.54
CA LEU E 274 51.18 10.80 -12.02
C LEU E 274 50.17 11.90 -11.74
N GLY E 275 50.47 12.74 -10.76
CA GLY E 275 49.57 13.83 -10.43
C GLY E 275 49.07 13.81 -9.01
N ILE E 276 49.55 12.85 -8.20
CA ILE E 276 49.15 12.77 -6.80
C ILE E 276 49.83 13.89 -6.01
N ASP E 277 49.05 14.53 -5.14
CA ASP E 277 49.54 15.65 -4.34
C ASP E 277 50.42 15.25 -3.15
N LEU E 278 50.13 14.12 -2.53
CA LEU E 278 50.93 13.63 -1.41
C LEU E 278 51.10 12.12 -1.43
N VAL E 279 52.25 11.67 -0.94
CA VAL E 279 52.55 10.23 -0.91
C VAL E 279 53.37 9.90 0.32
N SER E 280 53.03 8.79 0.97
CA SER E 280 53.74 8.36 2.17
C SER E 280 54.14 6.89 2.13
N GLY E 281 55.02 6.48 3.04
CA GLY E 281 55.48 5.10 3.09
C GLY E 281 56.57 4.87 4.12
N SER E 282 56.69 3.63 4.58
CA SER E 282 57.69 3.26 5.59
C SER E 282 59.07 3.12 4.97
N GLY E 283 60.09 3.49 5.73
CA GLY E 283 61.45 3.39 5.23
C GLY E 283 62.04 2.01 5.41
N ASP E 284 61.52 1.27 6.38
CA ASP E 284 62.02 -0.08 6.69
C ASP E 284 61.30 -1.20 5.97
N1 LLP E 285 49.94 1.56 5.94
C2 LLP E 285 50.33 0.60 5.08
C2' LLP E 285 49.51 0.36 3.81
C3 LLP E 285 51.49 -0.14 5.30
O3 LLP E 285 51.86 -1.13 4.46
C4 LLP E 285 52.24 0.09 6.44
C4' LLP E 285 53.47 -0.56 6.64
C5 LLP E 285 51.81 1.09 7.34
C6 LLP E 285 50.63 1.79 7.06
C5' LLP E 285 52.47 1.39 8.69
OP4 LLP E 285 53.83 1.72 8.56
P LLP E 285 54.72 1.91 9.89
OP1 LLP E 285 54.28 3.04 10.76
OP2 LLP E 285 56.13 2.09 9.43
OP3 LLP E 285 54.71 0.61 10.59
N LLP E 285 60.63 -0.86 4.87
CA LLP E 285 59.97 -1.88 4.09
CB LLP E 285 58.47 -1.56 3.94
CG LLP E 285 57.54 -2.24 4.97
CD LLP E 285 56.09 -1.71 4.83
CE LLP E 285 55.15 -2.16 5.95
NZ LLP E 285 53.87 -1.47 5.78
C LLP E 285 60.70 -1.98 2.77
O LLP E 285 61.87 -2.38 2.74
N LEU E 286 60.03 -1.59 1.69
CA LEU E 286 60.61 -1.66 0.36
C LEU E 286 61.71 -0.63 0.09
N LEU E 287 61.99 0.24 1.07
CA LEU E 287 63.06 1.22 0.90
C LEU E 287 64.36 0.58 1.35
N GLY E 288 64.26 -0.29 2.34
CA GLY E 288 65.41 -1.00 2.85
C GLY E 288 66.21 -0.21 3.88
N GLY E 289 65.67 0.92 4.33
CA GLY E 289 66.36 1.73 5.30
C GLY E 289 65.78 1.59 6.70
N PRO E 290 66.18 2.45 7.65
CA PRO E 290 65.68 2.42 9.03
C PRO E 290 64.23 2.85 9.07
N GLN E 291 63.55 2.57 10.18
CA GLN E 291 62.13 2.91 10.34
C GLN E 291 61.94 4.41 10.16
N ALA E 292 61.02 4.77 9.28
CA ALA E 292 60.75 6.18 9.00
C ALA E 292 59.50 6.40 8.17
N GLY E 293 58.73 7.41 8.56
CA GLY E 293 57.54 7.78 7.81
C GLY E 293 57.97 8.80 6.77
N ILE E 294 57.76 8.49 5.50
CA ILE E 294 58.19 9.37 4.43
C ILE E 294 57.04 10.01 3.66
N ILE E 295 57.07 11.34 3.60
CA ILE E 295 56.04 12.10 2.91
C ILE E 295 56.66 13.01 1.86
N VAL E 296 56.07 12.97 0.67
CA VAL E 296 56.53 13.79 -0.45
C VAL E 296 55.31 14.22 -1.24
N GLY E 297 55.35 15.46 -1.72
CA GLY E 297 54.25 16.00 -2.49
C GLY E 297 54.37 17.49 -2.70
N LYS E 298 53.22 18.13 -2.90
CA LYS E 298 53.14 19.57 -3.12
C LYS E 298 53.78 20.35 -1.97
N LYS E 299 54.52 21.41 -2.29
CA LYS E 299 55.20 22.20 -1.26
C LYS E 299 54.24 22.89 -0.29
N ASN E 300 53.16 23.47 -0.81
CA ASN E 300 52.18 24.17 0.05
C ASN E 300 51.52 23.22 1.05
N LEU E 301 51.56 21.92 0.77
CA LEU E 301 51.00 20.93 1.69
C LEU E 301 52.04 20.48 2.69
N ILE E 302 53.27 20.29 2.21
CA ILE E 302 54.36 19.88 3.06
C ILE E 302 54.58 20.96 4.13
N GLU E 303 54.49 22.22 3.72
CA GLU E 303 54.65 23.34 4.65
C GLU E 303 53.52 23.35 5.68
N LYS E 304 52.33 22.90 5.28
CA LYS E 304 51.18 22.82 6.17
C LYS E 304 51.37 21.72 7.21
N ILE E 305 51.95 20.60 6.76
CA ILE E 305 52.20 19.46 7.65
C ILE E 305 53.32 19.74 8.64
N LYS E 306 54.42 20.33 8.18
CA LYS E 306 55.54 20.66 9.05
C LYS E 306 55.17 21.60 10.19
N LYS E 307 54.38 22.63 9.87
CA LYS E 307 53.96 23.61 10.86
C LYS E 307 53.10 23.00 11.97
N ASN E 308 52.46 21.86 11.70
CA ASN E 308 51.60 21.24 12.70
C ASN E 308 52.38 20.92 13.98
N PRO E 309 51.90 21.42 15.14
CA PRO E 309 52.57 21.19 16.42
C PRO E 309 52.79 19.73 16.80
N ILE E 310 52.13 18.82 16.07
CA ILE E 310 52.26 17.40 16.35
C ILE E 310 53.50 16.78 15.67
N ALA E 311 54.00 17.45 14.63
CA ALA E 311 55.18 16.96 13.91
C ALA E 311 56.43 16.87 14.79
N ARG E 312 56.44 17.63 15.88
CA ARG E 312 57.56 17.64 16.82
C ARG E 312 57.56 16.37 17.67
N ALA E 313 56.39 15.78 17.86
CA ALA E 313 56.28 14.55 18.63
C ALA E 313 56.54 13.33 17.76
N LEU E 314 56.70 13.55 16.46
CA LEU E 314 56.97 12.46 15.53
C LEU E 314 58.32 12.62 14.88
N ARG E 315 58.88 13.81 15.00
CA ARG E 315 60.17 14.10 14.40
C ARG E 315 61.13 12.95 14.74
N ILE E 316 61.89 12.50 13.74
CA ILE E 316 62.81 11.37 13.88
C ILE E 316 64.04 11.57 14.74
N ASP E 317 64.54 10.45 15.27
CA ASP E 317 65.72 10.44 16.12
C ASP E 317 67.01 10.56 15.31
N LYS E 318 68.11 10.84 16.01
CA LYS E 318 69.43 11.01 15.37
C LYS E 318 69.93 9.76 14.66
N LEU E 319 69.53 8.58 15.15
CA LEU E 319 70.00 7.32 14.54
C LEU E 319 69.35 6.99 13.19
N THR E 320 68.01 7.01 13.13
CA THR E 320 67.33 6.74 11.86
C THR E 320 67.56 7.85 10.83
N LEU E 321 67.74 9.08 11.30
CA LEU E 321 67.98 10.21 10.42
C LEU E 321 69.27 10.03 9.62
N SER E 322 70.39 9.88 10.33
CA SER E 322 71.67 9.68 9.63
C SER E 322 71.59 8.40 8.81
N GLY E 323 71.18 7.30 9.46
CA GLY E 323 71.06 6.02 8.78
C GLY E 323 70.20 6.10 7.53
N LEU E 324 69.29 7.08 7.51
CA LEU E 324 68.40 7.23 6.36
C LEU E 324 69.10 7.98 5.24
N GLU E 325 70.00 8.91 5.60
CA GLU E 325 70.74 9.67 4.60
C GLU E 325 71.72 8.79 3.82
N MET E 326 72.40 7.89 4.52
CA MET E 326 73.36 7.00 3.89
C MET E 326 72.66 5.95 3.02
N THR E 327 71.41 5.64 3.34
CA THR E 327 70.64 4.69 2.54
C THR E 327 70.17 5.42 1.30
N LEU E 328 69.94 6.71 1.45
CA LEU E 328 69.49 7.55 0.34
C LEU E 328 70.66 7.88 -0.56
N LYS E 329 71.84 7.99 0.04
CA LYS E 329 73.04 8.28 -0.71
C LYS E 329 73.32 7.08 -1.62
N LEU E 330 73.12 5.88 -1.09
CA LEU E 330 73.33 4.66 -1.86
C LEU E 330 72.40 4.62 -3.09
N TYR E 331 71.19 5.15 -2.92
CA TYR E 331 70.20 5.18 -4.02
C TYR E 331 70.57 6.09 -5.18
N PHE E 332 71.25 7.20 -4.89
CA PHE E 332 71.65 8.12 -5.93
C PHE E 332 72.86 7.59 -6.71
N GLU E 333 73.70 6.85 -6.01
CA GLU E 333 74.89 6.24 -6.60
C GLU E 333 74.57 4.91 -7.28
N LYS E 334 73.29 4.57 -7.27
CA LYS E 334 72.80 3.31 -7.84
C LYS E 334 73.49 2.03 -7.25
N ARG E 335 73.91 2.05 -5.96
CA ARG E 335 74.57 0.92 -5.22
C ARG E 335 73.58 -0.14 -4.71
N TYR E 336 72.55 -0.39 -5.51
CA TYR E 336 71.49 -1.33 -5.17
C TYR E 336 71.87 -2.60 -4.38
N GLU E 337 72.85 -3.38 -4.83
CA GLU E 337 73.21 -4.62 -4.12
C GLU E 337 73.69 -4.40 -2.69
N ASP E 338 74.00 -3.15 -2.33
CA ASP E 338 74.49 -2.87 -0.99
C ASP E 338 73.42 -2.77 0.08
N ILE E 339 72.16 -2.70 -0.36
CA ILE E 339 71.04 -2.66 0.57
C ILE E 339 70.37 -4.04 0.60
N PRO E 340 70.58 -4.79 1.72
CA PRO E 340 70.10 -6.13 2.02
C PRO E 340 68.80 -6.57 1.39
N VAL E 341 67.73 -5.86 1.73
CA VAL E 341 66.42 -6.19 1.22
C VAL E 341 66.37 -6.28 -0.30
N ILE E 342 67.00 -5.35 -1.02
CA ILE E 342 66.98 -5.42 -2.48
C ILE E 342 67.80 -6.59 -3.02
N ARG E 343 68.96 -6.82 -2.41
CA ARG E 343 69.85 -7.90 -2.82
C ARG E 343 69.18 -9.27 -2.63
N MET E 344 68.51 -9.43 -1.50
CA MET E 344 67.80 -10.66 -1.13
C MET E 344 66.75 -11.11 -2.14
N LEU E 345 65.95 -10.15 -2.62
CA LEU E 345 64.88 -10.46 -3.56
C LEU E 345 65.32 -10.60 -4.99
N THR E 346 66.35 -9.86 -5.38
CA THR E 346 66.85 -9.88 -6.75
C THR E 346 68.01 -10.85 -6.99
N GLN E 347 68.26 -11.75 -6.05
CA GLN E 347 69.33 -12.74 -6.20
C GLN E 347 69.01 -13.74 -7.30
N ASP E 348 70.04 -14.20 -7.99
CA ASP E 348 69.89 -15.16 -9.08
C ASP E 348 69.35 -16.50 -8.62
N GLU E 349 68.48 -17.11 -9.44
CA GLU E 349 67.93 -18.42 -9.11
C GLU E 349 69.15 -19.29 -8.92
N LYS E 350 70.11 -19.11 -9.82
CA LYS E 350 71.36 -19.83 -9.75
C LYS E 350 72.01 -19.52 -8.41
N ALA E 351 72.06 -18.23 -8.08
CA ALA E 351 72.66 -17.78 -6.82
C ALA E 351 72.16 -18.56 -5.60
N LEU E 352 70.85 -18.73 -5.51
CA LEU E 352 70.26 -19.42 -4.37
C LEU E 352 70.64 -20.89 -4.19
N ARG E 353 70.62 -21.66 -5.28
CA ARG E 353 71.01 -23.06 -5.20
C ARG E 353 72.46 -23.15 -4.78
N GLN E 354 73.26 -22.22 -5.28
CA GLN E 354 74.69 -22.14 -5.00
C GLN E 354 74.97 -22.08 -3.50
N LYS E 355 74.03 -21.51 -2.77
CA LYS E 355 74.14 -21.39 -1.34
C LYS E 355 73.39 -22.54 -0.69
N ALA E 356 72.39 -23.04 -1.40
CA ALA E 356 71.57 -24.15 -0.93
C ALA E 356 72.41 -25.40 -0.73
N LYS E 357 73.26 -25.70 -1.70
CA LYS E 357 74.09 -26.89 -1.62
C LYS E 357 75.41 -26.67 -0.85
N ARG E 358 75.81 -25.41 -0.66
CA ARG E 358 77.04 -25.11 0.10
C ARG E 358 76.81 -25.33 1.60
N LEU E 359 75.53 -25.40 1.98
CA LEU E 359 75.15 -25.65 3.36
C LEU E 359 74.94 -27.14 3.57
N GLU E 360 74.39 -27.78 2.54
CA GLU E 360 74.14 -29.22 2.55
C GLU E 360 75.46 -29.97 2.63
N LYS E 361 76.51 -29.35 2.13
CA LYS E 361 77.83 -29.96 2.17
C LYS E 361 78.44 -29.76 3.56
N LEU E 362 77.84 -28.87 4.35
CA LEU E 362 78.33 -28.60 5.70
C LEU E 362 77.59 -29.43 6.76
N LEU E 363 76.53 -30.11 6.35
CA LEU E 363 75.74 -30.90 7.31
C LEU E 363 75.70 -32.41 7.03
N LYS E 364 76.38 -32.86 5.97
CA LYS E 364 76.42 -34.28 5.62
C LYS E 364 77.00 -35.14 6.77
N ASP E 365 78.01 -34.60 7.46
CA ASP E 365 78.68 -35.32 8.55
C ASP E 365 77.88 -35.44 9.85
N ILE E 366 77.19 -34.36 10.25
CA ILE E 366 76.40 -34.35 11.49
C ILE E 366 75.52 -35.59 11.59
N PRO E 367 75.58 -36.29 12.73
CA PRO E 367 74.84 -37.53 13.04
C PRO E 367 73.31 -37.50 12.95
N GLY E 368 72.76 -38.46 12.20
CA GLY E 368 71.32 -38.60 12.05
C GLY E 368 70.60 -37.62 11.14
N LEU E 369 71.35 -36.79 10.42
CA LEU E 369 70.74 -35.78 9.54
C LEU E 369 70.37 -36.23 8.14
N LYS E 370 69.09 -36.11 7.83
CA LYS E 370 68.56 -36.45 6.51
C LYS E 370 68.47 -35.14 5.74
N ILE E 371 69.48 -34.88 4.93
CA ILE E 371 69.51 -33.63 4.20
C ILE E 371 69.23 -33.68 2.70
N SER E 372 68.28 -32.85 2.27
CA SER E 372 67.91 -32.74 0.86
C SER E 372 67.60 -31.29 0.49
N VAL E 373 67.86 -30.93 -0.77
CA VAL E 373 67.61 -29.57 -1.26
C VAL E 373 66.42 -29.56 -2.23
N ILE E 374 65.36 -28.81 -1.89
CA ILE E 374 64.16 -28.73 -2.73
C ILE E 374 63.95 -27.35 -3.35
N LYS E 375 63.39 -27.33 -4.57
CA LYS E 375 63.05 -26.09 -5.28
C LYS E 375 61.59 -25.80 -5.02
N ASP E 376 61.33 -24.80 -4.19
CA ASP E 376 59.97 -24.47 -3.86
C ASP E 376 59.62 -23.02 -4.22
N LYS E 377 58.34 -22.75 -4.33
CA LYS E 377 57.87 -21.40 -4.63
C LYS E 377 57.26 -20.77 -3.39
N ALA E 378 57.92 -19.75 -2.88
CA ALA E 378 57.45 -19.06 -1.70
C ALA E 378 57.06 -17.62 -2.02
N LYS E 379 56.55 -16.91 -1.01
CA LYS E 379 56.16 -15.50 -1.17
C LYS E 379 57.06 -14.63 -0.28
N PRO E 380 58.18 -14.15 -0.85
CA PRO E 380 59.20 -13.33 -0.21
C PRO E 380 58.69 -12.18 0.64
N GLY E 381 57.86 -11.32 0.06
CA GLY E 381 57.37 -10.15 0.77
C GLY E 381 56.40 -10.42 1.91
N GLY E 382 56.75 -9.94 3.09
CA GLY E 382 55.90 -10.12 4.25
C GLY E 382 55.03 -8.92 4.56
N GLY E 383 55.64 -7.74 4.66
CA GLY E 383 54.87 -6.56 4.99
C GLY E 383 54.72 -5.56 3.86
N SER E 384 55.09 -5.94 2.64
CA SER E 384 54.99 -5.02 1.51
C SER E 384 54.53 -5.59 0.17
N LEU E 385 54.85 -6.86 -0.10
CA LEU E 385 54.43 -7.50 -1.36
C LEU E 385 53.68 -8.80 -1.06
N PRO E 386 52.34 -8.71 -0.89
CA PRO E 386 51.46 -9.83 -0.59
C PRO E 386 51.33 -10.93 -1.67
N GLU E 387 51.14 -10.51 -2.91
CA GLU E 387 50.96 -11.46 -4.00
C GLU E 387 52.26 -12.10 -4.52
N LEU E 388 53.37 -11.36 -4.50
CA LEU E 388 54.64 -11.90 -5.02
C LEU E 388 54.95 -13.32 -4.60
N GLU E 389 55.30 -14.15 -5.60
CA GLU E 389 55.67 -15.55 -5.39
C GLU E 389 56.89 -15.82 -6.27
N LEU E 390 58.03 -16.08 -5.64
CA LEU E 390 59.27 -16.33 -6.39
C LEU E 390 59.93 -17.64 -5.97
N PRO E 391 60.51 -18.38 -6.94
CA PRO E 391 61.16 -19.65 -6.59
C PRO E 391 62.43 -19.45 -5.79
N THR E 392 62.71 -20.39 -4.89
CA THR E 392 63.89 -20.32 -4.03
C THR E 392 64.23 -21.72 -3.49
N TYR E 393 65.53 -22.01 -3.35
CA TYR E 393 65.98 -23.33 -2.90
C TYR E 393 66.06 -23.52 -1.37
N CYS E 394 65.24 -24.45 -0.87
CA CYS E 394 65.19 -24.79 0.55
C CYS E 394 66.00 -26.06 0.78
N VAL E 395 66.74 -26.08 1.88
CA VAL E 395 67.51 -27.25 2.28
C VAL E 395 66.68 -27.91 3.39
N ALA E 396 65.80 -28.83 3.00
CA ALA E 396 64.93 -29.53 3.94
C ALA E 396 65.65 -30.61 4.75
N ILE E 397 65.60 -30.52 6.08
CA ILE E 397 66.27 -31.52 6.91
C ILE E 397 65.37 -32.32 7.83
N ARG E 398 65.88 -33.47 8.27
CA ARG E 398 65.15 -34.36 9.15
C ARG E 398 66.03 -35.37 9.90
N HIS E 399 65.91 -35.36 11.22
CA HIS E 399 66.66 -36.22 12.13
C HIS E 399 65.77 -37.39 12.59
N ASP E 400 66.32 -38.60 12.69
CA ASP E 400 65.49 -39.73 13.12
C ASP E 400 65.11 -39.68 14.60
N ARG E 401 66.02 -39.17 15.43
CA ARG E 401 65.76 -39.07 16.87
C ARG E 401 64.66 -38.08 17.22
N LEU E 402 64.89 -36.82 16.86
CA LEU E 402 64.00 -35.72 17.18
C LEU E 402 62.97 -35.40 16.10
N SER E 403 61.87 -34.75 16.51
CA SER E 403 60.80 -34.40 15.59
C SER E 403 60.93 -32.93 15.12
N SER E 404 60.42 -32.65 13.92
CA SER E 404 60.49 -31.31 13.32
C SER E 404 60.05 -30.22 14.28
N GLN E 405 58.99 -30.49 15.03
CA GLN E 405 58.43 -29.51 15.98
C GLN E 405 59.46 -29.17 17.04
N GLU E 406 59.93 -30.19 17.75
CA GLU E 406 60.91 -29.99 18.78
C GLU E 406 62.15 -29.32 18.20
N LEU E 407 62.44 -29.64 16.94
CA LEU E 407 63.61 -29.08 16.27
C LEU E 407 63.54 -27.55 16.16
N SER E 408 62.43 -27.03 15.64
CA SER E 408 62.28 -25.59 15.51
C SER E 408 62.46 -24.91 16.86
N ARG E 409 61.90 -25.51 17.91
CA ARG E 409 61.97 -24.94 19.26
C ARG E 409 63.38 -24.77 19.81
N ARG E 410 64.23 -25.79 19.65
CA ARG E 410 65.61 -25.71 20.14
C ARG E 410 66.42 -24.70 19.31
N LEU E 411 66.12 -24.63 18.03
CA LEU E 411 66.81 -23.72 17.12
C LEU E 411 66.55 -22.25 17.46
N ARG E 412 65.38 -21.98 18.03
CA ARG E 412 65.03 -20.61 18.39
C ARG E 412 65.64 -20.28 19.74
N LEU E 413 66.16 -21.30 20.41
CA LEU E 413 66.77 -21.11 21.71
C LEU E 413 68.29 -21.17 21.63
N ALA E 414 68.81 -21.36 20.42
CA ALA E 414 70.25 -21.40 20.21
C ALA E 414 70.85 -20.00 20.27
N GLU E 415 72.17 -19.94 20.29
CA GLU E 415 72.87 -18.67 20.32
C GLU E 415 73.99 -18.71 19.29
N PRO E 416 73.75 -18.07 18.13
CA PRO E 416 72.54 -17.34 17.78
C PRO E 416 71.33 -18.23 17.48
N PRO E 417 70.10 -17.68 17.66
CA PRO E 417 68.85 -18.40 17.41
C PRO E 417 68.52 -18.35 15.91
N ILE E 418 67.86 -19.39 15.40
CA ILE E 418 67.47 -19.45 13.99
C ILE E 418 65.99 -19.81 13.90
N VAL E 419 65.20 -18.98 13.24
CA VAL E 419 63.78 -19.27 13.11
C VAL E 419 63.44 -19.67 11.68
N CYS E 420 62.76 -20.79 11.54
CA CYS E 420 62.42 -21.33 10.24
C CYS E 420 61.01 -21.91 10.11
N ARG E 421 60.57 -22.13 8.87
CA ARG E 421 59.24 -22.66 8.58
C ARG E 421 59.19 -24.15 8.90
N ILE E 422 57.98 -24.64 9.08
CA ILE E 422 57.70 -26.05 9.34
C ILE E 422 56.62 -26.45 8.33
N ARG E 423 56.86 -27.55 7.60
CA ARG E 423 55.91 -28.01 6.59
C ARG E 423 55.89 -29.52 6.50
N GLU E 424 54.84 -30.13 7.05
CA GLU E 424 54.71 -31.57 7.01
C GLU E 424 55.90 -32.25 7.67
N ASP E 425 56.00 -32.07 8.99
CA ASP E 425 57.07 -32.64 9.79
C ASP E 425 58.46 -32.58 9.15
N GLN E 426 58.74 -31.52 8.40
CA GLN E 426 60.04 -31.34 7.78
C GLN E 426 60.44 -29.90 7.91
N LEU E 427 61.62 -29.66 8.43
CA LEU E 427 62.11 -28.31 8.59
C LEU E 427 62.64 -27.82 7.24
N LEU E 428 62.42 -26.54 6.92
CA LEU E 428 62.91 -25.97 5.67
C LEU E 428 63.71 -24.66 5.91
N PHE E 429 64.73 -24.44 5.08
CA PHE E 429 65.58 -23.26 5.17
C PHE E 429 65.63 -22.50 3.83
N ASP E 430 64.87 -21.42 3.72
CA ASP E 430 64.84 -20.59 2.51
C ASP E 430 66.16 -19.81 2.47
N MET E 431 66.94 -19.99 1.41
CA MET E 431 68.23 -19.29 1.30
C MET E 431 68.12 -17.86 0.77
N ARG E 432 66.89 -17.42 0.50
CA ARG E 432 66.65 -16.07 0.02
C ARG E 432 67.04 -15.03 1.07
N THR E 433 66.93 -15.42 2.33
CA THR E 433 67.22 -14.52 3.42
C THR E 433 68.45 -14.85 4.26
N VAL E 434 69.16 -15.91 3.90
CA VAL E 434 70.35 -16.35 4.65
C VAL E 434 71.68 -15.72 4.22
N PHE E 435 72.37 -15.06 5.16
CA PHE E 435 73.68 -14.44 4.89
C PHE E 435 74.73 -15.56 4.85
N HIS E 436 75.79 -15.38 4.08
CA HIS E 436 76.81 -16.43 3.99
C HIS E 436 77.50 -16.76 5.30
N GLU E 437 77.83 -15.73 6.09
CA GLU E 437 78.51 -15.95 7.37
C GLU E 437 77.65 -16.76 8.35
N ASP E 438 76.41 -17.04 7.96
CA ASP E 438 75.55 -17.79 8.84
C ASP E 438 75.62 -19.29 8.56
N LEU E 439 76.03 -19.64 7.33
CA LEU E 439 76.17 -21.03 6.92
C LEU E 439 77.08 -21.78 7.87
N LYS E 440 78.17 -21.14 8.28
CA LYS E 440 79.10 -21.74 9.23
C LYS E 440 78.48 -21.79 10.62
N THR E 441 77.64 -20.81 10.95
CA THR E 441 76.98 -20.79 12.25
C THR E 441 75.78 -21.74 12.30
N ILE E 442 75.25 -22.11 11.14
CA ILE E 442 74.14 -23.06 11.06
C ILE E 442 74.62 -24.48 11.39
N LYS E 443 75.74 -24.86 10.78
CA LYS E 443 76.32 -26.19 11.00
C LYS E 443 76.83 -26.38 12.44
N LYS E 444 77.41 -25.33 13.02
CA LYS E 444 77.94 -25.38 14.39
C LYS E 444 76.82 -25.45 15.43
N THR E 445 75.62 -25.02 15.05
CA THR E 445 74.50 -25.06 15.98
C THR E 445 73.80 -26.42 15.91
N LEU E 446 73.72 -26.98 14.71
CA LEU E 446 73.07 -28.28 14.48
C LEU E 446 73.88 -29.41 15.12
N GLN E 447 75.21 -29.32 15.08
CA GLN E 447 76.03 -30.37 15.67
C GLN E 447 76.10 -30.26 17.21
N GLU E 448 75.73 -29.11 17.76
CA GLU E 448 75.75 -28.91 19.22
C GLU E 448 74.44 -29.28 19.91
N LEU E 449 73.43 -29.61 19.10
CA LEU E 449 72.13 -29.97 19.67
C LEU E 449 71.81 -31.45 19.49
N LEU E 450 72.38 -32.07 18.45
CA LEU E 450 72.15 -33.49 18.15
C LEU E 450 73.20 -34.38 18.74
N SER E 451 74.33 -33.79 19.09
CA SER E 451 75.40 -34.60 19.62
C SER E 451 75.77 -34.26 21.06
N ILE E 452 75.13 -33.24 21.64
CA ILE E 452 75.40 -32.88 23.03
C ILE E 452 74.48 -33.67 23.96
#